data_6QK6
#
_entry.id   6QK6
#
loop_
_entity.id
_entity.type
_entity.pdbx_description
1 polymer Cadmium-metallothionein
2 non-polymer 'CADMIUM ION'
#
_entity_poly.entity_id   1
_entity_poly.type   'polypeptide(L)'
_entity_poly.pdbx_seq_one_letter_code
;GSGKGKGEKCTSACRSEPCQCGSKCQCGEGCTCAACKTCNCTSDGCKCGKECTGPDSCKCGSSCSCK
;
_entity_poly.pdbx_strand_id   A
#
loop_
_chem_comp.id
_chem_comp.type
_chem_comp.name
_chem_comp.formula
CD non-polymer 'CADMIUM ION' 'Cd 2'
#
# COMPACT_ATOMS: atom_id res chain seq x y z
N GLY A 1 -14.50 -2.57 14.10
CA GLY A 1 -13.50 -3.64 14.35
C GLY A 1 -12.58 -3.86 13.16
N SER A 2 -12.99 -3.34 12.02
CA SER A 2 -12.21 -3.46 10.81
C SER A 2 -11.17 -2.35 10.71
N GLY A 3 -10.06 -2.63 10.07
CA GLY A 3 -9.00 -1.65 9.93
C GLY A 3 -7.68 -2.19 10.42
N LYS A 4 -7.75 -3.25 11.20
CA LYS A 4 -6.56 -3.89 11.74
C LYS A 4 -6.35 -5.24 11.10
N GLY A 5 -5.22 -5.40 10.44
CA GLY A 5 -4.93 -6.63 9.77
C GLY A 5 -4.39 -6.40 8.38
N LYS A 6 -4.38 -7.42 7.57
CA LYS A 6 -3.88 -7.31 6.21
C LYS A 6 -4.92 -7.80 5.22
N GLY A 7 -4.66 -7.58 3.94
CA GLY A 7 -5.61 -7.95 2.93
C GLY A 7 -5.32 -9.30 2.32
N GLU A 8 -6.13 -9.68 1.35
CA GLU A 8 -5.99 -10.96 0.69
C GLU A 8 -4.84 -10.95 -0.29
N LYS A 9 -4.51 -9.77 -0.78
CA LYS A 9 -3.45 -9.62 -1.75
C LYS A 9 -2.11 -9.35 -1.09
N CYS A 10 -2.07 -9.41 0.23
CA CYS A 10 -0.82 -9.22 0.95
C CYS A 10 0.11 -10.38 0.71
N THR A 11 1.37 -10.15 0.89
CA THR A 11 2.38 -11.16 0.68
C THR A 11 2.67 -11.88 1.98
N SER A 12 3.39 -12.97 1.89
CA SER A 12 3.82 -13.68 3.08
C SER A 12 4.93 -12.88 3.77
N ALA A 13 5.44 -11.89 3.04
CA ALA A 13 6.49 -11.02 3.54
C ALA A 13 5.89 -9.92 4.41
N CYS A 14 4.77 -9.37 3.97
CA CYS A 14 4.07 -8.32 4.71
C CYS A 14 3.42 -8.90 5.97
N ARG A 15 3.17 -10.18 5.93
CA ARG A 15 2.56 -10.86 7.07
C ARG A 15 3.61 -11.28 8.09
N SER A 16 4.85 -10.88 7.85
CA SER A 16 5.95 -11.15 8.74
C SER A 16 6.39 -9.85 9.41
N GLU A 17 7.03 -9.93 10.56
CA GLU A 17 7.53 -8.74 11.23
C GLU A 17 9.02 -8.89 11.53
N PRO A 18 9.85 -7.92 11.11
CA PRO A 18 9.39 -6.73 10.38
C PRO A 18 8.90 -7.08 8.99
N CYS A 19 8.30 -6.11 8.32
CA CYS A 19 7.79 -6.29 6.99
C CYS A 19 8.91 -6.69 6.05
N GLN A 20 8.83 -7.88 5.51
CA GLN A 20 9.87 -8.42 4.66
C GLN A 20 9.70 -7.98 3.21
N CYS A 21 8.77 -7.06 2.98
CA CYS A 21 8.50 -6.57 1.66
C CYS A 21 9.53 -5.54 1.21
N GLY A 22 10.57 -5.37 2.03
CA GLY A 22 11.64 -4.44 1.70
C GLY A 22 12.39 -4.90 0.45
N SER A 23 12.28 -6.18 0.14
CA SER A 23 12.90 -6.74 -1.04
C SER A 23 12.01 -7.80 -1.66
N LYS A 24 10.71 -7.69 -1.38
CA LYS A 24 9.74 -8.65 -1.88
C LYS A 24 8.32 -8.15 -1.59
N CYS A 25 7.82 -7.28 -2.43
CA CYS A 25 6.49 -6.74 -2.24
C CYS A 25 5.61 -7.01 -3.45
N GLN A 26 4.36 -7.38 -3.18
CA GLN A 26 3.39 -7.71 -4.21
C GLN A 26 1.97 -7.46 -3.69
N CYS A 27 1.87 -6.63 -2.67
CA CYS A 27 0.59 -6.35 -2.03
C CYS A 27 -0.37 -5.59 -2.92
N GLY A 28 -1.64 -5.89 -2.76
CA GLY A 28 -2.67 -5.26 -3.55
C GLY A 28 -3.23 -4.00 -2.92
N GLU A 29 -4.51 -3.77 -3.13
CA GLU A 29 -5.18 -2.57 -2.66
C GLU A 29 -5.46 -2.65 -1.15
N GLY A 30 -5.84 -3.84 -0.68
CA GLY A 30 -6.15 -4.02 0.73
C GLY A 30 -4.92 -4.08 1.61
N CYS A 31 -4.15 -3.02 1.60
CA CYS A 31 -2.95 -2.93 2.40
C CYS A 31 -2.64 -1.48 2.70
N THR A 32 -2.78 -1.11 3.96
CA THR A 32 -2.50 0.23 4.41
C THR A 32 -1.15 0.26 5.15
N CYS A 33 -0.38 -0.79 4.95
CA CYS A 33 0.91 -0.91 5.60
C CYS A 33 1.90 0.03 4.95
N ALA A 34 2.24 1.11 5.65
CA ALA A 34 3.16 2.10 5.11
C ALA A 34 4.58 1.56 5.00
N ALA A 35 4.82 0.39 5.57
CA ALA A 35 6.12 -0.25 5.50
C ALA A 35 6.46 -0.61 4.06
N CYS A 36 5.46 -1.01 3.31
CA CYS A 36 5.66 -1.38 1.92
C CYS A 36 4.89 -0.45 0.97
N LYS A 37 3.94 0.31 1.52
CA LYS A 37 3.17 1.26 0.71
C LYS A 37 3.80 2.63 0.71
N THR A 38 3.93 3.20 -0.46
CA THR A 38 4.45 4.54 -0.62
C THR A 38 3.58 5.30 -1.63
N CYS A 39 3.54 6.61 -1.52
CA CYS A 39 2.72 7.42 -2.42
C CYS A 39 3.38 8.76 -2.67
N ASN A 40 3.06 9.36 -3.80
CA ASN A 40 3.62 10.66 -4.17
C ASN A 40 2.56 11.74 -4.18
N CYS A 41 1.29 11.34 -4.18
CA CYS A 41 0.22 12.30 -4.12
C CYS A 41 0.22 12.98 -2.75
N THR A 42 -0.01 14.26 -2.77
CA THR A 42 0.13 15.06 -1.58
C THR A 42 -1.20 15.30 -0.88
N SER A 43 -1.13 15.87 0.31
CA SER A 43 -2.31 16.09 1.14
C SER A 43 -3.21 17.19 0.60
N ASP A 44 -2.70 18.03 -0.31
CA ASP A 44 -3.51 19.10 -0.89
C ASP A 44 -4.46 18.55 -1.94
N GLY A 45 -4.13 17.38 -2.48
CA GLY A 45 -4.97 16.79 -3.47
C GLY A 45 -4.29 15.65 -4.18
N CYS A 46 -5.09 14.76 -4.73
CA CYS A 46 -4.59 13.61 -5.45
C CYS A 46 -3.95 14.07 -6.76
N LYS A 47 -2.90 13.38 -7.18
CA LYS A 47 -2.19 13.76 -8.39
C LYS A 47 -2.38 12.72 -9.50
N CYS A 48 -2.43 11.46 -9.12
CA CYS A 48 -2.56 10.38 -10.09
C CYS A 48 -4.00 10.27 -10.61
N GLY A 49 -4.96 10.46 -9.72
CA GLY A 49 -6.36 10.38 -10.12
C GLY A 49 -7.12 9.23 -9.48
N LYS A 50 -6.46 8.51 -8.57
CA LYS A 50 -7.12 7.40 -7.87
C LYS A 50 -7.77 7.89 -6.58
N GLU A 51 -7.69 9.21 -6.37
CA GLU A 51 -8.23 9.86 -5.18
C GLU A 51 -7.52 9.39 -3.93
N CYS A 52 -6.24 9.64 -3.88
CA CYS A 52 -5.43 9.29 -2.75
C CYS A 52 -4.50 10.42 -2.40
N THR A 53 -4.25 10.59 -1.12
CA THR A 53 -3.35 11.60 -0.64
C THR A 53 -2.38 10.98 0.37
N GLY A 54 -1.48 10.16 -0.13
CA GLY A 54 -0.54 9.49 0.74
C GLY A 54 -0.92 8.03 0.97
N PRO A 55 0.02 7.21 1.49
CA PRO A 55 -0.21 5.77 1.76
C PRO A 55 -1.34 5.50 2.76
N ASP A 56 -1.78 6.55 3.43
CA ASP A 56 -2.86 6.44 4.43
C ASP A 56 -4.19 6.14 3.78
N SER A 57 -4.32 6.50 2.51
CA SER A 57 -5.56 6.28 1.79
C SER A 57 -5.25 5.94 0.32
N CYS A 58 -4.12 5.33 0.09
CA CYS A 58 -3.72 4.96 -1.26
C CYS A 58 -4.31 3.61 -1.63
N LYS A 59 -5.28 3.63 -2.54
CA LYS A 59 -5.94 2.39 -2.97
C LYS A 59 -5.00 1.63 -3.87
N CYS A 60 -4.09 2.36 -4.47
CA CYS A 60 -3.16 1.82 -5.42
C CYS A 60 -2.21 0.81 -4.77
N GLY A 61 -2.17 -0.38 -5.32
CA GLY A 61 -1.30 -1.42 -4.81
C GLY A 61 -0.04 -1.48 -5.60
N SER A 62 0.66 -0.34 -5.67
CA SER A 62 1.91 -0.21 -6.42
C SER A 62 1.66 -0.32 -7.94
N SER A 63 2.71 -0.13 -8.74
CA SER A 63 2.63 -0.22 -10.21
C SER A 63 1.74 0.90 -10.78
N CYS A 64 1.54 1.95 -10.01
CA CYS A 64 0.70 3.07 -10.45
C CYS A 64 1.57 4.30 -10.76
N SER A 65 0.95 5.35 -11.29
CA SER A 65 1.64 6.58 -11.68
C SER A 65 2.30 7.25 -10.47
N CYS A 66 1.62 7.21 -9.33
CA CYS A 66 2.12 7.86 -8.12
C CYS A 66 3.10 6.94 -7.37
N LYS A 67 3.61 5.92 -8.06
CA LYS A 67 4.53 4.97 -7.47
C LYS A 67 5.90 5.06 -8.15
CD CD B . 0.39 -5.95 2.70
CD CD C . 3.54 -4.43 4.76
CD CD D . 4.05 -5.42 0.98
CD CD E . -1.26 7.03 -4.26
CD CD F . -2.01 6.08 -7.77
CD CD G . -3.41 9.64 -6.48
N GLY A 1 -2.90 -8.76 8.63
CA GLY A 1 -3.35 -10.07 8.06
C GLY A 1 -4.81 -10.34 8.33
N SER A 2 -5.10 -10.94 9.46
CA SER A 2 -6.46 -11.25 9.84
C SER A 2 -7.22 -9.95 10.08
N GLY A 3 -8.29 -9.75 9.33
CA GLY A 3 -9.07 -8.56 9.49
C GLY A 3 -9.77 -8.14 8.23
N LYS A 4 -9.06 -7.46 7.35
CA LYS A 4 -9.65 -6.97 6.11
C LYS A 4 -8.58 -6.74 5.04
N GLY A 5 -8.83 -7.27 3.84
CA GLY A 5 -7.96 -7.02 2.70
C GLY A 5 -6.69 -7.85 2.66
N LYS A 6 -5.95 -7.87 3.76
CA LYS A 6 -4.68 -8.55 3.83
C LYS A 6 -4.82 -10.07 3.91
N GLY A 7 -5.21 -10.67 2.81
CA GLY A 7 -5.37 -12.10 2.77
C GLY A 7 -4.37 -12.77 1.87
N GLU A 8 -4.82 -13.16 0.68
CA GLU A 8 -3.99 -13.87 -0.28
C GLU A 8 -3.12 -12.90 -1.07
N LYS A 9 -3.50 -11.64 -1.06
CA LYS A 9 -2.77 -10.63 -1.81
C LYS A 9 -1.44 -10.30 -1.17
N CYS A 10 -1.35 -10.50 0.12
CA CYS A 10 -0.12 -10.21 0.82
C CYS A 10 0.93 -11.28 0.59
N THR A 11 2.15 -10.87 0.71
CA THR A 11 3.27 -11.73 0.48
C THR A 11 3.69 -12.42 1.77
N SER A 12 4.65 -13.33 1.67
CA SER A 12 5.16 -13.99 2.85
C SER A 12 5.97 -12.98 3.66
N ALA A 13 6.52 -12.00 2.95
CA ALA A 13 7.33 -10.95 3.56
C ALA A 13 6.47 -10.04 4.42
N CYS A 14 5.28 -9.70 3.95
CA CYS A 14 4.37 -8.84 4.69
C CYS A 14 3.82 -9.57 5.91
N ARG A 15 3.76 -10.90 5.81
CA ARG A 15 3.28 -11.71 6.91
C ARG A 15 4.41 -11.94 7.92
N SER A 16 5.60 -11.52 7.55
CA SER A 16 6.75 -11.63 8.40
C SER A 16 6.90 -10.35 9.21
N GLU A 17 7.56 -10.45 10.35
CA GLU A 17 7.73 -9.30 11.21
C GLU A 17 9.18 -9.15 11.65
N PRO A 18 9.77 -7.95 11.42
CA PRO A 18 9.09 -6.83 10.77
C PRO A 18 8.82 -7.10 9.29
N CYS A 19 8.01 -6.25 8.67
CA CYS A 19 7.66 -6.40 7.26
C CYS A 19 8.92 -6.51 6.40
N GLN A 20 8.98 -7.52 5.58
CA GLN A 20 10.18 -7.80 4.78
C GLN A 20 9.98 -7.49 3.30
N CYS A 21 8.98 -6.67 2.99
CA CYS A 21 8.67 -6.35 1.61
C CYS A 21 9.57 -5.24 1.05
N GLY A 22 10.59 -4.88 1.80
CA GLY A 22 11.53 -3.88 1.35
C GLY A 22 12.37 -4.40 0.20
N SER A 23 12.32 -3.68 -0.92
CA SER A 23 13.06 -4.05 -2.15
C SER A 23 12.44 -5.26 -2.84
N LYS A 24 11.34 -5.76 -2.29
CA LYS A 24 10.63 -6.87 -2.87
C LYS A 24 9.22 -6.96 -2.29
N CYS A 25 8.35 -6.14 -2.80
CA CYS A 25 6.97 -6.15 -2.37
C CYS A 25 6.10 -6.64 -3.51
N GLN A 26 5.16 -7.48 -3.20
CA GLN A 26 4.29 -8.06 -4.21
C GLN A 26 2.85 -8.08 -3.74
N CYS A 27 2.54 -7.28 -2.74
CA CYS A 27 1.19 -7.19 -2.21
C CYS A 27 0.27 -6.57 -3.24
N GLY A 28 -0.99 -6.92 -3.17
CA GLY A 28 -1.95 -6.39 -4.11
C GLY A 28 -2.46 -5.03 -3.72
N GLU A 29 -3.72 -4.79 -4.01
CA GLU A 29 -4.36 -3.52 -3.70
C GLU A 29 -5.02 -3.55 -2.33
N GLY A 30 -5.25 -4.76 -1.83
CA GLY A 30 -5.85 -4.90 -0.53
C GLY A 30 -4.82 -5.07 0.56
N CYS A 31 -4.14 -3.99 0.90
CA CYS A 31 -3.16 -4.01 1.96
C CYS A 31 -3.17 -2.69 2.69
N THR A 32 -3.45 -2.74 3.97
CA THR A 32 -3.51 -1.56 4.79
C THR A 32 -2.23 -1.42 5.65
N CYS A 33 -1.20 -2.19 5.30
CA CYS A 33 0.06 -2.15 6.05
C CYS A 33 0.84 -0.89 5.66
N ALA A 34 1.10 -0.04 6.64
CA ALA A 34 1.79 1.22 6.39
C ALA A 34 3.26 1.02 6.05
N ALA A 35 3.77 -0.18 6.32
CA ALA A 35 5.16 -0.50 6.06
C ALA A 35 5.47 -0.55 4.56
N CYS A 36 4.70 -1.32 3.81
CA CYS A 36 4.95 -1.48 2.39
C CYS A 36 4.04 -0.58 1.53
N LYS A 37 2.94 -0.08 2.11
CA LYS A 37 2.04 0.79 1.37
C LYS A 37 2.47 2.24 1.46
N THR A 38 2.83 2.81 0.33
CA THR A 38 3.25 4.20 0.26
C THR A 38 2.39 4.94 -0.79
N CYS A 39 2.69 6.20 -1.02
CA CYS A 39 1.99 7.01 -2.01
C CYS A 39 2.84 8.20 -2.40
N ASN A 40 2.84 8.54 -3.68
CA ASN A 40 3.63 9.66 -4.18
C ASN A 40 2.84 10.97 -4.14
N CYS A 41 1.53 10.85 -4.05
CA CYS A 41 0.68 12.02 -4.00
C CYS A 41 0.83 12.75 -2.67
N THR A 42 0.55 14.03 -2.70
CA THR A 42 0.73 14.90 -1.55
C THR A 42 -0.54 15.68 -1.27
N SER A 43 -0.44 16.66 -0.38
CA SER A 43 -1.55 17.52 -0.03
C SER A 43 -1.81 18.56 -1.12
N ASP A 44 -1.11 18.42 -2.26
CA ASP A 44 -1.34 19.28 -3.41
C ASP A 44 -2.74 19.06 -3.92
N GLY A 45 -3.19 17.83 -3.80
CA GLY A 45 -4.51 17.48 -4.23
C GLY A 45 -4.49 16.36 -5.24
N CYS A 46 -3.80 15.27 -4.88
CA CYS A 46 -3.68 14.09 -5.74
C CYS A 46 -2.77 14.38 -6.94
N LYS A 47 -2.13 13.34 -7.42
CA LYS A 47 -1.21 13.48 -8.53
C LYS A 47 -1.61 12.57 -9.68
N CYS A 48 -1.85 11.31 -9.37
CA CYS A 48 -2.19 10.33 -10.40
C CYS A 48 -3.64 10.55 -10.87
N GLY A 49 -4.52 10.95 -9.96
CA GLY A 49 -5.89 11.20 -10.31
C GLY A 49 -6.86 10.22 -9.65
N LYS A 50 -6.41 9.56 -8.59
CA LYS A 50 -7.24 8.60 -7.89
C LYS A 50 -7.82 9.20 -6.59
N GLU A 51 -7.65 10.50 -6.43
CA GLU A 51 -8.19 11.26 -5.29
C GLU A 51 -7.50 10.85 -3.97
N CYS A 52 -6.23 10.53 -4.04
CA CYS A 52 -5.45 10.18 -2.87
C CYS A 52 -4.42 11.26 -2.57
N THR A 53 -4.11 11.46 -1.30
CA THR A 53 -3.18 12.49 -0.89
C THR A 53 -2.20 11.97 0.17
N GLY A 54 -1.78 10.74 0.01
CA GLY A 54 -0.87 10.14 0.96
C GLY A 54 -1.14 8.67 1.16
N PRO A 55 -0.14 7.90 1.62
CA PRO A 55 -0.24 6.44 1.83
C PRO A 55 -1.52 5.97 2.52
N ASP A 56 -1.80 6.50 3.70
CA ASP A 56 -2.98 6.07 4.44
C ASP A 56 -4.26 6.48 3.73
N SER A 57 -4.23 7.63 3.11
CA SER A 57 -5.39 8.16 2.41
C SER A 57 -5.42 7.68 0.97
N CYS A 58 -4.55 6.74 0.65
CA CYS A 58 -4.47 6.20 -0.68
C CYS A 58 -5.39 5.00 -0.84
N LYS A 59 -6.14 4.99 -1.94
CA LYS A 59 -7.07 3.90 -2.23
C LYS A 59 -6.44 2.97 -3.25
N CYS A 60 -5.28 3.35 -3.73
CA CYS A 60 -4.60 2.63 -4.78
C CYS A 60 -3.72 1.53 -4.24
N GLY A 61 -3.52 0.50 -5.04
CA GLY A 61 -2.66 -0.58 -4.66
C GLY A 61 -1.21 -0.24 -4.92
N SER A 62 -0.34 -1.22 -4.90
CA SER A 62 1.07 -0.98 -5.11
C SER A 62 1.38 -0.87 -6.60
N SER A 63 0.46 -1.35 -7.43
CA SER A 63 0.64 -1.32 -8.86
C SER A 63 -0.12 -0.13 -9.46
N CYS A 64 0.35 1.07 -9.17
CA CYS A 64 -0.24 2.27 -9.69
C CYS A 64 0.84 3.26 -10.10
N SER A 65 0.45 4.28 -10.84
CA SER A 65 1.38 5.29 -11.30
C SER A 65 1.89 6.15 -10.15
N CYS A 66 1.10 6.25 -9.09
CA CYS A 66 1.49 7.03 -7.92
C CYS A 66 2.37 6.18 -6.99
N LYS A 67 2.74 4.99 -7.44
CA LYS A 67 3.57 4.10 -6.65
C LYS A 67 4.87 3.80 -7.38
CD CD B . 0.45 -6.83 2.61
CD CD C . 3.28 -5.02 4.82
CD CD D . 3.99 -5.78 1.06
CD CD E . -1.89 7.11 -4.00
CD CD F . -2.57 6.05 -7.45
CD CD G . -3.21 10.01 -6.62
N GLY A 1 -9.30 -13.47 15.79
CA GLY A 1 -9.29 -14.96 15.78
C GLY A 1 -9.35 -15.51 14.37
N SER A 2 -8.90 -14.73 13.41
CA SER A 2 -8.90 -15.13 12.02
C SER A 2 -7.80 -14.38 11.27
N GLY A 3 -7.44 -14.89 10.10
CA GLY A 3 -6.42 -14.24 9.31
C GLY A 3 -6.98 -13.12 8.46
N LYS A 4 -7.53 -12.12 9.12
CA LYS A 4 -8.11 -10.98 8.43
C LYS A 4 -7.39 -9.69 8.83
N GLY A 5 -7.95 -8.56 8.45
CA GLY A 5 -7.33 -7.29 8.75
C GLY A 5 -6.35 -6.88 7.68
N LYS A 6 -5.54 -7.83 7.28
CA LYS A 6 -4.56 -7.66 6.25
C LYS A 6 -4.37 -8.98 5.53
N GLY A 7 -4.58 -9.00 4.23
CA GLY A 7 -4.42 -10.24 3.51
C GLY A 7 -4.88 -10.17 2.07
N GLU A 8 -5.29 -11.31 1.54
CA GLU A 8 -5.78 -11.45 0.15
C GLU A 8 -4.63 -11.31 -0.85
N LYS A 9 -4.07 -10.13 -0.95
CA LYS A 9 -2.99 -9.90 -1.88
C LYS A 9 -1.67 -9.74 -1.14
N CYS A 10 -1.70 -9.93 0.17
CA CYS A 10 -0.50 -9.82 0.98
C CYS A 10 0.52 -10.85 0.59
N THR A 11 1.77 -10.44 0.64
CA THR A 11 2.85 -11.30 0.29
C THR A 11 3.35 -12.06 1.52
N SER A 12 4.19 -13.05 1.29
CA SER A 12 4.80 -13.78 2.38
C SER A 12 5.85 -12.90 3.06
N ALA A 13 6.21 -11.82 2.38
CA ALA A 13 7.16 -10.86 2.91
C ALA A 13 6.46 -9.95 3.89
N CYS A 14 5.20 -9.65 3.60
CA CYS A 14 4.38 -8.80 4.47
C CYS A 14 3.92 -9.63 5.68
N ARG A 15 4.03 -10.95 5.57
CA ARG A 15 3.69 -11.84 6.67
C ARG A 15 4.88 -12.02 7.58
N SER A 16 5.95 -11.29 7.31
CA SER A 16 7.15 -11.35 8.09
C SER A 16 7.38 -10.03 8.80
N GLU A 17 8.07 -10.09 9.91
CA GLU A 17 8.34 -8.91 10.71
C GLU A 17 9.82 -8.82 11.06
N PRO A 18 10.46 -7.66 10.79
CA PRO A 18 9.81 -6.52 10.12
C PRO A 18 9.41 -6.85 8.69
N CYS A 19 8.54 -6.02 8.13
CA CYS A 19 8.04 -6.20 6.78
C CYS A 19 9.18 -6.36 5.78
N GLN A 20 9.11 -7.41 5.00
CA GLN A 20 10.14 -7.69 4.01
C GLN A 20 9.70 -7.22 2.62
N CYS A 21 8.78 -6.28 2.61
CA CYS A 21 8.25 -5.73 1.36
C CYS A 21 8.95 -4.43 0.97
N GLY A 22 10.16 -4.23 1.49
CA GLY A 22 10.92 -3.02 1.21
C GLY A 22 11.10 -2.76 -0.27
N SER A 23 11.38 -3.80 -1.03
CA SER A 23 11.56 -3.67 -2.46
C SER A 23 11.00 -4.90 -3.19
N LYS A 24 10.42 -5.83 -2.44
CA LYS A 24 9.86 -7.05 -3.04
C LYS A 24 8.34 -7.10 -2.86
N CYS A 25 7.73 -5.94 -2.64
CA CYS A 25 6.30 -5.89 -2.38
C CYS A 25 5.49 -6.34 -3.59
N GLN A 26 4.39 -7.00 -3.31
CA GLN A 26 3.48 -7.51 -4.33
C GLN A 26 2.04 -7.46 -3.79
N CYS A 27 1.85 -6.71 -2.71
CA CYS A 27 0.55 -6.62 -2.05
C CYS A 27 -0.48 -5.89 -2.90
N GLY A 28 -1.71 -5.92 -2.44
CA GLY A 28 -2.80 -5.29 -3.16
C GLY A 28 -3.41 -4.16 -2.35
N GLU A 29 -4.70 -3.89 -2.57
CA GLU A 29 -5.37 -2.82 -1.84
C GLU A 29 -5.86 -3.33 -0.49
N GLY A 30 -5.94 -4.65 -0.35
CA GLY A 30 -6.37 -5.25 0.90
C GLY A 30 -5.24 -5.33 1.92
N CYS A 31 -4.47 -4.26 1.99
CA CYS A 31 -3.35 -4.19 2.89
C CYS A 31 -3.44 -2.93 3.75
N THR A 32 -3.37 -3.12 5.04
CA THR A 32 -3.44 -2.01 5.97
C THR A 32 -2.03 -1.66 6.49
N CYS A 33 -1.04 -2.36 5.96
CA CYS A 33 0.32 -2.17 6.37
C CYS A 33 0.94 -0.97 5.66
N ALA A 34 1.30 0.04 6.43
CA ALA A 34 1.89 1.25 5.88
C ALA A 34 3.39 1.09 5.64
N ALA A 35 3.91 -0.09 5.98
CA ALA A 35 5.33 -0.37 5.80
C ALA A 35 5.65 -0.52 4.32
N CYS A 36 4.79 -1.21 3.61
CA CYS A 36 4.98 -1.42 2.19
C CYS A 36 4.11 -0.49 1.38
N LYS A 37 2.89 -0.29 1.84
CA LYS A 37 1.93 0.57 1.16
C LYS A 37 2.30 2.03 1.30
N THR A 38 2.93 2.58 0.29
CA THR A 38 3.32 3.98 0.29
C THR A 38 2.54 4.75 -0.78
N CYS A 39 2.83 6.03 -0.90
CA CYS A 39 2.17 6.91 -1.87
C CYS A 39 2.98 8.18 -2.04
N ASN A 40 3.16 8.62 -3.27
CA ASN A 40 3.91 9.84 -3.55
C ASN A 40 3.02 11.06 -3.62
N CYS A 41 1.72 10.83 -3.76
CA CYS A 41 0.77 11.92 -3.80
C CYS A 41 0.65 12.61 -2.45
N THR A 42 0.40 13.88 -2.48
CA THR A 42 0.36 14.69 -1.29
C THR A 42 -0.98 15.40 -1.15
N SER A 43 -1.13 16.17 -0.07
CA SER A 43 -2.35 16.91 0.23
C SER A 43 -2.60 18.02 -0.80
N ASP A 44 -1.65 18.22 -1.71
CA ASP A 44 -1.79 19.22 -2.77
C ASP A 44 -3.02 18.93 -3.61
N GLY A 45 -3.30 17.64 -3.81
CA GLY A 45 -4.49 17.27 -4.56
C GLY A 45 -4.24 16.13 -5.52
N CYS A 46 -3.62 15.05 -5.03
CA CYS A 46 -3.33 13.86 -5.85
C CYS A 46 -2.28 14.18 -6.94
N LYS A 47 -1.74 13.15 -7.55
CA LYS A 47 -0.74 13.31 -8.61
C LYS A 47 -0.97 12.32 -9.74
N CYS A 48 -1.19 11.06 -9.38
CA CYS A 48 -1.38 10.00 -10.36
C CYS A 48 -2.76 10.09 -11.03
N GLY A 49 -3.75 10.51 -10.27
CA GLY A 49 -5.09 10.64 -10.81
C GLY A 49 -6.09 9.71 -10.16
N LYS A 50 -5.79 9.24 -8.96
CA LYS A 50 -6.70 8.36 -8.23
C LYS A 50 -7.37 9.10 -7.08
N GLU A 51 -7.12 10.41 -7.02
CA GLU A 51 -7.66 11.31 -5.99
C GLU A 51 -7.18 10.91 -4.60
N CYS A 52 -6.02 10.29 -4.53
CA CYS A 52 -5.45 9.87 -3.27
C CYS A 52 -4.45 10.91 -2.78
N THR A 53 -4.30 11.00 -1.48
CA THR A 53 -3.36 11.92 -0.90
C THR A 53 -2.61 11.26 0.25
N GLY A 54 -1.59 10.48 -0.10
CA GLY A 54 -0.82 9.80 0.91
C GLY A 54 -1.41 8.44 1.24
N PRO A 55 -0.62 7.53 1.83
CA PRO A 55 -1.07 6.16 2.17
C PRO A 55 -2.27 6.16 3.13
N ASP A 56 -2.44 7.27 3.85
CA ASP A 56 -3.56 7.42 4.78
C ASP A 56 -4.89 7.38 4.04
N SER A 57 -4.87 7.84 2.80
CA SER A 57 -6.05 7.83 1.97
C SER A 57 -5.68 7.42 0.56
N CYS A 58 -5.20 6.19 0.42
CA CYS A 58 -4.80 5.67 -0.86
C CYS A 58 -5.38 4.27 -1.06
N LYS A 59 -5.96 4.05 -2.22
CA LYS A 59 -6.54 2.74 -2.57
C LYS A 59 -5.70 2.08 -3.65
N CYS A 60 -4.70 2.80 -4.12
CA CYS A 60 -3.86 2.35 -5.20
C CYS A 60 -2.89 1.27 -4.73
N GLY A 61 -2.72 0.25 -5.56
CA GLY A 61 -1.81 -0.84 -5.23
C GLY A 61 -0.36 -0.43 -5.38
N SER A 62 0.53 -1.28 -4.91
CA SER A 62 1.97 -1.03 -4.93
C SER A 62 2.53 -0.95 -6.36
N SER A 63 1.75 -1.37 -7.34
CA SER A 63 2.18 -1.33 -8.73
C SER A 63 1.55 -0.14 -9.48
N CYS A 64 1.05 0.83 -8.73
CA CYS A 64 0.43 2.00 -9.35
C CYS A 64 1.46 3.04 -9.76
N SER A 65 1.02 4.07 -10.47
CA SER A 65 1.88 5.12 -10.98
C SER A 65 2.37 6.06 -9.86
N CYS A 66 1.67 6.08 -8.74
CA CYS A 66 2.05 6.94 -7.63
C CYS A 66 3.01 6.22 -6.67
N LYS A 67 3.53 5.07 -7.11
CA LYS A 67 4.45 4.30 -6.29
C LYS A 67 5.86 4.36 -6.85
CD CD B . 0.45 -6.63 2.81
CD CD C . 3.65 -4.75 4.64
CD CD D . 3.68 -5.44 0.78
CD CD E . -1.57 7.00 -3.94
CD CD F . -2.09 5.81 -7.36
CD CD G . -2.79 9.80 -6.71
N GLY A 1 -9.23 -2.85 12.14
CA GLY A 1 -10.30 -2.00 11.52
C GLY A 1 -10.13 -1.90 10.01
N SER A 2 -9.99 -3.04 9.36
CA SER A 2 -9.83 -3.06 7.92
C SER A 2 -10.74 -4.12 7.32
N GLY A 3 -11.22 -3.86 6.11
CA GLY A 3 -12.04 -4.82 5.42
C GLY A 3 -11.19 -5.92 4.84
N LYS A 4 -10.00 -5.54 4.41
CA LYS A 4 -9.03 -6.48 3.86
C LYS A 4 -7.96 -6.80 4.90
N GLY A 5 -6.86 -7.38 4.45
CA GLY A 5 -5.80 -7.73 5.35
C GLY A 5 -4.64 -8.31 4.59
N LYS A 6 -3.53 -8.55 5.27
CA LYS A 6 -2.36 -9.11 4.62
C LYS A 6 -2.57 -10.57 4.25
N GLY A 7 -2.64 -10.84 2.95
CA GLY A 7 -2.86 -12.19 2.50
C GLY A 7 -2.79 -12.33 0.99
N GLU A 8 -3.96 -12.30 0.36
CA GLU A 8 -4.10 -12.53 -1.09
C GLU A 8 -3.09 -11.76 -1.95
N LYS A 9 -2.99 -10.48 -1.74
CA LYS A 9 -2.12 -9.64 -2.55
C LYS A 9 -0.78 -9.43 -1.88
N CYS A 10 -0.65 -9.90 -0.67
CA CYS A 10 0.57 -9.71 0.08
C CYS A 10 1.57 -10.79 -0.19
N THR A 11 2.81 -10.48 0.06
CA THR A 11 3.88 -11.41 -0.14
C THR A 11 4.21 -12.11 1.18
N SER A 12 5.12 -13.06 1.16
CA SER A 12 5.50 -13.77 2.38
C SER A 12 6.29 -12.85 3.32
N ALA A 13 6.81 -11.76 2.78
CA ALA A 13 7.58 -10.81 3.54
C ALA A 13 6.67 -9.93 4.42
N CYS A 14 5.52 -9.54 3.87
CA CYS A 14 4.56 -8.73 4.62
C CYS A 14 3.82 -9.59 5.63
N ARG A 15 3.79 -10.90 5.37
CA ARG A 15 3.13 -11.84 6.26
C ARG A 15 4.00 -12.13 7.48
N SER A 16 5.16 -11.50 7.53
CA SER A 16 6.08 -11.66 8.63
C SER A 16 5.98 -10.44 9.55
N GLU A 17 6.41 -10.59 10.80
CA GLU A 17 6.39 -9.48 11.74
C GLU A 17 7.75 -9.33 12.42
N PRO A 18 8.37 -8.14 12.31
CA PRO A 18 7.81 -7.00 11.56
C PRO A 18 7.84 -7.23 10.05
N CYS A 19 7.34 -6.27 9.30
CA CYS A 19 7.29 -6.38 7.85
C CYS A 19 8.69 -6.50 7.27
N GLN A 20 8.88 -7.42 6.34
CA GLN A 20 10.19 -7.68 5.76
C GLN A 20 10.24 -7.33 4.27
N CYS A 21 9.31 -6.51 3.82
CA CYS A 21 9.23 -6.15 2.42
C CYS A 21 10.22 -5.06 2.04
N GLY A 22 11.47 -5.34 2.24
CA GLY A 22 12.52 -4.43 1.85
C GLY A 22 12.72 -4.44 0.35
N SER A 23 13.00 -5.60 -0.19
CA SER A 23 13.19 -5.77 -1.62
C SER A 23 12.27 -6.88 -2.15
N LYS A 24 11.42 -7.40 -1.28
CA LYS A 24 10.49 -8.47 -1.63
C LYS A 24 9.04 -8.00 -1.59
N CYS A 25 8.82 -6.74 -1.94
CA CYS A 25 7.47 -6.22 -1.91
C CYS A 25 6.79 -6.36 -3.26
N GLN A 26 5.75 -7.16 -3.28
CA GLN A 26 4.94 -7.38 -4.46
C GLN A 26 3.48 -7.22 -4.10
N CYS A 27 3.24 -6.61 -2.94
CA CYS A 27 1.90 -6.42 -2.43
C CYS A 27 1.06 -5.56 -3.34
N GLY A 28 -0.19 -5.93 -3.48
CA GLY A 28 -1.11 -5.19 -4.33
C GLY A 28 -2.21 -4.53 -3.54
N GLU A 29 -3.26 -4.10 -4.22
CA GLU A 29 -4.40 -3.48 -3.56
C GLU A 29 -5.10 -4.48 -2.66
N GLY A 30 -5.41 -4.04 -1.47
CA GLY A 30 -5.98 -4.92 -0.49
C GLY A 30 -5.06 -5.02 0.69
N CYS A 31 -3.87 -4.51 0.51
CA CYS A 31 -2.86 -4.48 1.54
C CYS A 31 -3.16 -3.32 2.47
N THR A 32 -3.30 -3.63 3.74
CA THR A 32 -3.64 -2.63 4.71
C THR A 32 -2.44 -2.28 5.59
N CYS A 33 -1.25 -2.73 5.17
CA CYS A 33 -0.04 -2.44 5.91
C CYS A 33 0.48 -1.07 5.53
N ALA A 34 0.99 -0.35 6.52
CA ALA A 34 1.51 0.99 6.30
C ALA A 34 3.03 0.97 6.19
N ALA A 35 3.60 -0.22 6.31
CA ALA A 35 5.04 -0.38 6.25
C ALA A 35 5.55 -0.32 4.82
N CYS A 36 4.96 -1.12 3.96
CA CYS A 36 5.41 -1.24 2.59
C CYS A 36 4.55 -0.41 1.60
N LYS A 37 3.35 -0.05 2.00
CA LYS A 37 2.47 0.73 1.13
C LYS A 37 2.92 2.19 1.08
N THR A 38 3.04 2.73 -0.11
CA THR A 38 3.46 4.10 -0.29
C THR A 38 2.54 4.82 -1.28
N CYS A 39 2.87 6.08 -1.59
CA CYS A 39 2.07 6.90 -2.51
C CYS A 39 2.91 8.08 -2.98
N ASN A 40 2.58 8.60 -4.17
CA ASN A 40 3.32 9.73 -4.71
C ASN A 40 2.47 10.99 -4.77
N CYS A 41 1.16 10.87 -4.58
CA CYS A 41 0.32 12.05 -4.55
C CYS A 41 0.47 12.70 -3.18
N THR A 42 0.73 13.99 -3.17
CA THR A 42 1.00 14.69 -1.93
C THR A 42 -0.20 15.51 -1.49
N SER A 43 -0.08 16.14 -0.32
CA SER A 43 -1.15 16.96 0.25
C SER A 43 -1.40 18.20 -0.61
N ASP A 44 -0.56 18.41 -1.62
CA ASP A 44 -0.72 19.52 -2.54
C ASP A 44 -1.91 19.25 -3.45
N GLY A 45 -2.19 17.97 -3.64
CA GLY A 45 -3.29 17.57 -4.48
C GLY A 45 -3.06 16.20 -5.10
N CYS A 46 -4.14 15.54 -5.44
CA CYS A 46 -4.06 14.23 -6.06
C CYS A 46 -3.62 14.37 -7.51
N LYS A 47 -2.74 13.50 -7.95
CA LYS A 47 -2.23 13.60 -9.30
C LYS A 47 -2.54 12.36 -10.13
N CYS A 48 -3.15 11.35 -9.52
CA CYS A 48 -3.48 10.15 -10.26
C CYS A 48 -4.96 10.13 -10.61
N GLY A 49 -5.79 10.65 -9.72
CA GLY A 49 -7.22 10.70 -9.97
C GLY A 49 -8.05 9.88 -8.99
N LYS A 50 -7.42 9.45 -7.90
CA LYS A 50 -8.12 8.67 -6.88
C LYS A 50 -8.53 9.55 -5.69
N GLU A 51 -8.14 10.84 -5.77
CA GLU A 51 -8.42 11.82 -4.71
C GLU A 51 -7.63 11.49 -3.44
N CYS A 52 -6.50 10.83 -3.62
CA CYS A 52 -5.65 10.48 -2.52
C CYS A 52 -4.51 11.48 -2.40
N THR A 53 -4.02 11.67 -1.21
CA THR A 53 -2.94 12.60 -0.97
C THR A 53 -1.99 12.04 0.09
N GLY A 54 -1.37 10.92 -0.21
CA GLY A 54 -0.47 10.28 0.72
C GLY A 54 -0.89 8.85 1.01
N PRO A 55 0.05 7.97 1.43
CA PRO A 55 -0.22 6.55 1.68
C PRO A 55 -1.40 6.32 2.63
N ASP A 56 -1.52 7.15 3.65
CA ASP A 56 -2.59 7.02 4.64
C ASP A 56 -3.97 7.18 4.00
N SER A 57 -4.06 8.09 3.05
CA SER A 57 -5.32 8.36 2.38
C SER A 57 -5.40 7.62 1.04
N CYS A 58 -4.38 6.84 0.75
CA CYS A 58 -4.31 6.13 -0.50
C CYS A 58 -4.91 4.73 -0.39
N LYS A 59 -5.73 4.38 -1.37
CA LYS A 59 -6.38 3.08 -1.42
C LYS A 59 -5.92 2.33 -2.67
N CYS A 60 -4.90 2.85 -3.32
CA CYS A 60 -4.39 2.26 -4.53
C CYS A 60 -3.41 1.12 -4.21
N GLY A 61 -3.24 0.23 -5.16
CA GLY A 61 -2.27 -0.81 -5.02
C GLY A 61 -0.93 -0.36 -5.52
N SER A 62 -0.01 -1.28 -5.72
CA SER A 62 1.31 -0.92 -6.18
C SER A 62 1.34 -0.67 -7.69
N SER A 63 0.32 -1.11 -8.38
CA SER A 63 0.25 -0.89 -9.81
C SER A 63 -0.66 0.30 -10.15
N CYS A 64 -0.16 1.50 -9.89
CA CYS A 64 -0.88 2.71 -10.21
C CYS A 64 0.08 3.82 -10.65
N SER A 65 -0.48 4.87 -11.24
CA SER A 65 0.29 6.00 -11.72
C SER A 65 1.01 6.74 -10.59
N CYS A 66 0.44 6.69 -9.39
CA CYS A 66 1.05 7.36 -8.24
C CYS A 66 1.95 6.38 -7.47
N LYS A 67 2.36 5.32 -8.13
CA LYS A 67 3.20 4.30 -7.51
C LYS A 67 4.48 4.11 -8.30
CD CD B . 0.92 -6.60 2.29
CD CD C . 3.59 -4.81 4.97
CD CD D . 4.70 -5.39 1.20
CD CD E . -1.98 7.34 -4.00
CD CD F . -3.09 6.15 -7.40
CD CD G . -3.82 10.09 -6.45
N GLY A 1 -2.40 -9.21 11.61
CA GLY A 1 -1.90 -9.09 13.02
C GLY A 1 -2.94 -8.49 13.96
N SER A 2 -3.03 -9.05 15.16
CA SER A 2 -3.97 -8.58 16.19
C SER A 2 -5.42 -8.67 15.71
N GLY A 3 -5.71 -9.65 14.86
CA GLY A 3 -7.06 -9.78 14.34
C GLY A 3 -7.20 -10.90 13.35
N LYS A 4 -7.61 -10.54 12.14
CA LYS A 4 -7.85 -11.53 11.09
C LYS A 4 -6.71 -11.56 10.08
N GLY A 5 -5.66 -10.83 10.38
CA GLY A 5 -4.51 -10.82 9.50
C GLY A 5 -4.33 -9.50 8.79
N LYS A 6 -3.17 -9.32 8.19
CA LYS A 6 -2.85 -8.09 7.48
C LYS A 6 -3.54 -8.07 6.11
N GLY A 7 -3.77 -9.24 5.57
CA GLY A 7 -4.41 -9.36 4.28
C GLY A 7 -4.04 -10.65 3.61
N GLU A 8 -4.57 -10.89 2.42
CA GLU A 8 -4.27 -12.10 1.70
C GLU A 8 -3.52 -11.81 0.42
N LYS A 9 -3.66 -10.60 -0.07
CA LYS A 9 -2.93 -10.17 -1.25
C LYS A 9 -1.53 -9.75 -0.88
N CYS A 10 -1.23 -9.88 0.39
CA CYS A 10 0.06 -9.56 0.91
C CYS A 10 1.04 -10.62 0.53
N THR A 11 2.27 -10.22 0.37
CA THR A 11 3.33 -11.10 0.01
C THR A 11 3.75 -11.90 1.22
N SER A 12 4.47 -12.98 1.02
CA SER A 12 4.96 -13.77 2.13
C SER A 12 5.91 -12.92 2.97
N ALA A 13 6.49 -11.92 2.33
CA ALA A 13 7.38 -10.98 2.98
C ALA A 13 6.60 -10.10 3.96
N CYS A 14 5.46 -9.59 3.50
CA CYS A 14 4.62 -8.74 4.35
C CYS A 14 3.96 -9.55 5.45
N ARG A 15 3.70 -10.82 5.17
CA ARG A 15 3.06 -11.70 6.15
C ARG A 15 4.01 -12.03 7.30
N SER A 16 5.27 -11.63 7.15
CA SER A 16 6.26 -11.85 8.19
C SER A 16 6.31 -10.63 9.11
N GLU A 17 6.95 -10.78 10.25
CA GLU A 17 7.05 -9.68 11.22
C GLU A 17 8.50 -9.51 11.70
N PRO A 18 9.09 -8.31 11.47
CA PRO A 18 8.43 -7.19 10.81
C PRO A 18 8.29 -7.41 9.30
N CYS A 19 7.76 -6.42 8.60
CA CYS A 19 7.55 -6.53 7.18
C CYS A 19 8.85 -6.74 6.44
N GLN A 20 8.82 -7.61 5.45
CA GLN A 20 9.99 -7.91 4.68
C GLN A 20 9.88 -7.38 3.25
N CYS A 21 8.88 -6.53 3.00
CA CYS A 21 8.68 -5.93 1.69
C CYS A 21 9.57 -4.70 1.50
N GLY A 22 10.70 -4.70 2.21
CA GLY A 22 11.63 -3.58 2.15
C GLY A 22 12.11 -3.29 0.75
N SER A 23 12.51 -4.32 0.03
CA SER A 23 12.99 -4.16 -1.33
C SER A 23 12.27 -5.13 -2.26
N LYS A 24 11.08 -5.53 -1.86
CA LYS A 24 10.29 -6.46 -2.64
C LYS A 24 8.84 -6.47 -2.16
N CYS A 25 8.00 -5.71 -2.83
CA CYS A 25 6.59 -5.66 -2.49
C CYS A 25 5.73 -6.02 -3.69
N GLN A 26 4.61 -6.68 -3.43
CA GLN A 26 3.70 -7.10 -4.48
C GLN A 26 2.27 -7.12 -3.95
N CYS A 27 2.07 -6.49 -2.81
CA CYS A 27 0.76 -6.48 -2.18
C CYS A 27 -0.30 -5.82 -3.04
N GLY A 28 -1.49 -6.39 -2.97
CA GLY A 28 -2.62 -5.83 -3.69
C GLY A 28 -3.28 -4.75 -2.87
N GLU A 29 -4.55 -4.48 -3.15
CA GLU A 29 -5.27 -3.47 -2.39
C GLU A 29 -5.73 -4.03 -1.04
N GLY A 30 -5.49 -5.31 -0.84
CA GLY A 30 -5.86 -5.96 0.40
C GLY A 30 -4.73 -6.01 1.38
N CYS A 31 -4.15 -4.86 1.67
CA CYS A 31 -3.07 -4.75 2.63
C CYS A 31 -3.40 -3.66 3.63
N THR A 32 -2.97 -3.85 4.85
CA THR A 32 -3.20 -2.88 5.90
C THR A 32 -1.87 -2.46 6.53
N CYS A 33 -0.78 -2.78 5.85
CA CYS A 33 0.54 -2.48 6.37
C CYS A 33 1.01 -1.13 5.85
N ALA A 34 1.60 -0.34 6.72
CA ALA A 34 2.10 0.97 6.36
C ALA A 34 3.59 0.91 6.03
N ALA A 35 4.17 -0.27 6.22
CA ALA A 35 5.58 -0.48 5.96
C ALA A 35 5.86 -0.58 4.47
N CYS A 36 4.89 -1.09 3.72
CA CYS A 36 5.06 -1.27 2.30
C CYS A 36 4.11 -0.40 1.47
N LYS A 37 3.08 0.15 2.11
CA LYS A 37 2.12 0.98 1.40
C LYS A 37 2.61 2.43 1.33
N THR A 38 2.99 2.85 0.13
CA THR A 38 3.48 4.20 -0.06
C THR A 38 2.62 4.96 -1.08
N CYS A 39 2.94 6.24 -1.30
CA CYS A 39 2.20 7.09 -2.21
C CYS A 39 3.01 8.33 -2.57
N ASN A 40 2.84 8.83 -3.78
CA ASN A 40 3.56 10.03 -4.21
C ASN A 40 2.66 11.24 -4.29
N CYS A 41 1.37 11.03 -4.26
CA CYS A 41 0.43 12.14 -4.27
C CYS A 41 0.36 12.76 -2.89
N THR A 42 0.20 14.06 -2.83
CA THR A 42 0.22 14.76 -1.56
C THR A 42 -1.02 15.66 -1.40
N SER A 43 -1.10 16.35 -0.26
CA SER A 43 -2.24 17.21 0.06
C SER A 43 -2.42 18.37 -0.92
N ASP A 44 -1.37 18.64 -1.70
CA ASP A 44 -1.42 19.68 -2.71
C ASP A 44 -2.39 19.31 -3.81
N GLY A 45 -2.47 18.01 -4.08
CA GLY A 45 -3.36 17.52 -5.09
C GLY A 45 -2.97 16.15 -5.57
N CYS A 46 -3.95 15.38 -6.00
CA CYS A 46 -3.72 14.04 -6.50
C CYS A 46 -3.07 14.12 -7.88
N LYS A 47 -2.10 13.26 -8.13
CA LYS A 47 -1.38 13.29 -9.40
C LYS A 47 -1.73 12.11 -10.30
N CYS A 48 -2.34 11.08 -9.74
CA CYS A 48 -2.69 9.92 -10.53
C CYS A 48 -4.18 9.93 -10.90
N GLY A 49 -5.00 10.46 -10.00
CA GLY A 49 -6.43 10.54 -10.27
C GLY A 49 -7.27 9.64 -9.37
N LYS A 50 -6.65 9.08 -8.33
CA LYS A 50 -7.36 8.18 -7.42
C LYS A 50 -7.96 8.94 -6.25
N GLU A 51 -7.79 10.27 -6.25
CA GLU A 51 -8.30 11.14 -5.19
C GLU A 51 -7.53 10.94 -3.89
N CYS A 52 -6.33 10.41 -4.00
CA CYS A 52 -5.49 10.17 -2.85
C CYS A 52 -4.50 11.31 -2.69
N THR A 53 -4.17 11.62 -1.46
CA THR A 53 -3.24 12.68 -1.18
C THR A 53 -2.22 12.24 -0.12
N GLY A 54 -1.84 10.98 -0.17
CA GLY A 54 -0.89 10.46 0.79
C GLY A 54 -0.97 8.94 0.92
N PRO A 55 0.12 8.30 1.39
CA PRO A 55 0.22 6.83 1.52
C PRO A 55 -0.93 6.16 2.26
N ASP A 56 -1.24 6.64 3.45
CA ASP A 56 -2.27 6.02 4.25
C ASP A 56 -3.65 6.27 3.65
N SER A 57 -3.83 7.43 3.08
CA SER A 57 -5.10 7.82 2.49
C SER A 57 -5.21 7.31 1.05
N CYS A 58 -4.17 6.64 0.60
CA CYS A 58 -4.11 6.10 -0.73
C CYS A 58 -5.00 4.86 -0.86
N LYS A 59 -5.59 4.68 -2.03
CA LYS A 59 -6.47 3.55 -2.29
C LYS A 59 -5.81 2.56 -3.23
N CYS A 60 -4.65 2.91 -3.72
CA CYS A 60 -3.94 2.10 -4.68
C CYS A 60 -3.17 0.97 -3.99
N GLY A 61 -2.99 -0.13 -4.71
CA GLY A 61 -2.28 -1.26 -4.17
C GLY A 61 -0.91 -1.45 -4.82
N SER A 62 -0.05 -0.45 -4.66
CA SER A 62 1.34 -0.48 -5.16
C SER A 62 1.46 -0.40 -6.70
N SER A 63 0.55 -1.05 -7.41
CA SER A 63 0.61 -1.07 -8.86
C SER A 63 -0.05 0.17 -9.51
N CYS A 64 0.58 1.33 -9.31
CA CYS A 64 0.11 2.57 -9.91
C CYS A 64 1.27 3.47 -10.26
N SER A 65 0.99 4.53 -10.99
CA SER A 65 1.99 5.48 -11.40
C SER A 65 2.42 6.40 -10.24
N CYS A 66 1.56 6.52 -9.22
CA CYS A 66 1.89 7.36 -8.06
C CYS A 66 2.79 6.60 -7.07
N LYS A 67 3.49 5.58 -7.58
CA LYS A 67 4.41 4.78 -6.76
C LYS A 67 5.81 4.83 -7.36
CD CD B . 0.69 -6.60 2.74
CD CD C . 3.92 -4.87 4.72
CD CD D . 3.98 -5.32 0.82
CD CD E . -1.66 7.31 -4.06
CD CD F . -2.26 6.06 -7.61
CD CD G . -3.31 9.91 -6.70
N GLY A 1 -16.77 -8.12 12.90
CA GLY A 1 -16.13 -6.83 13.28
C GLY A 1 -14.61 -6.86 13.10
N SER A 2 -14.14 -7.93 12.47
CA SER A 2 -12.72 -8.08 12.22
C SER A 2 -12.30 -7.22 11.03
N GLY A 3 -11.54 -6.17 11.32
CA GLY A 3 -11.04 -5.30 10.27
C GLY A 3 -10.07 -6.02 9.38
N LYS A 4 -10.52 -6.38 8.19
CA LYS A 4 -9.71 -7.12 7.26
C LYS A 4 -8.58 -6.28 6.71
N GLY A 5 -7.43 -6.43 7.33
CA GLY A 5 -6.26 -5.74 6.90
C GLY A 5 -5.09 -6.67 6.82
N LYS A 6 -4.46 -6.71 5.65
CA LYS A 6 -3.32 -7.58 5.37
C LYS A 6 -3.76 -9.01 5.11
N GLY A 7 -3.93 -9.34 3.84
CA GLY A 7 -4.34 -10.64 3.44
C GLY A 7 -4.75 -10.68 1.99
N GLU A 8 -4.94 -11.89 1.45
CA GLU A 8 -5.36 -12.12 0.06
C GLU A 8 -4.30 -11.68 -0.95
N LYS A 9 -4.11 -10.39 -1.06
CA LYS A 9 -3.14 -9.86 -2.00
C LYS A 9 -1.86 -9.47 -1.29
N CYS A 10 -1.78 -9.76 -0.01
CA CYS A 10 -0.56 -9.51 0.74
C CYS A 10 0.45 -10.59 0.46
N THR A 11 1.67 -10.32 0.81
CA THR A 11 2.72 -11.27 0.60
C THR A 11 3.09 -11.93 1.92
N SER A 12 3.78 -13.05 1.87
CA SER A 12 4.22 -13.73 3.06
C SER A 12 5.32 -12.94 3.76
N ALA A 13 5.87 -11.97 3.04
CA ALA A 13 6.87 -11.08 3.58
C ALA A 13 6.21 -9.98 4.40
N CYS A 14 5.04 -9.56 3.95
CA CYS A 14 4.28 -8.52 4.63
C CYS A 14 3.63 -9.08 5.90
N ARG A 15 3.32 -10.38 5.89
CA ARG A 15 2.73 -11.03 7.05
C ARG A 15 3.80 -11.32 8.10
N SER A 16 4.99 -10.79 7.88
CA SER A 16 6.08 -10.93 8.81
C SER A 16 6.32 -9.60 9.49
N GLU A 17 6.80 -9.63 10.71
CA GLU A 17 7.11 -8.43 11.45
C GLU A 17 8.55 -8.47 12.00
N PRO A 18 9.37 -7.45 11.67
CA PRO A 18 8.95 -6.33 10.82
C PRO A 18 8.73 -6.74 9.38
N CYS A 19 8.17 -5.85 8.59
CA CYS A 19 7.85 -6.12 7.21
C CYS A 19 9.09 -6.53 6.43
N GLN A 20 8.94 -7.53 5.58
CA GLN A 20 10.05 -8.05 4.81
C GLN A 20 9.87 -7.75 3.33
N CYS A 21 8.98 -6.82 3.01
CA CYS A 21 8.73 -6.44 1.61
C CYS A 21 9.65 -5.30 1.18
N GLY A 22 10.69 -5.05 1.96
CA GLY A 22 11.62 -3.96 1.66
C GLY A 22 12.27 -4.09 0.30
N SER A 23 12.79 -5.26 0.00
CA SER A 23 13.45 -5.50 -1.28
C SER A 23 12.66 -6.49 -2.12
N LYS A 24 11.44 -6.75 -1.72
CA LYS A 24 10.59 -7.69 -2.43
C LYS A 24 9.15 -7.52 -1.99
N CYS A 25 8.36 -6.86 -2.80
CA CYS A 25 6.97 -6.63 -2.48
C CYS A 25 6.07 -6.96 -3.67
N GLN A 26 4.85 -7.39 -3.37
CA GLN A 26 3.86 -7.72 -4.39
C GLN A 26 2.45 -7.56 -3.84
N CYS A 27 2.31 -6.74 -2.81
CA CYS A 27 1.02 -6.51 -2.19
C CYS A 27 0.11 -5.74 -3.11
N GLY A 28 -1.16 -6.06 -3.05
CA GLY A 28 -2.14 -5.40 -3.88
C GLY A 28 -2.57 -4.06 -3.34
N GLU A 29 -3.74 -3.63 -3.75
CA GLU A 29 -4.29 -2.37 -3.28
C GLU A 29 -4.86 -2.54 -1.89
N GLY A 30 -5.37 -3.74 -1.63
CA GLY A 30 -5.92 -4.06 -0.34
C GLY A 30 -4.86 -4.36 0.69
N CYS A 31 -4.01 -3.39 0.95
CA CYS A 31 -2.97 -3.51 1.93
C CYS A 31 -3.04 -2.30 2.86
N THR A 32 -2.79 -2.51 4.12
CA THR A 32 -2.87 -1.44 5.08
C THR A 32 -1.52 -1.23 5.78
N CYS A 33 -0.48 -1.85 5.24
CA CYS A 33 0.84 -1.70 5.81
C CYS A 33 1.55 -0.52 5.19
N ALA A 34 1.85 0.48 5.99
CA ALA A 34 2.51 1.68 5.51
C ALA A 34 4.01 1.47 5.36
N ALA A 35 4.46 0.24 5.59
CA ALA A 35 5.86 -0.08 5.47
C ALA A 35 6.24 -0.30 4.01
N CYS A 36 5.39 -1.01 3.28
CA CYS A 36 5.64 -1.29 1.89
C CYS A 36 4.74 -0.46 0.97
N LYS A 37 3.51 -0.24 1.42
CA LYS A 37 2.56 0.53 0.64
C LYS A 37 2.81 2.02 0.81
N THR A 38 3.17 2.68 -0.26
CA THR A 38 3.46 4.09 -0.23
C THR A 38 2.56 4.85 -1.23
N CYS A 39 2.79 6.14 -1.36
CA CYS A 39 2.03 6.98 -2.27
C CYS A 39 2.87 8.19 -2.67
N ASN A 40 2.77 8.57 -3.93
CA ASN A 40 3.52 9.71 -4.46
C ASN A 40 2.71 10.99 -4.34
N CYS A 41 1.41 10.86 -4.14
CA CYS A 41 0.56 12.01 -4.01
C CYS A 41 0.75 12.69 -2.67
N THR A 42 0.46 13.97 -2.63
CA THR A 42 0.68 14.77 -1.45
C THR A 42 -0.63 15.29 -0.88
N SER A 43 -0.52 16.14 0.13
CA SER A 43 -1.66 16.72 0.82
C SER A 43 -2.40 17.74 -0.06
N ASP A 44 -1.82 18.04 -1.23
CA ASP A 44 -2.42 18.99 -2.16
C ASP A 44 -3.79 18.51 -2.60
N GLY A 45 -3.93 17.21 -2.78
CA GLY A 45 -5.22 16.66 -3.17
C GLY A 45 -5.11 15.76 -4.37
N CYS A 46 -4.28 14.73 -4.26
CA CYS A 46 -4.08 13.74 -5.32
C CYS A 46 -3.31 14.30 -6.51
N LYS A 47 -2.45 13.47 -7.08
CA LYS A 47 -1.65 13.85 -8.23
C LYS A 47 -1.89 12.89 -9.40
N CYS A 48 -2.00 11.60 -9.10
CA CYS A 48 -2.19 10.60 -10.14
C CYS A 48 -3.60 10.66 -10.72
N GLY A 49 -4.58 10.92 -9.86
CA GLY A 49 -5.95 11.02 -10.31
C GLY A 49 -6.88 10.05 -9.60
N LYS A 50 -6.34 9.26 -8.68
CA LYS A 50 -7.14 8.26 -7.95
C LYS A 50 -7.68 8.82 -6.64
N GLU A 51 -7.61 10.14 -6.50
CA GLU A 51 -8.17 10.88 -5.36
C GLU A 51 -7.55 10.44 -4.03
N CYS A 52 -6.27 10.15 -4.03
CA CYS A 52 -5.58 9.72 -2.84
C CYS A 52 -4.57 10.78 -2.38
N THR A 53 -4.32 10.82 -1.09
CA THR A 53 -3.38 11.78 -0.53
C THR A 53 -2.49 11.12 0.53
N GLY A 54 -1.50 10.37 0.09
CA GLY A 54 -0.60 9.71 1.01
C GLY A 54 -0.96 8.26 1.21
N PRO A 55 0.03 7.42 1.62
CA PRO A 55 -0.15 5.96 1.82
C PRO A 55 -1.44 5.57 2.56
N ASP A 56 -1.69 6.19 3.71
CA ASP A 56 -2.87 5.84 4.51
C ASP A 56 -4.16 6.14 3.76
N SER A 57 -4.16 7.20 2.99
CA SER A 57 -5.34 7.60 2.25
C SER A 57 -5.26 7.14 0.80
N CYS A 58 -4.43 6.15 0.54
CA CYS A 58 -4.28 5.64 -0.80
C CYS A 58 -5.00 4.29 -0.93
N LYS A 59 -5.81 4.19 -1.96
CA LYS A 59 -6.57 2.97 -2.22
C LYS A 59 -6.00 2.29 -3.48
N CYS A 60 -4.94 2.85 -4.02
CA CYS A 60 -4.32 2.35 -5.24
C CYS A 60 -3.40 1.17 -4.94
N GLY A 61 -3.17 0.34 -5.95
CA GLY A 61 -2.29 -0.80 -5.81
C GLY A 61 -0.83 -0.42 -6.01
N SER A 62 0.05 -1.40 -5.92
CA SER A 62 1.48 -1.17 -6.04
C SER A 62 1.91 -1.02 -7.51
N SER A 63 1.00 -1.27 -8.43
CA SER A 63 1.30 -1.17 -9.85
C SER A 63 0.80 0.15 -10.43
N CYS A 64 0.38 1.06 -9.56
CA CYS A 64 -0.15 2.34 -9.99
C CYS A 64 0.95 3.37 -10.27
N SER A 65 0.59 4.44 -10.96
CA SER A 65 1.52 5.50 -11.35
C SER A 65 2.12 6.23 -10.14
N CYS A 66 1.33 6.39 -9.08
CA CYS A 66 1.78 7.08 -7.88
C CYS A 66 2.60 6.14 -6.97
N LYS A 67 3.11 5.06 -7.55
CA LYS A 67 3.90 4.10 -6.80
C LYS A 67 5.32 4.03 -7.37
CD CD B . 0.60 -6.35 2.39
CD CD C . 3.88 -4.61 4.44
CD CD D . 4.20 -5.64 0.71
CD CD E . -1.79 7.00 -4.13
CD CD F . -2.52 6.06 -7.58
CD CD G . -3.41 9.94 -6.57
N GLY A 1 -16.67 -7.69 0.24
CA GLY A 1 -15.66 -8.15 -0.77
C GLY A 1 -14.35 -8.53 -0.12
N SER A 2 -13.42 -7.60 -0.09
CA SER A 2 -12.12 -7.86 0.52
C SER A 2 -12.00 -7.06 1.80
N GLY A 3 -12.45 -7.65 2.90
CA GLY A 3 -12.36 -7.01 4.19
C GLY A 3 -11.85 -7.96 5.24
N LYS A 4 -11.04 -8.91 4.81
CA LYS A 4 -10.51 -9.93 5.71
C LYS A 4 -9.07 -9.63 6.09
N GLY A 5 -8.59 -8.45 5.74
CA GLY A 5 -7.25 -8.07 6.07
C GLY A 5 -6.28 -8.34 4.94
N LYS A 6 -5.12 -8.88 5.28
CA LYS A 6 -4.09 -9.18 4.30
C LYS A 6 -4.25 -10.60 3.77
N GLY A 7 -4.13 -10.76 2.47
CA GLY A 7 -4.24 -12.07 1.88
C GLY A 7 -4.18 -12.04 0.37
N GLU A 8 -3.70 -13.14 -0.21
CA GLU A 8 -3.59 -13.31 -1.67
C GLU A 8 -2.55 -12.38 -2.29
N LYS A 9 -2.87 -11.10 -2.33
CA LYS A 9 -2.00 -10.11 -2.93
C LYS A 9 -0.77 -9.88 -2.08
N CYS A 10 -0.92 -10.00 -0.77
CA CYS A 10 0.17 -9.81 0.15
C CYS A 10 1.24 -10.87 -0.04
N THR A 11 2.48 -10.43 -0.01
CA THR A 11 3.61 -11.31 -0.24
C THR A 11 3.90 -12.10 1.01
N SER A 12 4.85 -13.00 0.91
CA SER A 12 5.27 -13.76 2.06
C SER A 12 6.02 -12.83 3.01
N ALA A 13 6.58 -11.77 2.43
CA ALA A 13 7.33 -10.77 3.16
C ALA A 13 6.42 -9.93 4.05
N CYS A 14 5.25 -9.58 3.51
CA CYS A 14 4.27 -8.78 4.25
C CYS A 14 3.66 -9.60 5.40
N ARG A 15 3.68 -10.91 5.25
CA ARG A 15 3.11 -11.81 6.26
C ARG A 15 4.09 -12.02 7.41
N SER A 16 5.27 -11.44 7.29
CA SER A 16 6.28 -11.52 8.33
C SER A 16 6.34 -10.20 9.08
N GLU A 17 6.82 -10.22 10.32
CA GLU A 17 6.95 -9.00 11.10
C GLU A 17 8.36 -8.85 11.67
N PRO A 18 8.97 -7.65 11.49
CA PRO A 18 8.35 -6.53 10.77
C PRO A 18 8.20 -6.85 9.28
N CYS A 19 7.46 -6.02 8.57
CA CYS A 19 7.22 -6.28 7.17
C CYS A 19 8.53 -6.36 6.41
N GLN A 20 8.65 -7.37 5.58
CA GLN A 20 9.86 -7.58 4.83
C GLN A 20 9.74 -7.00 3.42
N CYS A 21 8.69 -6.20 3.20
CA CYS A 21 8.48 -5.51 1.91
C CYS A 21 9.03 -4.08 1.99
N GLY A 22 9.98 -3.86 2.89
CA GLY A 22 10.55 -2.53 3.10
C GLY A 22 10.92 -1.82 1.81
N SER A 23 11.70 -2.48 0.98
CA SER A 23 12.10 -1.90 -0.29
C SER A 23 11.65 -2.77 -1.46
N LYS A 24 11.37 -4.03 -1.18
CA LYS A 24 10.95 -4.95 -2.22
C LYS A 24 9.53 -5.41 -1.98
N CYS A 25 8.60 -4.59 -2.39
CA CYS A 25 7.22 -4.91 -2.22
C CYS A 25 6.67 -5.53 -3.49
N GLN A 26 5.77 -6.48 -3.33
CA GLN A 26 5.16 -7.17 -4.45
C GLN A 26 3.68 -7.41 -4.18
N CYS A 27 3.12 -6.64 -3.24
CA CYS A 27 1.72 -6.76 -2.89
C CYS A 27 0.84 -6.08 -3.93
N GLY A 28 -0.46 -6.14 -3.72
CA GLY A 28 -1.39 -5.53 -4.65
C GLY A 28 -2.39 -4.65 -3.97
N GLU A 29 -3.65 -4.78 -4.35
CA GLU A 29 -4.72 -4.00 -3.77
C GLU A 29 -5.31 -4.71 -2.56
N GLY A 30 -4.92 -5.96 -2.39
CA GLY A 30 -5.41 -6.73 -1.27
C GLY A 30 -4.45 -6.67 -0.10
N CYS A 31 -3.85 -5.51 0.10
CA CYS A 31 -2.91 -5.30 1.19
C CYS A 31 -3.49 -4.33 2.19
N THR A 32 -3.37 -4.64 3.46
CA THR A 32 -3.88 -3.78 4.50
C THR A 32 -2.74 -3.30 5.40
N CYS A 33 -1.52 -3.52 4.95
CA CYS A 33 -0.35 -3.14 5.70
C CYS A 33 -0.06 -1.65 5.51
N ALA A 34 0.80 -1.10 6.34
CA ALA A 34 1.15 0.30 6.25
C ALA A 34 2.63 0.47 5.95
N ALA A 35 3.36 -0.64 5.98
CA ALA A 35 4.80 -0.61 5.75
C ALA A 35 5.12 -0.56 4.26
N CYS A 36 4.59 -1.50 3.51
CA CYS A 36 4.83 -1.58 2.08
C CYS A 36 3.93 -0.65 1.29
N LYS A 37 2.87 -0.18 1.94
CA LYS A 37 1.93 0.72 1.29
C LYS A 37 2.51 2.13 1.18
N THR A 38 3.01 2.45 0.00
CA THR A 38 3.57 3.75 -0.27
C THR A 38 2.64 4.56 -1.18
N CYS A 39 3.04 5.78 -1.53
CA CYS A 39 2.24 6.64 -2.39
C CYS A 39 3.11 7.74 -2.98
N ASN A 40 2.75 8.20 -4.17
CA ASN A 40 3.52 9.23 -4.86
C ASN A 40 2.79 10.56 -4.87
N CYS A 41 1.49 10.54 -4.63
CA CYS A 41 0.72 11.76 -4.58
C CYS A 41 1.00 12.47 -3.26
N THR A 42 1.25 13.75 -3.33
CA THR A 42 1.61 14.51 -2.15
C THR A 42 0.46 15.35 -1.64
N SER A 43 0.68 16.02 -0.52
CA SER A 43 -0.33 16.84 0.13
C SER A 43 -0.64 18.11 -0.69
N ASP A 44 0.03 18.25 -1.81
CA ASP A 44 -0.19 19.39 -2.70
C ASP A 44 -1.33 19.09 -3.64
N GLY A 45 -1.61 17.82 -3.86
CA GLY A 45 -2.66 17.44 -4.75
C GLY A 45 -2.49 16.02 -5.26
N CYS A 46 -3.60 15.40 -5.59
CA CYS A 46 -3.58 14.05 -6.11
C CYS A 46 -3.07 14.05 -7.55
N LYS A 47 -2.22 13.09 -7.86
CA LYS A 47 -1.61 13.03 -9.19
C LYS A 47 -2.17 11.88 -10.02
N CYS A 48 -2.63 10.83 -9.35
CA CYS A 48 -3.15 9.67 -10.07
C CYS A 48 -4.63 9.86 -10.42
N GLY A 49 -5.36 10.58 -9.55
CA GLY A 49 -6.76 10.85 -9.82
C GLY A 49 -7.71 10.08 -8.92
N LYS A 50 -7.17 9.32 -7.99
CA LYS A 50 -8.00 8.55 -7.05
C LYS A 50 -8.33 9.40 -5.83
N GLU A 51 -7.82 10.62 -5.84
CA GLU A 51 -8.00 11.59 -4.77
C GLU A 51 -7.35 11.11 -3.48
N CYS A 52 -6.04 11.01 -3.52
CA CYS A 52 -5.26 10.63 -2.38
C CYS A 52 -4.05 11.53 -2.30
N THR A 53 -3.64 11.87 -1.10
CA THR A 53 -2.50 12.73 -0.92
C THR A 53 -1.54 12.16 0.11
N GLY A 54 -0.98 11.01 -0.20
CA GLY A 54 -0.06 10.37 0.71
C GLY A 54 -0.46 8.95 1.02
N PRO A 55 0.47 8.11 1.48
CA PRO A 55 0.21 6.69 1.77
C PRO A 55 -0.97 6.47 2.73
N ASP A 56 -1.07 7.33 3.74
CA ASP A 56 -2.14 7.19 4.73
C ASP A 56 -3.50 7.49 4.10
N SER A 57 -3.52 8.47 3.20
CA SER A 57 -4.77 8.88 2.56
C SER A 57 -4.99 8.11 1.25
N CYS A 58 -4.09 7.19 0.96
CA CYS A 58 -4.17 6.41 -0.26
C CYS A 58 -5.10 5.22 -0.08
N LYS A 59 -5.85 4.91 -1.13
CA LYS A 59 -6.76 3.79 -1.13
C LYS A 59 -6.40 2.84 -2.26
N CYS A 60 -5.23 3.04 -2.80
CA CYS A 60 -4.75 2.24 -3.91
C CYS A 60 -3.87 1.12 -3.41
N GLY A 61 -3.68 0.14 -4.26
CA GLY A 61 -2.78 -0.93 -3.93
C GLY A 61 -1.44 -0.67 -4.55
N SER A 62 -0.52 -1.58 -4.37
CA SER A 62 0.84 -1.43 -4.91
C SER A 62 0.86 -1.69 -6.44
N SER A 63 -0.28 -1.50 -7.09
CA SER A 63 -0.41 -1.74 -8.51
C SER A 63 -0.95 -0.51 -9.25
N CYS A 64 -0.86 0.66 -8.63
CA CYS A 64 -1.32 1.89 -9.27
C CYS A 64 -0.12 2.69 -9.79
N SER A 65 -0.40 3.75 -10.55
CA SER A 65 0.66 4.57 -11.12
C SER A 65 1.35 5.42 -10.06
N CYS A 66 0.67 5.65 -8.94
CA CYS A 66 1.26 6.42 -7.86
C CYS A 66 1.98 5.50 -6.87
N LYS A 67 2.46 4.36 -7.37
CA LYS A 67 3.16 3.39 -6.55
C LYS A 67 4.54 3.08 -7.13
CD CD B . 0.47 -6.84 2.09
CD CD C . 3.23 -5.15 4.53
CD CD D . 4.00 -5.52 0.56
CD CD E . -1.93 7.04 -3.72
CD CD F . -3.14 5.83 -7.07
CD CD G . -3.60 9.80 -6.25
N GLY A 1 -2.96 -9.42 14.71
CA GLY A 1 -3.36 -10.68 15.40
C GLY A 1 -4.64 -10.52 16.22
N SER A 2 -5.06 -9.28 16.40
CA SER A 2 -6.27 -8.99 17.15
C SER A 2 -7.41 -8.63 16.22
N GLY A 3 -7.06 -8.02 15.09
CA GLY A 3 -8.05 -7.62 14.12
C GLY A 3 -7.45 -7.47 12.75
N LYS A 4 -8.09 -8.03 11.76
CA LYS A 4 -7.59 -7.96 10.39
C LYS A 4 -8.14 -6.74 9.68
N GLY A 5 -7.31 -5.74 9.50
CA GLY A 5 -7.73 -4.54 8.78
C GLY A 5 -7.41 -4.65 7.31
N LYS A 6 -7.02 -5.83 6.90
CA LYS A 6 -6.66 -6.11 5.53
C LYS A 6 -7.13 -7.51 5.12
N GLY A 7 -6.68 -8.01 3.98
CA GLY A 7 -7.16 -9.30 3.52
C GLY A 7 -6.08 -10.21 3.00
N GLU A 8 -6.41 -10.99 1.98
CA GLU A 8 -5.49 -11.97 1.40
C GLU A 8 -4.61 -11.35 0.32
N LYS A 9 -4.59 -10.05 0.24
CA LYS A 9 -3.77 -9.38 -0.75
C LYS A 9 -2.38 -9.15 -0.22
N CYS A 10 -2.21 -9.47 1.04
CA CYS A 10 -0.93 -9.34 1.69
C CYS A 10 -0.02 -10.48 1.32
N THR A 11 1.25 -10.24 1.45
CA THR A 11 2.24 -11.22 1.15
C THR A 11 2.66 -11.94 2.43
N SER A 12 3.39 -13.02 2.28
CA SER A 12 3.91 -13.72 3.43
C SER A 12 5.03 -12.90 4.07
N ALA A 13 5.53 -11.93 3.31
CA ALA A 13 6.58 -11.03 3.78
C ALA A 13 5.98 -9.96 4.69
N CYS A 14 4.79 -9.49 4.33
CA CYS A 14 4.10 -8.47 5.11
C CYS A 14 3.57 -9.06 6.42
N ARG A 15 3.28 -10.35 6.40
CA ARG A 15 2.77 -11.04 7.58
C ARG A 15 3.91 -11.43 8.52
N SER A 16 5.10 -10.95 8.23
CA SER A 16 6.27 -11.21 9.04
C SER A 16 6.65 -9.94 9.79
N GLU A 17 7.37 -10.10 10.89
CA GLU A 17 7.82 -8.96 11.67
C GLU A 17 9.33 -9.01 11.92
N PRO A 18 10.07 -7.97 11.48
CA PRO A 18 9.49 -6.79 10.80
C PRO A 18 9.04 -7.13 9.38
N CYS A 19 8.42 -6.17 8.71
CA CYS A 19 7.93 -6.37 7.36
C CYS A 19 9.09 -6.69 6.41
N GLN A 20 8.92 -7.75 5.65
CA GLN A 20 9.95 -8.22 4.74
C GLN A 20 9.63 -7.83 3.30
N CYS A 21 8.63 -6.97 3.13
CA CYS A 21 8.19 -6.54 1.80
C CYS A 21 9.14 -5.51 1.18
N GLY A 22 10.23 -5.20 1.88
CA GLY A 22 11.19 -4.23 1.38
C GLY A 22 11.73 -4.60 0.01
N SER A 23 11.23 -3.92 -1.02
CA SER A 23 11.63 -4.18 -2.41
C SER A 23 11.22 -5.59 -2.85
N LYS A 24 10.22 -6.13 -2.19
CA LYS A 24 9.73 -7.44 -2.48
C LYS A 24 8.21 -7.48 -2.29
N CYS A 25 7.62 -6.31 -2.19
CA CYS A 25 6.21 -6.20 -1.93
C CYS A 25 5.36 -6.66 -3.10
N GLN A 26 4.28 -7.33 -2.77
CA GLN A 26 3.33 -7.82 -3.74
C GLN A 26 1.92 -7.60 -3.22
N CYS A 27 1.81 -6.80 -2.15
CA CYS A 27 0.52 -6.53 -1.53
C CYS A 27 -0.38 -5.78 -2.47
N GLY A 28 -1.64 -6.15 -2.46
CA GLY A 28 -2.62 -5.50 -3.29
C GLY A 28 -3.11 -4.20 -2.69
N GLU A 29 -4.12 -3.62 -3.29
CA GLU A 29 -4.69 -2.35 -2.83
C GLU A 29 -5.56 -2.53 -1.58
N GLY A 30 -5.41 -3.66 -0.92
CA GLY A 30 -6.14 -3.94 0.29
C GLY A 30 -5.21 -4.07 1.48
N CYS A 31 -4.17 -3.25 1.50
CA CYS A 31 -3.22 -3.26 2.61
C CYS A 31 -3.13 -1.87 3.23
N THR A 32 -2.69 -1.81 4.48
CA THR A 32 -2.57 -0.55 5.18
C THR A 32 -1.19 -0.43 5.86
N CYS A 33 -0.29 -1.37 5.59
CA CYS A 33 1.03 -1.34 6.19
C CYS A 33 1.90 -0.30 5.47
N ALA A 34 2.29 0.73 6.19
CA ALA A 34 3.09 1.80 5.62
C ALA A 34 4.52 1.34 5.35
N ALA A 35 4.81 0.11 5.74
CA ALA A 35 6.14 -0.46 5.57
C ALA A 35 6.34 -0.99 4.16
N CYS A 36 5.26 -1.12 3.42
CA CYS A 36 5.35 -1.67 2.08
C CYS A 36 4.56 -0.87 1.05
N LYS A 37 3.47 -0.25 1.46
CA LYS A 37 2.64 0.48 0.52
C LYS A 37 3.09 1.93 0.48
N THR A 38 3.58 2.34 -0.66
CA THR A 38 4.10 3.67 -0.81
C THR A 38 3.19 4.53 -1.69
N CYS A 39 3.41 5.84 -1.65
CA CYS A 39 2.63 6.78 -2.43
C CYS A 39 3.39 8.09 -2.56
N ASN A 40 3.04 8.89 -3.56
CA ASN A 40 3.71 10.17 -3.78
C ASN A 40 2.73 11.33 -3.81
N CYS A 41 1.43 11.03 -3.77
CA CYS A 41 0.44 12.08 -3.74
C CYS A 41 0.41 12.76 -2.39
N THR A 42 -0.09 13.97 -2.38
CA THR A 42 -0.08 14.79 -1.20
C THR A 42 -1.46 15.29 -0.85
N SER A 43 -1.52 16.11 0.21
CA SER A 43 -2.77 16.70 0.68
C SER A 43 -3.26 17.78 -0.30
N ASP A 44 -2.49 18.01 -1.36
CA ASP A 44 -2.87 18.95 -2.41
C ASP A 44 -4.18 18.54 -3.03
N GLY A 45 -4.47 17.25 -2.97
CA GLY A 45 -5.72 16.74 -3.48
C GLY A 45 -5.53 15.65 -4.48
N CYS A 46 -4.59 14.74 -4.19
CA CYS A 46 -4.25 13.62 -5.08
C CYS A 46 -3.55 14.14 -6.32
N LYS A 47 -2.52 13.44 -6.76
CA LYS A 47 -1.76 13.88 -7.90
C LYS A 47 -1.73 12.82 -8.99
N CYS A 48 -2.40 11.71 -8.76
CA CYS A 48 -2.46 10.65 -9.75
C CYS A 48 -3.88 10.54 -10.31
N GLY A 49 -4.88 10.66 -9.44
CA GLY A 49 -6.26 10.55 -9.87
C GLY A 49 -7.01 9.41 -9.18
N LYS A 50 -6.44 8.87 -8.11
CA LYS A 50 -7.11 7.79 -7.37
C LYS A 50 -7.75 8.34 -6.09
N GLU A 51 -7.68 9.67 -5.93
CA GLU A 51 -8.24 10.37 -4.76
C GLU A 51 -7.41 10.09 -3.50
N CYS A 52 -6.20 9.60 -3.70
CA CYS A 52 -5.32 9.29 -2.59
C CYS A 52 -4.41 10.47 -2.29
N THR A 53 -4.13 10.69 -1.01
CA THR A 53 -3.30 11.80 -0.60
C THR A 53 -2.12 11.30 0.23
N GLY A 54 -1.66 10.12 -0.09
CA GLY A 54 -0.59 9.51 0.67
C GLY A 54 -0.82 8.03 0.86
N PRO A 55 0.16 7.28 1.39
CA PRO A 55 0.04 5.82 1.56
C PRO A 55 -1.15 5.43 2.42
N ASP A 56 -1.53 6.30 3.33
CA ASP A 56 -2.66 6.04 4.23
C ASP A 56 -3.97 5.91 3.46
N SER A 57 -4.13 6.70 2.41
CA SER A 57 -5.38 6.69 1.65
C SER A 57 -5.17 6.15 0.23
N CYS A 58 -3.96 5.71 -0.07
CA CYS A 58 -3.65 5.17 -1.38
C CYS A 58 -4.24 3.78 -1.55
N LYS A 59 -4.86 3.55 -2.68
CA LYS A 59 -5.50 2.28 -2.93
C LYS A 59 -5.19 1.79 -4.34
N CYS A 60 -3.99 2.08 -4.82
CA CYS A 60 -3.55 1.60 -6.13
C CYS A 60 -2.73 0.34 -5.96
N GLY A 61 -2.26 -0.18 -7.08
CA GLY A 61 -1.38 -1.31 -7.05
C GLY A 61 0.06 -0.85 -7.22
N SER A 62 0.84 -1.62 -7.92
CA SER A 62 2.23 -1.27 -8.14
C SER A 62 2.40 -0.47 -9.44
N SER A 63 1.52 -0.71 -10.40
CA SER A 63 1.61 -0.06 -11.68
C SER A 63 0.89 1.29 -11.71
N CYS A 64 1.41 2.26 -10.97
CA CYS A 64 0.89 3.59 -10.98
C CYS A 64 2.01 4.61 -10.89
N SER A 65 1.76 5.81 -11.37
CA SER A 65 2.78 6.85 -11.44
C SER A 65 3.15 7.41 -10.05
N CYS A 66 2.25 7.29 -9.09
CA CYS A 66 2.53 7.82 -7.75
C CYS A 66 3.28 6.80 -6.89
N LYS A 67 3.71 5.70 -7.51
CA LYS A 67 4.45 4.65 -6.80
C LYS A 67 5.95 4.76 -7.06
CD CD B . 0.27 -6.20 3.46
CD CD C . 3.69 -4.57 5.21
CD CD D . 3.55 -5.48 1.41
CD CD E . -1.18 6.95 -4.16
CD CD F . -1.84 6.22 -7.84
CD CD G . -3.26 9.73 -6.21
N GLY A 1 -8.54 -4.23 15.41
CA GLY A 1 -7.49 -3.17 15.52
C GLY A 1 -7.22 -2.49 14.18
N SER A 2 -7.57 -3.17 13.10
CA SER A 2 -7.39 -2.64 11.77
C SER A 2 -8.69 -2.75 10.98
N GLY A 3 -8.91 -1.82 10.07
CA GLY A 3 -10.13 -1.84 9.28
C GLY A 3 -10.00 -2.73 8.07
N LYS A 4 -8.80 -2.82 7.53
CA LYS A 4 -8.54 -3.62 6.35
C LYS A 4 -8.18 -5.05 6.73
N GLY A 5 -8.48 -5.97 5.84
CA GLY A 5 -8.15 -7.36 6.06
C GLY A 5 -6.98 -7.77 5.19
N LYS A 6 -5.84 -8.00 5.80
CA LYS A 6 -4.65 -8.37 5.07
C LYS A 6 -4.39 -9.88 5.18
N GLY A 7 -3.46 -10.37 4.39
CA GLY A 7 -3.11 -11.78 4.46
C GLY A 7 -3.05 -12.46 3.11
N GLU A 8 -4.06 -12.24 2.28
CA GLU A 8 -4.14 -12.92 0.99
C GLU A 8 -3.41 -12.14 -0.09
N LYS A 9 -3.59 -10.84 -0.09
CA LYS A 9 -2.96 -10.01 -1.08
C LYS A 9 -1.55 -9.69 -0.65
N CYS A 10 -1.29 -9.88 0.62
CA CYS A 10 0.01 -9.62 1.18
C CYS A 10 1.00 -10.66 0.75
N THR A 11 2.23 -10.26 0.68
CA THR A 11 3.30 -11.11 0.27
C THR A 11 3.84 -11.86 1.47
N SER A 12 4.64 -12.87 1.23
CA SER A 12 5.25 -13.62 2.31
C SER A 12 6.18 -12.71 3.11
N ALA A 13 6.71 -11.69 2.42
CA ALA A 13 7.59 -10.73 3.05
C ALA A 13 6.81 -9.87 4.04
N CYS A 14 5.62 -9.44 3.65
CA CYS A 14 4.76 -8.65 4.53
C CYS A 14 4.24 -9.51 5.67
N ARG A 15 3.98 -10.78 5.38
CA ARG A 15 3.49 -11.70 6.40
C ARG A 15 4.58 -12.02 7.42
N SER A 16 5.82 -11.70 7.08
CA SER A 16 6.93 -11.87 7.99
C SER A 16 6.97 -10.68 8.95
N GLU A 17 7.46 -10.90 10.14
CA GLU A 17 7.49 -9.85 11.14
C GLU A 17 8.89 -9.70 11.76
N PRO A 18 9.48 -8.50 11.69
CA PRO A 18 8.86 -7.34 11.03
C PRO A 18 8.78 -7.50 9.52
N CYS A 19 8.03 -6.65 8.86
CA CYS A 19 7.82 -6.72 7.41
C CYS A 19 9.13 -6.78 6.66
N GLN A 20 9.13 -7.49 5.54
CA GLN A 20 10.32 -7.67 4.73
C GLN A 20 10.10 -7.22 3.28
N CYS A 21 9.03 -6.47 3.04
CA CYS A 21 8.75 -5.99 1.68
C CYS A 21 9.77 -4.96 1.21
N GLY A 22 9.64 -3.74 1.71
CA GLY A 22 10.53 -2.68 1.30
C GLY A 22 10.39 -2.38 -0.19
N SER A 23 11.38 -2.78 -0.95
CA SER A 23 11.37 -2.57 -2.38
C SER A 23 10.90 -3.83 -3.12
N LYS A 24 10.61 -4.88 -2.35
CA LYS A 24 10.15 -6.15 -2.92
C LYS A 24 8.66 -6.35 -2.66
N CYS A 25 7.94 -5.25 -2.53
CA CYS A 25 6.52 -5.31 -2.23
C CYS A 25 5.69 -5.76 -3.44
N GLN A 26 4.66 -6.54 -3.16
CA GLN A 26 3.74 -7.03 -4.17
C GLN A 26 2.36 -7.21 -3.57
N CYS A 27 2.08 -6.46 -2.51
CA CYS A 27 0.79 -6.56 -1.82
C CYS A 27 -0.34 -5.94 -2.64
N GLY A 28 -1.53 -5.90 -2.04
CA GLY A 28 -2.68 -5.36 -2.72
C GLY A 28 -3.25 -4.14 -2.04
N GLU A 29 -4.39 -3.69 -2.53
CA GLU A 29 -5.06 -2.49 -2.00
C GLU A 29 -5.66 -2.75 -0.61
N GLY A 30 -5.71 -4.01 -0.22
CA GLY A 30 -6.28 -4.37 1.07
C GLY A 30 -5.24 -4.52 2.15
N CYS A 31 -4.07 -3.95 1.93
CA CYS A 31 -3.01 -4.02 2.89
C CYS A 31 -3.03 -2.81 3.80
N THR A 32 -2.77 -3.04 5.07
CA THR A 32 -2.80 -1.98 6.04
C THR A 32 -1.45 -1.85 6.75
N CYS A 33 -0.41 -2.41 6.17
CA CYS A 33 0.91 -2.33 6.74
C CYS A 33 1.60 -1.07 6.27
N ALA A 34 1.93 -0.20 7.21
CA ALA A 34 2.58 1.06 6.89
C ALA A 34 4.03 0.85 6.47
N ALA A 35 4.53 -0.35 6.69
CA ALA A 35 5.89 -0.68 6.33
C ALA A 35 6.08 -0.65 4.82
N CYS A 36 5.15 -1.25 4.10
CA CYS A 36 5.23 -1.30 2.65
C CYS A 36 4.24 -0.35 1.96
N LYS A 37 3.22 0.09 2.71
CA LYS A 37 2.23 1.03 2.17
C LYS A 37 2.90 2.35 1.81
N THR A 38 3.05 2.60 0.53
CA THR A 38 3.70 3.80 0.07
C THR A 38 2.81 4.55 -0.94
N CYS A 39 3.00 5.86 -1.01
CA CYS A 39 2.27 6.69 -1.93
C CYS A 39 3.07 7.94 -2.23
N ASN A 40 3.00 8.42 -3.45
CA ASN A 40 3.74 9.59 -3.86
C ASN A 40 2.90 10.86 -3.81
N CYS A 41 1.58 10.72 -3.97
CA CYS A 41 0.70 11.88 -3.87
C CYS A 41 0.69 12.40 -2.44
N THR A 42 0.61 13.69 -2.29
CA THR A 42 0.66 14.31 -0.98
C THR A 42 -0.58 15.16 -0.73
N SER A 43 -0.58 15.90 0.37
CA SER A 43 -1.71 16.75 0.72
C SER A 43 -1.80 17.94 -0.24
N ASP A 44 -0.77 18.09 -1.08
CA ASP A 44 -0.75 19.11 -2.12
C ASP A 44 -1.83 18.81 -3.15
N GLY A 45 -2.14 17.53 -3.30
CA GLY A 45 -3.15 17.12 -4.24
C GLY A 45 -2.79 15.80 -4.90
N CYS A 46 -3.80 15.12 -5.40
CA CYS A 46 -3.59 13.86 -6.10
C CYS A 46 -3.02 14.13 -7.48
N LYS A 47 -2.08 13.32 -7.91
CA LYS A 47 -1.44 13.53 -9.19
C LYS A 47 -1.47 12.29 -10.08
N CYS A 48 -1.97 11.20 -9.55
CA CYS A 48 -2.04 9.97 -10.32
C CYS A 48 -3.42 9.80 -10.92
N GLY A 49 -4.44 10.32 -10.25
CA GLY A 49 -5.79 10.23 -10.76
C GLY A 49 -6.70 9.35 -9.90
N LYS A 50 -6.24 8.94 -8.73
CA LYS A 50 -7.04 8.10 -7.83
C LYS A 50 -7.72 8.94 -6.75
N GLU A 51 -7.46 10.24 -6.78
CA GLU A 51 -8.00 11.18 -5.79
C GLU A 51 -7.40 10.91 -4.39
N CYS A 52 -6.24 10.27 -4.37
CA CYS A 52 -5.56 9.97 -3.14
C CYS A 52 -4.52 11.05 -2.83
N THR A 53 -4.38 11.40 -1.58
CA THR A 53 -3.43 12.42 -1.18
C THR A 53 -2.44 11.88 -0.19
N GLY A 54 -2.10 10.62 -0.35
CA GLY A 54 -1.20 9.98 0.56
C GLY A 54 -1.57 8.54 0.79
N PRO A 55 -0.72 7.77 1.46
CA PRO A 55 -0.95 6.34 1.72
C PRO A 55 -2.20 6.10 2.58
N ASP A 56 -2.68 7.14 3.23
CA ASP A 56 -3.85 7.05 4.10
C ASP A 56 -5.10 6.76 3.27
N SER A 57 -5.26 7.47 2.16
CA SER A 57 -6.44 7.32 1.31
C SER A 57 -6.05 6.71 -0.03
N CYS A 58 -4.87 6.14 -0.08
CA CYS A 58 -4.39 5.52 -1.30
C CYS A 58 -5.06 4.15 -1.47
N LYS A 59 -5.73 3.98 -2.58
CA LYS A 59 -6.46 2.74 -2.84
C LYS A 59 -6.02 2.10 -4.16
N CYS A 60 -4.87 2.52 -4.65
CA CYS A 60 -4.33 1.97 -5.88
C CYS A 60 -3.93 0.51 -5.69
N GLY A 61 -4.07 -0.28 -6.74
CA GLY A 61 -3.75 -1.69 -6.65
C GLY A 61 -2.26 -1.98 -6.81
N SER A 62 -1.42 -1.17 -6.16
CA SER A 62 0.04 -1.30 -6.19
C SER A 62 0.64 -0.97 -7.56
N SER A 63 0.10 -1.53 -8.61
CA SER A 63 0.61 -1.27 -9.95
C SER A 63 0.14 0.11 -10.43
N CYS A 64 0.78 1.15 -9.91
CA CYS A 64 0.44 2.50 -10.27
C CYS A 64 1.69 3.35 -10.41
N SER A 65 1.52 4.56 -10.94
CA SER A 65 2.61 5.49 -11.16
C SER A 65 3.07 6.13 -9.84
N CYS A 66 2.15 6.31 -8.89
CA CYS A 66 2.50 6.95 -7.62
C CYS A 66 3.09 5.95 -6.62
N LYS A 67 3.54 4.80 -7.13
CA LYS A 67 4.13 3.76 -6.30
C LYS A 67 5.60 3.54 -6.65
CD CD B . 0.77 -6.67 3.01
CD CD C . 4.11 -5.06 4.97
CD CD D . 4.02 -5.28 1.00
CD CD E . -1.39 7.00 -3.95
CD CD F . -1.82 6.04 -7.59
CD CD G . -3.07 9.77 -6.49
N GLY A 1 -18.64 -5.65 4.09
CA GLY A 1 -18.26 -7.08 4.29
C GLY A 1 -16.95 -7.43 3.59
N SER A 2 -16.22 -6.40 3.20
CA SER A 2 -14.95 -6.58 2.51
C SER A 2 -13.77 -6.52 3.48
N GLY A 3 -14.07 -6.26 4.75
CA GLY A 3 -13.04 -6.20 5.76
C GLY A 3 -12.70 -7.56 6.32
N LYS A 4 -11.96 -8.34 5.56
CA LYS A 4 -11.59 -9.68 5.98
C LYS A 4 -10.22 -9.66 6.67
N GLY A 5 -9.39 -8.71 6.27
CA GLY A 5 -8.08 -8.60 6.85
C GLY A 5 -6.98 -8.97 5.88
N LYS A 6 -5.76 -8.60 6.21
CA LYS A 6 -4.61 -8.88 5.36
C LYS A 6 -4.34 -10.38 5.28
N GLY A 7 -3.92 -10.82 4.10
CA GLY A 7 -3.63 -12.22 3.92
C GLY A 7 -3.63 -12.64 2.47
N GLU A 8 -4.82 -12.78 1.90
CA GLU A 8 -4.97 -13.25 0.52
C GLU A 8 -4.25 -12.35 -0.48
N LYS A 9 -4.16 -11.08 -0.18
CA LYS A 9 -3.48 -10.14 -1.06
C LYS A 9 -2.12 -9.79 -0.55
N CYS A 10 -1.76 -10.34 0.59
CA CYS A 10 -0.48 -10.05 1.18
C CYS A 10 0.53 -11.11 0.85
N THR A 11 1.76 -10.75 0.98
CA THR A 11 2.85 -11.61 0.64
C THR A 11 3.32 -12.37 1.86
N SER A 12 4.35 -13.18 1.68
CA SER A 12 4.92 -13.93 2.79
C SER A 12 5.86 -13.02 3.58
N ALA A 13 6.31 -11.96 2.94
CA ALA A 13 7.19 -10.99 3.56
C ALA A 13 6.41 -10.05 4.47
N CYS A 14 5.19 -9.71 4.06
CA CYS A 14 4.32 -8.82 4.84
C CYS A 14 3.80 -9.53 6.10
N ARG A 15 3.96 -10.85 6.14
CA ARG A 15 3.54 -11.65 7.28
C ARG A 15 4.44 -11.43 8.49
N SER A 16 5.63 -10.93 8.23
CA SER A 16 6.63 -10.75 9.27
C SER A 16 6.56 -9.36 9.91
N GLU A 17 7.21 -9.22 11.06
CA GLU A 17 7.29 -7.95 11.76
C GLU A 17 8.68 -7.76 12.38
N PRO A 18 9.42 -6.71 11.95
CA PRO A 18 8.95 -5.76 10.94
C PRO A 18 8.79 -6.41 9.58
N CYS A 19 8.21 -5.68 8.67
CA CYS A 19 7.90 -6.19 7.37
C CYS A 19 9.17 -6.50 6.58
N GLN A 20 9.07 -7.48 5.70
CA GLN A 20 10.20 -7.91 4.89
C GLN A 20 9.99 -7.61 3.40
N CYS A 21 8.90 -6.90 3.08
CA CYS A 21 8.62 -6.55 1.68
C CYS A 21 9.64 -5.55 1.14
N GLY A 22 9.51 -4.29 1.54
CA GLY A 22 10.41 -3.26 1.06
C GLY A 22 10.22 -3.03 -0.44
N SER A 23 11.20 -3.44 -1.22
CA SER A 23 11.12 -3.32 -2.66
C SER A 23 10.60 -4.62 -3.26
N LYS A 24 10.66 -5.69 -2.47
CA LYS A 24 10.18 -7.00 -2.88
C LYS A 24 8.75 -7.18 -2.44
N CYS A 25 7.90 -6.27 -2.84
CA CYS A 25 6.52 -6.31 -2.46
C CYS A 25 5.63 -6.82 -3.60
N GLN A 26 4.61 -7.58 -3.22
CA GLN A 26 3.64 -8.14 -4.17
C GLN A 26 2.22 -8.05 -3.60
N CYS A 27 2.05 -7.19 -2.59
CA CYS A 27 0.76 -7.04 -1.94
C CYS A 27 -0.25 -6.35 -2.83
N GLY A 28 -1.51 -6.72 -2.66
CA GLY A 28 -2.57 -6.13 -3.46
C GLY A 28 -3.30 -5.03 -2.73
N GLU A 29 -4.50 -4.72 -3.19
CA GLU A 29 -5.31 -3.65 -2.61
C GLU A 29 -5.90 -4.06 -1.25
N GLY A 30 -5.69 -5.30 -0.87
CA GLY A 30 -6.19 -5.79 0.39
C GLY A 30 -5.18 -5.66 1.50
N CYS A 31 -4.25 -4.75 1.33
CA CYS A 31 -3.22 -4.52 2.31
C CYS A 31 -3.33 -3.11 2.89
N THR A 32 -2.94 -2.97 4.14
CA THR A 32 -2.96 -1.70 4.82
C THR A 32 -1.63 -1.46 5.56
N CYS A 33 -0.63 -2.29 5.26
CA CYS A 33 0.67 -2.19 5.91
C CYS A 33 1.42 -0.94 5.41
N ALA A 34 1.73 -0.05 6.33
CA ALA A 34 2.41 1.19 6.00
C ALA A 34 3.89 0.96 5.73
N ALA A 35 4.33 -0.27 5.85
CA ALA A 35 5.71 -0.61 5.64
C ALA A 35 6.02 -0.86 4.16
N CYS A 36 5.03 -1.32 3.42
CA CYS A 36 5.22 -1.61 2.01
C CYS A 36 4.29 -0.79 1.11
N LYS A 37 3.15 -0.37 1.63
CA LYS A 37 2.22 0.44 0.85
C LYS A 37 2.64 1.91 0.89
N THR A 38 3.17 2.40 -0.21
CA THR A 38 3.62 3.78 -0.30
C THR A 38 2.78 4.57 -1.31
N CYS A 39 3.06 5.87 -1.40
CA CYS A 39 2.35 6.77 -2.29
C CYS A 39 3.19 7.99 -2.62
N ASN A 40 2.94 8.61 -3.76
CA ASN A 40 3.69 9.79 -4.17
C ASN A 40 2.80 11.03 -4.23
N CYS A 41 1.49 10.83 -4.19
CA CYS A 41 0.60 11.97 -4.11
C CYS A 41 0.64 12.47 -2.68
N THR A 42 0.89 13.73 -2.53
CA THR A 42 1.08 14.29 -1.21
C THR A 42 -0.19 14.85 -0.63
N SER A 43 -0.13 15.26 0.63
CA SER A 43 -1.28 15.83 1.33
C SER A 43 -1.69 17.18 0.71
N ASP A 44 -0.93 17.62 -0.28
CA ASP A 44 -1.21 18.87 -0.98
C ASP A 44 -2.30 18.65 -2.02
N GLY A 45 -2.28 17.49 -2.65
CA GLY A 45 -3.26 17.19 -3.66
C GLY A 45 -2.91 15.95 -4.46
N CYS A 46 -3.92 15.28 -4.97
CA CYS A 46 -3.75 14.08 -5.76
C CYS A 46 -3.34 14.43 -7.18
N LYS A 47 -2.41 13.68 -7.74
CA LYS A 47 -1.97 13.94 -9.10
C LYS A 47 -2.00 12.69 -9.96
N CYS A 48 -2.45 11.57 -9.42
CA CYS A 48 -2.54 10.36 -10.21
C CYS A 48 -3.95 10.23 -10.80
N GLY A 49 -4.95 10.63 -10.00
CA GLY A 49 -6.32 10.57 -10.45
C GLY A 49 -7.22 9.76 -9.53
N LYS A 50 -6.65 9.15 -8.50
CA LYS A 50 -7.44 8.33 -7.57
C LYS A 50 -8.01 9.16 -6.43
N GLU A 51 -7.70 10.45 -6.45
CA GLU A 51 -8.14 11.40 -5.42
C GLU A 51 -7.53 11.01 -4.07
N CYS A 52 -6.29 10.55 -4.11
CA CYS A 52 -5.59 10.15 -2.92
C CYS A 52 -4.49 11.15 -2.61
N THR A 53 -4.31 11.41 -1.35
CA THR A 53 -3.27 12.30 -0.92
C THR A 53 -2.49 11.65 0.22
N GLY A 54 -1.59 10.76 -0.15
CA GLY A 54 -0.82 10.04 0.83
C GLY A 54 -1.29 8.61 0.96
N PRO A 55 -0.44 7.71 1.49
CA PRO A 55 -0.77 6.28 1.64
C PRO A 55 -2.09 6.01 2.35
N ASP A 56 -2.48 6.89 3.27
CA ASP A 56 -3.73 6.74 4.01
C ASP A 56 -4.95 6.82 3.09
N SER A 57 -4.93 7.77 2.19
CA SER A 57 -6.04 7.98 1.28
C SER A 57 -5.85 7.15 0.01
N CYS A 58 -4.66 6.64 -0.16
CA CYS A 58 -4.30 5.89 -1.34
C CYS A 58 -5.04 4.56 -1.40
N LYS A 59 -5.62 4.28 -2.55
CA LYS A 59 -6.37 3.07 -2.79
C LYS A 59 -5.71 2.27 -3.91
N CYS A 60 -4.48 2.63 -4.21
CA CYS A 60 -3.74 2.03 -5.30
C CYS A 60 -2.71 1.03 -4.79
N GLY A 61 -2.21 0.20 -5.68
CA GLY A 61 -1.18 -0.74 -5.33
C GLY A 61 0.18 -0.20 -5.69
N SER A 62 1.18 -1.06 -5.69
CA SER A 62 2.54 -0.64 -6.00
C SER A 62 2.79 -0.65 -7.52
N SER A 63 1.73 -0.49 -8.30
CA SER A 63 1.85 -0.52 -9.75
C SER A 63 1.12 0.67 -10.40
N CYS A 64 0.87 1.71 -9.62
CA CYS A 64 0.18 2.88 -10.13
C CYS A 64 1.17 4.00 -10.48
N SER A 65 0.67 5.05 -11.11
CA SER A 65 1.48 6.19 -11.51
C SER A 65 2.11 6.89 -10.30
N CYS A 66 1.39 6.90 -9.18
CA CYS A 66 1.89 7.55 -7.98
C CYS A 66 2.82 6.62 -7.20
N LYS A 67 3.39 5.64 -7.89
CA LYS A 67 4.33 4.71 -7.27
C LYS A 67 5.66 4.77 -7.98
CD CD B . 0.52 -6.80 2.86
CD CD C . 3.85 -5.11 4.78
CD CD D . 3.93 -5.79 0.87
CD CD E . -1.57 7.09 -4.13
CD CD F . -2.38 6.12 -7.67
CD CD G . -3.34 9.93 -6.51
N GLY A 1 -6.53 -6.95 12.06
CA GLY A 1 -7.49 -6.06 12.75
C GLY A 1 -8.55 -5.51 11.81
N SER A 2 -8.17 -4.53 11.00
CA SER A 2 -9.08 -3.94 10.04
C SER A 2 -9.49 -4.99 9.00
N GLY A 3 -10.74 -4.93 8.58
CA GLY A 3 -11.22 -5.85 7.58
C GLY A 3 -10.46 -5.71 6.29
N LYS A 4 -9.83 -6.80 5.85
CA LYS A 4 -9.04 -6.82 4.63
C LYS A 4 -7.83 -5.87 4.75
N GLY A 5 -7.14 -5.96 5.88
CA GLY A 5 -5.96 -5.14 6.11
C GLY A 5 -4.82 -5.61 5.23
N LYS A 6 -4.71 -6.91 5.10
CA LYS A 6 -3.72 -7.54 4.22
C LYS A 6 -4.38 -8.71 3.52
N GLY A 7 -4.65 -8.53 2.24
CA GLY A 7 -5.38 -9.53 1.49
C GLY A 7 -4.52 -10.66 0.98
N GLU A 8 -5.05 -11.38 -0.01
CA GLU A 8 -4.38 -12.52 -0.59
C GLU A 8 -3.33 -12.08 -1.59
N LYS A 9 -3.39 -10.80 -1.95
CA LYS A 9 -2.48 -10.23 -2.93
C LYS A 9 -1.16 -9.85 -2.31
N CYS A 10 -1.02 -10.09 -1.03
CA CYS A 10 0.19 -9.78 -0.32
C CYS A 10 1.30 -10.75 -0.68
N THR A 11 2.50 -10.33 -0.41
CA THR A 11 3.67 -11.11 -0.69
C THR A 11 4.11 -11.85 0.56
N SER A 12 5.05 -12.77 0.40
CA SER A 12 5.57 -13.49 1.54
C SER A 12 6.29 -12.54 2.48
N ALA A 13 6.79 -11.44 1.92
CA ALA A 13 7.47 -10.42 2.67
C ALA A 13 6.50 -9.74 3.63
N CYS A 14 5.34 -9.34 3.11
CA CYS A 14 4.32 -8.67 3.92
C CYS A 14 3.63 -9.66 4.86
N ARG A 15 3.63 -10.94 4.50
CA ARG A 15 3.02 -11.97 5.32
C ARG A 15 3.92 -12.37 6.48
N SER A 16 5.10 -11.78 6.53
CA SER A 16 6.03 -12.01 7.61
C SER A 16 6.03 -10.80 8.53
N GLU A 17 6.30 -11.01 9.81
CA GLU A 17 6.33 -9.91 10.76
C GLU A 17 7.71 -9.79 11.40
N PRO A 18 8.28 -8.57 11.41
CA PRO A 18 7.65 -7.37 10.83
C PRO A 18 7.65 -7.43 9.31
N CYS A 19 7.01 -6.45 8.69
CA CYS A 19 6.91 -6.39 7.24
C CYS A 19 8.28 -6.43 6.59
N GLN A 20 8.41 -7.23 5.55
CA GLN A 20 9.67 -7.42 4.89
C GLN A 20 9.67 -6.79 3.49
N CYS A 21 8.75 -5.87 3.25
CA CYS A 21 8.67 -5.19 1.96
C CYS A 21 9.58 -3.95 1.94
N GLY A 22 10.63 -3.99 2.74
CA GLY A 22 11.55 -2.86 2.84
C GLY A 22 12.23 -2.54 1.52
N SER A 23 12.65 -3.56 0.80
CA SER A 23 13.31 -3.38 -0.48
C SER A 23 12.66 -4.23 -1.56
N LYS A 24 11.47 -4.72 -1.27
CA LYS A 24 10.74 -5.53 -2.22
C LYS A 24 9.27 -5.60 -1.86
N CYS A 25 8.46 -4.82 -2.55
CA CYS A 25 7.03 -4.84 -2.34
C CYS A 25 6.33 -5.23 -3.61
N GLN A 26 5.56 -6.29 -3.57
CA GLN A 26 4.83 -6.75 -4.72
C GLN A 26 3.37 -6.99 -4.38
N CYS A 27 2.92 -6.41 -3.29
CA CYS A 27 1.53 -6.53 -2.88
C CYS A 27 0.62 -5.88 -3.91
N GLY A 28 -0.43 -6.56 -4.28
CA GLY A 28 -1.33 -6.03 -5.29
C GLY A 28 -2.28 -4.99 -4.76
N GLU A 29 -3.44 -5.43 -4.33
CA GLU A 29 -4.45 -4.56 -3.78
C GLU A 29 -5.09 -5.20 -2.57
N GLY A 30 -5.71 -4.39 -1.73
CA GLY A 30 -6.31 -4.91 -0.53
C GLY A 30 -5.29 -5.04 0.57
N CYS A 31 -4.27 -4.22 0.49
CA CYS A 31 -3.20 -4.21 1.45
C CYS A 31 -3.03 -2.81 2.04
N THR A 32 -2.92 -2.74 3.35
CA THR A 32 -2.73 -1.49 4.03
C THR A 32 -2.28 -1.72 5.49
N CYS A 33 -1.05 -2.16 5.67
CA CYS A 33 -0.53 -2.37 7.02
C CYS A 33 0.36 -1.20 7.43
N ALA A 34 0.35 -0.17 6.60
CA ALA A 34 1.13 1.07 6.81
C ALA A 34 2.65 0.88 6.65
N ALA A 35 3.11 -0.37 6.71
CA ALA A 35 4.54 -0.64 6.62
C ALA A 35 5.05 -0.53 5.19
N CYS A 36 4.43 -1.25 4.28
CA CYS A 36 4.84 -1.24 2.89
C CYS A 36 4.06 -0.19 2.09
N LYS A 37 2.86 0.12 2.60
CA LYS A 37 1.96 1.08 1.97
C LYS A 37 2.69 2.37 1.60
N THR A 38 2.80 2.62 0.30
CA THR A 38 3.49 3.79 -0.21
C THR A 38 2.56 4.57 -1.16
N CYS A 39 2.94 5.81 -1.46
CA CYS A 39 2.18 6.66 -2.36
C CYS A 39 3.05 7.80 -2.83
N ASN A 40 2.95 8.15 -4.11
CA ASN A 40 3.73 9.25 -4.67
C ASN A 40 2.93 10.53 -4.74
N CYS A 41 1.64 10.43 -4.51
CA CYS A 41 0.80 11.60 -4.51
C CYS A 41 1.03 12.40 -3.23
N THR A 42 1.06 13.71 -3.37
CA THR A 42 1.36 14.59 -2.26
C THR A 42 0.12 15.38 -1.88
N SER A 43 0.30 16.32 -0.95
CA SER A 43 -0.79 17.19 -0.52
C SER A 43 -1.17 18.20 -1.61
N ASP A 44 -0.52 18.07 -2.78
CA ASP A 44 -0.83 18.90 -3.94
C ASP A 44 -2.29 18.72 -4.32
N GLY A 45 -2.77 17.49 -4.17
CA GLY A 45 -4.15 17.19 -4.47
C GLY A 45 -4.30 15.96 -5.33
N CYS A 46 -3.49 14.93 -5.03
CA CYS A 46 -3.49 13.68 -5.78
C CYS A 46 -2.87 13.86 -7.18
N LYS A 47 -2.22 12.82 -7.68
CA LYS A 47 -1.59 12.89 -8.98
C LYS A 47 -2.04 11.77 -9.90
N CYS A 48 -2.63 10.72 -9.33
CA CYS A 48 -3.04 9.58 -10.15
C CYS A 48 -4.50 9.67 -10.55
N GLY A 49 -5.33 10.21 -9.67
CA GLY A 49 -6.74 10.34 -9.98
C GLY A 49 -7.62 9.51 -9.06
N LYS A 50 -7.01 8.74 -8.19
CA LYS A 50 -7.77 7.92 -7.23
C LYS A 50 -8.19 8.76 -6.03
N GLU A 51 -7.71 10.01 -6.03
CA GLU A 51 -8.00 10.97 -4.97
C GLU A 51 -7.36 10.53 -3.66
N CYS A 52 -6.04 10.58 -3.64
CA CYS A 52 -5.26 10.23 -2.47
C CYS A 52 -4.11 11.20 -2.30
N THR A 53 -3.62 11.35 -1.07
CA THR A 53 -2.52 12.25 -0.80
C THR A 53 -1.56 11.65 0.22
N GLY A 54 -0.68 10.79 -0.26
CA GLY A 54 0.30 10.18 0.63
C GLY A 54 -0.12 8.80 1.07
N PRO A 55 0.82 7.97 1.54
CA PRO A 55 0.53 6.59 1.96
C PRO A 55 -0.52 6.52 3.05
N ASP A 56 -0.50 7.49 3.95
CA ASP A 56 -1.44 7.52 5.07
C ASP A 56 -2.82 7.95 4.61
N SER A 57 -2.91 8.45 3.39
CA SER A 57 -4.17 8.90 2.84
C SER A 57 -4.40 8.25 1.48
N CYS A 58 -3.80 7.09 1.28
CA CYS A 58 -3.94 6.38 0.03
C CYS A 58 -4.89 5.22 0.18
N LYS A 59 -5.55 4.87 -0.90
CA LYS A 59 -6.50 3.76 -0.92
C LYS A 59 -6.03 2.75 -1.97
N CYS A 60 -5.04 3.15 -2.72
CA CYS A 60 -4.53 2.39 -3.83
C CYS A 60 -3.47 1.39 -3.38
N GLY A 61 -3.46 0.23 -4.02
CA GLY A 61 -2.46 -0.77 -3.71
C GLY A 61 -1.16 -0.48 -4.41
N SER A 62 -0.15 -1.29 -4.15
CA SER A 62 1.17 -1.08 -4.74
C SER A 62 1.16 -1.27 -6.27
N SER A 63 0.04 -1.73 -6.80
CA SER A 63 -0.13 -1.94 -8.22
C SER A 63 -0.90 -0.78 -8.89
N CYS A 64 -0.69 0.44 -8.41
CA CYS A 64 -1.37 1.59 -8.97
C CYS A 64 -0.38 2.52 -9.69
N SER A 65 -0.91 3.55 -10.33
CA SER A 65 -0.10 4.50 -11.09
C SER A 65 0.71 5.42 -10.18
N CYS A 66 0.24 5.59 -8.95
CA CYS A 66 0.93 6.46 -7.99
C CYS A 66 1.99 5.67 -7.22
N LYS A 67 2.38 4.52 -7.74
CA LYS A 67 3.38 3.69 -7.09
C LYS A 67 4.64 3.58 -7.94
CD CD B . 0.65 -6.71 1.81
CD CD C . 3.17 -4.73 4.42
CD CD D . 3.91 -4.91 0.55
CD CD E . -1.93 6.85 -3.77
CD CD F . -3.20 5.60 -6.90
CD CD G . -3.50 9.53 -6.35
N GLY A 1 -8.24 -6.94 12.83
CA GLY A 1 -8.21 -5.51 13.24
C GLY A 1 -7.08 -5.22 14.21
N SER A 2 -6.97 -6.04 15.24
CA SER A 2 -5.94 -5.89 16.22
C SER A 2 -4.85 -6.94 16.04
N GLY A 3 -3.74 -6.54 15.44
CA GLY A 3 -2.64 -7.45 15.24
C GLY A 3 -2.79 -8.31 14.00
N LYS A 4 -3.98 -8.31 13.42
CA LYS A 4 -4.24 -9.11 12.24
C LYS A 4 -4.00 -8.31 10.98
N GLY A 5 -3.05 -8.76 10.18
CA GLY A 5 -2.77 -8.12 8.93
C GLY A 5 -3.23 -8.97 7.77
N LYS A 6 -2.38 -9.09 6.75
CA LYS A 6 -2.66 -9.92 5.57
C LYS A 6 -3.90 -9.41 4.81
N GLY A 7 -3.68 -8.53 3.86
CA GLY A 7 -4.76 -7.96 3.09
C GLY A 7 -5.04 -8.76 1.83
N GLU A 8 -5.39 -10.04 2.00
CA GLU A 8 -5.74 -10.95 0.90
C GLU A 8 -4.52 -11.31 0.05
N LYS A 9 -3.98 -10.33 -0.64
CA LYS A 9 -2.86 -10.56 -1.54
C LYS A 9 -1.61 -9.95 -0.97
N CYS A 10 -1.05 -10.62 -0.04
CA CYS A 10 0.18 -10.20 0.57
C CYS A 10 1.27 -11.22 0.35
N THR A 11 2.49 -10.76 0.42
CA THR A 11 3.65 -11.60 0.22
C THR A 11 3.99 -12.32 1.51
N SER A 12 4.97 -13.20 1.46
CA SER A 12 5.43 -13.87 2.64
C SER A 12 6.31 -12.92 3.45
N ALA A 13 6.74 -11.86 2.78
CA ALA A 13 7.55 -10.82 3.39
C ALA A 13 6.69 -9.91 4.26
N CYS A 14 5.52 -9.54 3.76
CA CYS A 14 4.58 -8.69 4.51
C CYS A 14 4.01 -9.47 5.69
N ARG A 15 3.94 -10.79 5.54
CA ARG A 15 3.41 -11.64 6.59
C ARG A 15 4.52 -12.00 7.60
N SER A 16 5.70 -11.46 7.36
CA SER A 16 6.83 -11.69 8.22
C SER A 16 6.92 -10.55 9.26
N GLU A 17 7.65 -10.78 10.34
CA GLU A 17 7.81 -9.77 11.36
C GLU A 17 9.30 -9.46 11.58
N PRO A 18 9.73 -8.21 11.29
CA PRO A 18 8.87 -7.14 10.77
C PRO A 18 8.61 -7.30 9.27
N CYS A 19 7.88 -6.36 8.67
CA CYS A 19 7.57 -6.40 7.26
C CYS A 19 8.87 -6.40 6.44
N GLN A 20 9.04 -7.41 5.62
CA GLN A 20 10.27 -7.57 4.85
C GLN A 20 10.09 -7.11 3.40
N CYS A 21 9.07 -6.30 3.15
CA CYS A 21 8.79 -5.82 1.81
C CYS A 21 9.63 -4.61 1.45
N GLY A 22 10.59 -4.28 2.29
CA GLY A 22 11.47 -3.16 2.01
C GLY A 22 12.28 -3.41 0.77
N SER A 23 12.70 -4.65 0.57
CA SER A 23 13.47 -5.02 -0.59
C SER A 23 12.58 -5.63 -1.68
N LYS A 24 11.54 -6.33 -1.28
CA LYS A 24 10.65 -6.97 -2.24
C LYS A 24 9.19 -6.83 -1.83
N CYS A 25 8.48 -5.95 -2.48
CA CYS A 25 7.08 -5.79 -2.23
C CYS A 25 6.28 -6.24 -3.43
N GLN A 26 5.54 -7.30 -3.25
CA GLN A 26 4.76 -7.87 -4.33
C GLN A 26 3.30 -8.03 -3.90
N CYS A 27 2.88 -7.23 -2.92
CA CYS A 27 1.50 -7.26 -2.45
C CYS A 27 0.54 -6.90 -3.57
N GLY A 28 -0.69 -7.31 -3.43
CA GLY A 28 -1.65 -7.12 -4.48
C GLY A 28 -2.45 -5.84 -4.40
N GLU A 29 -3.68 -5.97 -3.94
CA GLU A 29 -4.63 -4.87 -3.95
C GLU A 29 -4.88 -4.23 -2.57
N GLY A 30 -5.78 -4.83 -1.80
CA GLY A 30 -6.17 -4.26 -0.52
C GLY A 30 -5.24 -4.63 0.61
N CYS A 31 -4.01 -4.15 0.55
CA CYS A 31 -3.06 -4.38 1.62
C CYS A 31 -3.44 -3.50 2.79
N THR A 32 -3.34 -4.04 3.96
CA THR A 32 -3.73 -3.32 5.13
C THR A 32 -2.52 -2.98 6.01
N CYS A 33 -1.34 -3.11 5.43
CA CYS A 33 -0.13 -2.79 6.13
C CYS A 33 0.31 -1.38 5.77
N ALA A 34 0.95 -0.71 6.72
CA ALA A 34 1.41 0.65 6.49
C ALA A 34 2.93 0.69 6.34
N ALA A 35 3.54 -0.47 6.31
CA ALA A 35 4.99 -0.57 6.18
C ALA A 35 5.40 -0.50 4.71
N CYS A 36 4.70 -1.24 3.87
CA CYS A 36 5.02 -1.30 2.46
C CYS A 36 4.07 -0.43 1.63
N LYS A 37 3.08 0.16 2.28
CA LYS A 37 2.13 1.00 1.59
C LYS A 37 2.69 2.41 1.42
N THR A 38 2.90 2.81 0.19
CA THR A 38 3.45 4.11 -0.11
C THR A 38 2.55 4.88 -1.09
N CYS A 39 2.86 6.14 -1.30
CA CYS A 39 2.09 7.00 -2.19
C CYS A 39 2.97 8.14 -2.68
N ASN A 40 2.72 8.59 -3.89
CA ASN A 40 3.50 9.66 -4.47
C ASN A 40 2.72 10.96 -4.58
N CYS A 41 1.41 10.90 -4.39
CA CYS A 41 0.61 12.10 -4.37
C CYS A 41 0.76 12.76 -3.01
N THR A 42 0.97 14.05 -3.01
CA THR A 42 1.23 14.78 -1.79
C THR A 42 -0.01 15.50 -1.30
N SER A 43 0.11 16.13 -0.13
CA SER A 43 -0.98 16.89 0.45
C SER A 43 -1.19 18.21 -0.30
N ASP A 44 -0.46 18.37 -1.38
CA ASP A 44 -0.59 19.53 -2.23
C ASP A 44 -1.71 19.30 -3.24
N GLY A 45 -1.91 18.05 -3.59
CA GLY A 45 -2.93 17.70 -4.53
C GLY A 45 -2.69 16.33 -5.14
N CYS A 46 -3.77 15.67 -5.52
CA CYS A 46 -3.69 14.36 -6.12
C CYS A 46 -3.14 14.49 -7.54
N LYS A 47 -2.34 13.53 -7.95
CA LYS A 47 -1.74 13.57 -9.26
C LYS A 47 -2.10 12.34 -10.10
N CYS A 48 -2.42 11.24 -9.44
CA CYS A 48 -2.73 10.01 -10.15
C CYS A 48 -4.16 10.05 -10.71
N GLY A 49 -5.06 10.69 -9.97
CA GLY A 49 -6.43 10.79 -10.42
C GLY A 49 -7.40 9.99 -9.56
N LYS A 50 -6.88 9.31 -8.55
CA LYS A 50 -7.72 8.51 -7.65
C LYS A 50 -8.19 9.35 -6.47
N GLU A 51 -7.78 10.61 -6.45
CA GLU A 51 -8.13 11.56 -5.40
C GLU A 51 -7.55 11.16 -4.06
N CYS A 52 -6.25 11.12 -3.99
CA CYS A 52 -5.55 10.82 -2.76
C CYS A 52 -4.42 11.81 -2.57
N THR A 53 -4.02 12.02 -1.34
CA THR A 53 -2.97 12.95 -1.04
C THR A 53 -2.02 12.38 0.00
N GLY A 54 -1.55 11.18 -0.24
CA GLY A 54 -0.68 10.53 0.70
C GLY A 54 -1.17 9.14 1.03
N PRO A 55 -0.33 8.29 1.64
CA PRO A 55 -0.69 6.91 1.98
C PRO A 55 -1.91 6.79 2.89
N ASP A 56 -2.24 7.87 3.59
CA ASP A 56 -3.39 7.86 4.51
C ASP A 56 -4.69 7.93 3.74
N SER A 57 -4.73 8.75 2.72
CA SER A 57 -5.94 8.92 1.92
C SER A 57 -5.88 8.07 0.65
N CYS A 58 -4.80 7.35 0.48
CA CYS A 58 -4.59 6.52 -0.67
C CYS A 58 -5.24 5.15 -0.49
N LYS A 59 -6.03 4.74 -1.47
CA LYS A 59 -6.69 3.44 -1.44
C LYS A 59 -6.19 2.60 -2.62
N CYS A 60 -5.21 3.12 -3.31
CA CYS A 60 -4.66 2.47 -4.49
C CYS A 60 -3.79 1.28 -4.09
N GLY A 61 -3.66 0.33 -4.99
CA GLY A 61 -2.84 -0.82 -4.74
C GLY A 61 -1.38 -0.55 -5.04
N SER A 62 -0.64 -1.60 -5.32
CA SER A 62 0.78 -1.47 -5.61
C SER A 62 1.03 -1.20 -7.10
N SER A 63 -0.01 -1.29 -7.90
CA SER A 63 0.14 -1.11 -9.34
C SER A 63 -0.63 0.12 -9.81
N CYS A 64 -0.27 1.28 -9.30
CA CYS A 64 -0.88 2.51 -9.72
C CYS A 64 0.18 3.52 -10.16
N SER A 65 -0.27 4.58 -10.79
CA SER A 65 0.60 5.62 -11.30
C SER A 65 1.38 6.31 -10.17
N CYS A 66 0.76 6.41 -9.00
CA CYS A 66 1.41 7.06 -7.86
C CYS A 66 2.25 6.07 -7.05
N LYS A 67 2.65 4.96 -7.68
CA LYS A 67 3.47 3.95 -7.01
C LYS A 67 4.82 3.82 -7.70
CD CD B . 0.91 -6.64 2.48
CD CD C . 3.72 -4.77 4.78
CD CD D . 4.39 -5.36 0.94
CD CD E . -1.94 7.39 -3.81
CD CD F . -2.96 6.21 -7.19
CD CD G . -3.58 10.16 -6.39
N GLY A 1 -9.72 -11.58 13.14
CA GLY A 1 -10.22 -12.35 14.32
C GLY A 1 -9.19 -13.36 14.82
N SER A 2 -8.57 -14.05 13.88
CA SER A 2 -7.55 -15.04 14.20
C SER A 2 -6.20 -14.59 13.64
N GLY A 3 -6.07 -13.29 13.48
CA GLY A 3 -4.86 -12.73 12.93
C GLY A 3 -5.17 -11.66 11.91
N LYS A 4 -4.25 -10.76 11.69
CA LYS A 4 -4.46 -9.69 10.74
C LYS A 4 -3.61 -9.90 9.49
N GLY A 5 -4.24 -10.43 8.45
CA GLY A 5 -3.54 -10.66 7.20
C GLY A 5 -3.66 -9.46 6.28
N LYS A 6 -4.59 -8.57 6.62
CA LYS A 6 -4.84 -7.33 5.87
C LYS A 6 -5.54 -7.59 4.55
N GLY A 7 -4.85 -8.17 3.60
CA GLY A 7 -5.45 -8.43 2.32
C GLY A 7 -4.79 -9.59 1.60
N GLU A 8 -5.42 -10.05 0.54
CA GLU A 8 -4.90 -11.16 -0.23
C GLU A 8 -3.78 -10.69 -1.15
N LYS A 9 -3.76 -9.38 -1.42
CA LYS A 9 -2.71 -8.78 -2.23
C LYS A 9 -1.44 -8.69 -1.43
N CYS A 10 -1.58 -8.80 -0.11
CA CYS A 10 -0.43 -8.77 0.76
C CYS A 10 0.46 -9.96 0.52
N THR A 11 1.73 -9.76 0.70
CA THR A 11 2.70 -10.79 0.48
C THR A 11 2.91 -11.57 1.77
N SER A 12 3.63 -12.65 1.68
CA SER A 12 3.96 -13.43 2.86
C SER A 12 4.88 -12.62 3.78
N ALA A 13 5.64 -11.71 3.17
CA ALA A 13 6.57 -10.86 3.88
C ALA A 13 5.84 -9.84 4.75
N CYS A 14 4.76 -9.27 4.22
CA CYS A 14 3.97 -8.28 4.96
C CYS A 14 3.15 -8.96 6.05
N ARG A 15 2.93 -10.25 5.89
CA ARG A 15 2.19 -11.02 6.88
C ARG A 15 3.11 -11.47 8.00
N SER A 16 4.37 -11.08 7.89
CA SER A 16 5.37 -11.41 8.88
C SER A 16 5.64 -10.17 9.74
N GLU A 17 6.18 -10.38 10.93
CA GLU A 17 6.46 -9.27 11.83
C GLU A 17 7.90 -9.32 12.34
N PRO A 18 8.67 -8.23 12.14
CA PRO A 18 8.20 -7.01 11.45
C PRO A 18 8.05 -7.26 9.94
N CYS A 19 7.65 -6.22 9.21
CA CYS A 19 7.44 -6.35 7.78
C CYS A 19 8.74 -6.73 7.08
N GLN A 20 8.66 -7.69 6.17
CA GLN A 20 9.84 -8.18 5.46
C GLN A 20 9.77 -7.79 3.99
N CYS A 21 8.93 -6.83 3.67
CA CYS A 21 8.72 -6.40 2.30
C CYS A 21 9.72 -5.33 1.86
N GLY A 22 10.89 -5.30 2.49
CA GLY A 22 11.91 -4.33 2.12
C GLY A 22 12.33 -4.50 0.66
N SER A 23 12.51 -5.75 0.26
CA SER A 23 12.88 -6.07 -1.12
C SER A 23 12.11 -7.31 -1.60
N LYS A 24 11.00 -7.60 -0.92
CA LYS A 24 10.18 -8.77 -1.23
C LYS A 24 8.72 -8.35 -1.34
N CYS A 25 8.48 -7.13 -1.77
CA CYS A 25 7.13 -6.61 -1.79
C CYS A 25 6.42 -6.84 -3.11
N GLN A 26 5.11 -7.07 -3.01
CA GLN A 26 4.21 -7.29 -4.16
C GLN A 26 2.78 -6.93 -3.74
N CYS A 27 2.66 -6.20 -2.63
CA CYS A 27 1.35 -5.85 -2.07
C CYS A 27 0.53 -4.94 -2.98
N GLY A 28 -0.75 -4.87 -2.68
CA GLY A 28 -1.67 -4.06 -3.46
C GLY A 28 -2.75 -3.47 -2.59
N GLU A 29 -3.96 -3.35 -3.11
CA GLU A 29 -5.07 -2.82 -2.34
C GLU A 29 -5.45 -3.81 -1.24
N GLY A 30 -6.03 -3.30 -0.18
CA GLY A 30 -6.33 -4.12 0.97
C GLY A 30 -5.24 -3.96 2.01
N CYS A 31 -4.03 -3.77 1.51
CA CYS A 31 -2.89 -3.51 2.35
C CYS A 31 -2.97 -2.10 2.90
N THR A 32 -2.47 -1.90 4.08
CA THR A 32 -2.50 -0.60 4.72
C THR A 32 -1.24 -0.40 5.55
N CYS A 33 -0.17 -1.06 5.15
CA CYS A 33 1.07 -1.02 5.89
C CYS A 33 2.01 0.04 5.34
N ALA A 34 2.36 1.01 6.17
CA ALA A 34 3.23 2.10 5.77
C ALA A 34 4.67 1.63 5.57
N ALA A 35 4.95 0.38 5.95
CA ALA A 35 6.29 -0.17 5.81
C ALA A 35 6.62 -0.49 4.35
N CYS A 36 5.60 -0.78 3.56
CA CYS A 36 5.81 -1.14 2.16
C CYS A 36 4.84 -0.42 1.21
N LYS A 37 4.15 0.59 1.72
CA LYS A 37 3.22 1.35 0.91
C LYS A 37 3.92 2.54 0.29
N THR A 38 3.63 2.80 -0.96
CA THR A 38 4.27 3.90 -1.64
C THR A 38 3.24 4.70 -2.44
N CYS A 39 3.30 6.01 -2.31
CA CYS A 39 2.39 6.90 -3.02
C CYS A 39 3.07 8.24 -3.28
N ASN A 40 2.76 8.84 -4.42
CA ASN A 40 3.33 10.14 -4.75
C ASN A 40 2.35 11.27 -4.51
N CYS A 41 1.07 10.96 -4.42
CA CYS A 41 0.08 11.98 -4.13
C CYS A 41 0.17 12.35 -2.65
N THR A 42 0.18 13.62 -2.36
CA THR A 42 0.37 14.10 -1.01
C THR A 42 -0.92 14.70 -0.47
N SER A 43 -0.84 15.28 0.72
CA SER A 43 -1.99 15.91 1.35
C SER A 43 -2.37 17.18 0.59
N ASP A 44 -1.46 17.65 -0.26
CA ASP A 44 -1.71 18.81 -1.10
C ASP A 44 -2.87 18.54 -2.04
N GLY A 45 -2.90 17.34 -2.57
CA GLY A 45 -3.94 16.96 -3.47
C GLY A 45 -3.61 15.71 -4.25
N CYS A 46 -4.63 15.02 -4.69
CA CYS A 46 -4.47 13.83 -5.48
C CYS A 46 -4.11 14.20 -6.93
N LYS A 47 -3.07 13.59 -7.47
CA LYS A 47 -2.65 13.91 -8.83
C LYS A 47 -3.01 12.81 -9.81
N CYS A 48 -3.13 11.58 -9.33
CA CYS A 48 -3.44 10.47 -10.22
C CYS A 48 -4.92 10.44 -10.55
N GLY A 49 -5.76 10.70 -9.56
CA GLY A 49 -7.19 10.72 -9.79
C GLY A 49 -7.92 9.62 -9.05
N LYS A 50 -7.24 8.96 -8.13
CA LYS A 50 -7.86 7.89 -7.36
C LYS A 50 -8.37 8.43 -6.02
N GLU A 51 -8.24 9.75 -5.85
CA GLU A 51 -8.70 10.46 -4.65
C GLU A 51 -7.88 10.04 -3.42
N CYS A 52 -6.65 9.66 -3.65
CA CYS A 52 -5.78 9.26 -2.58
C CYS A 52 -4.82 10.40 -2.26
N THR A 53 -4.40 10.47 -1.03
CA THR A 53 -3.47 11.49 -0.61
C THR A 53 -2.44 10.91 0.37
N GLY A 54 -1.62 10.01 -0.12
CA GLY A 54 -0.61 9.40 0.71
C GLY A 54 -0.74 7.90 0.79
N PRO A 55 0.37 7.18 1.06
CA PRO A 55 0.43 5.70 1.09
C PRO A 55 -0.61 5.03 2.00
N ASP A 56 -0.98 5.69 3.09
CA ASP A 56 -1.95 5.12 4.04
C ASP A 56 -3.33 5.04 3.43
N SER A 57 -3.72 6.09 2.74
CA SER A 57 -5.05 6.16 2.15
C SER A 57 -5.03 5.73 0.69
N CYS A 58 -3.86 5.38 0.22
CA CYS A 58 -3.67 4.96 -1.15
C CYS A 58 -3.81 3.45 -1.29
N LYS A 59 -4.68 3.03 -2.17
CA LYS A 59 -4.88 1.62 -2.45
C LYS A 59 -4.56 1.34 -3.91
N CYS A 60 -3.91 2.31 -4.54
CA CYS A 60 -3.52 2.20 -5.94
C CYS A 60 -2.42 1.16 -6.09
N GLY A 61 -2.39 0.52 -7.26
CA GLY A 61 -1.40 -0.51 -7.51
C GLY A 61 0.00 0.06 -7.65
N SER A 62 1.00 -0.80 -7.57
CA SER A 62 2.39 -0.38 -7.65
C SER A 62 2.79 0.02 -9.08
N SER A 63 1.84 -0.13 -10.00
CA SER A 63 2.05 0.24 -11.39
C SER A 63 1.17 1.44 -11.74
N CYS A 64 0.61 2.08 -10.72
CA CYS A 64 -0.29 3.21 -10.90
C CYS A 64 0.47 4.48 -11.32
N SER A 65 -0.28 5.49 -11.71
CA SER A 65 0.26 6.75 -12.18
C SER A 65 1.04 7.48 -11.08
N CYS A 66 0.58 7.35 -9.83
CA CYS A 66 1.23 8.02 -8.71
C CYS A 66 2.36 7.17 -8.13
N LYS A 67 2.94 6.30 -8.95
CA LYS A 67 4.04 5.45 -8.49
C LYS A 67 5.32 5.78 -9.25
CD CD B . 0.63 -5.77 2.65
CD CD C . 3.88 -4.33 5.03
CD CD D . 4.42 -5.36 1.14
CD CD E . -1.59 7.05 -4.34
CD CD F . -2.70 6.30 -7.71
CD CD G . -3.84 9.84 -6.39
N GLY A 1 -15.60 -11.62 11.71
CA GLY A 1 -16.40 -11.11 10.56
C GLY A 1 -15.54 -10.78 9.35
N SER A 2 -16.02 -9.88 8.51
CA SER A 2 -15.31 -9.48 7.33
C SER A 2 -14.19 -8.50 7.66
N GLY A 3 -12.97 -8.88 7.34
CA GLY A 3 -11.85 -8.01 7.62
C GLY A 3 -10.82 -8.67 8.50
N LYS A 4 -11.03 -9.93 8.82
CA LYS A 4 -10.07 -10.67 9.62
C LYS A 4 -8.91 -11.11 8.77
N GLY A 5 -7.80 -10.43 8.90
CA GLY A 5 -6.63 -10.77 8.14
C GLY A 5 -6.08 -9.58 7.40
N LYS A 6 -4.79 -9.38 7.49
CA LYS A 6 -4.13 -8.28 6.80
C LYS A 6 -3.67 -8.72 5.43
N GLY A 7 -3.49 -10.02 5.27
CA GLY A 7 -2.96 -10.56 4.03
C GLY A 7 -4.02 -11.00 3.07
N GLU A 8 -4.52 -10.07 2.27
CA GLU A 8 -5.48 -10.39 1.24
C GLU A 8 -4.71 -10.79 -0.02
N LYS A 9 -3.71 -10.00 -0.36
CA LYS A 9 -2.82 -10.27 -1.50
C LYS A 9 -1.39 -9.97 -1.13
N CYS A 10 -1.13 -10.03 0.15
CA CYS A 10 0.17 -9.69 0.70
C CYS A 10 1.21 -10.76 0.42
N THR A 11 2.45 -10.39 0.62
CA THR A 11 3.56 -11.26 0.40
C THR A 11 3.89 -12.02 1.66
N SER A 12 4.81 -12.96 1.56
CA SER A 12 5.23 -13.71 2.73
C SER A 12 6.07 -12.83 3.65
N ALA A 13 6.61 -11.75 3.08
CA ALA A 13 7.43 -10.81 3.83
C ALA A 13 6.56 -9.88 4.66
N CYS A 14 5.43 -9.47 4.08
CA CYS A 14 4.47 -8.59 4.77
C CYS A 14 3.83 -9.33 5.95
N ARG A 15 3.89 -10.67 5.89
CA ARG A 15 3.36 -11.52 6.95
C ARG A 15 4.19 -11.34 8.22
N SER A 16 5.44 -10.97 8.02
CA SER A 16 6.36 -10.79 9.12
C SER A 16 6.22 -9.39 9.69
N GLU A 17 6.43 -9.25 10.99
CA GLU A 17 6.31 -7.97 11.64
C GLU A 17 7.51 -7.70 12.54
N PRO A 18 8.19 -6.54 12.36
CA PRO A 18 7.83 -5.55 11.33
C PRO A 18 7.98 -6.10 9.91
N CYS A 19 7.31 -5.44 8.98
CA CYS A 19 7.27 -5.87 7.57
C CYS A 19 8.67 -6.10 7.00
N GLN A 20 8.76 -7.03 6.07
CA GLN A 20 10.05 -7.38 5.50
C GLN A 20 10.09 -7.22 3.97
N CYS A 21 9.10 -6.52 3.41
CA CYS A 21 9.08 -6.29 1.96
C CYS A 21 10.29 -5.49 1.52
N GLY A 22 10.35 -4.24 1.93
CA GLY A 22 11.46 -3.37 1.55
C GLY A 22 11.55 -3.20 0.05
N SER A 23 12.41 -4.00 -0.57
CA SER A 23 12.61 -3.97 -1.99
C SER A 23 11.68 -4.97 -2.69
N LYS A 24 11.33 -6.04 -2.00
CA LYS A 24 10.50 -7.08 -2.59
C LYS A 24 9.05 -7.02 -2.11
N CYS A 25 8.32 -6.04 -2.59
CA CYS A 25 6.91 -5.95 -2.30
C CYS A 25 6.13 -6.42 -3.51
N GLN A 26 5.10 -7.21 -3.26
CA GLN A 26 4.25 -7.74 -4.31
C GLN A 26 2.82 -7.79 -3.83
N CYS A 27 2.52 -6.96 -2.83
CA CYS A 27 1.19 -6.91 -2.26
C CYS A 27 0.18 -6.33 -3.22
N GLY A 28 -1.01 -6.87 -3.19
CA GLY A 28 -2.08 -6.36 -4.00
C GLY A 28 -2.73 -5.17 -3.35
N GLU A 29 -3.84 -4.73 -3.92
CA GLU A 29 -4.58 -3.59 -3.36
C GLU A 29 -5.12 -3.94 -1.97
N GLY A 30 -5.25 -5.23 -1.70
CA GLY A 30 -5.72 -5.69 -0.41
C GLY A 30 -4.61 -5.75 0.62
N CYS A 31 -4.04 -4.59 0.94
CA CYS A 31 -2.98 -4.51 1.92
C CYS A 31 -3.27 -3.35 2.87
N THR A 32 -3.22 -3.64 4.15
CA THR A 32 -3.49 -2.63 5.16
C THR A 32 -2.19 -2.20 5.85
N CYS A 33 -1.07 -2.65 5.31
CA CYS A 33 0.23 -2.32 5.87
C CYS A 33 0.77 -1.06 5.21
N ALA A 34 1.19 -0.10 6.03
CA ALA A 34 1.72 1.16 5.52
C ALA A 34 3.25 1.12 5.48
N ALA A 35 3.82 -0.04 5.75
CA ALA A 35 5.26 -0.19 5.74
C ALA A 35 5.78 -0.41 4.33
N CYS A 36 5.04 -1.15 3.55
CA CYS A 36 5.41 -1.44 2.19
C CYS A 36 4.61 -0.58 1.22
N LYS A 37 3.32 -0.43 1.48
CA LYS A 37 2.44 0.34 0.62
C LYS A 37 2.78 1.82 0.70
N THR A 38 3.46 2.31 -0.32
CA THR A 38 3.86 3.68 -0.37
C THR A 38 3.01 4.44 -1.38
N CYS A 39 3.12 5.75 -1.36
CA CYS A 39 2.35 6.60 -2.22
C CYS A 39 3.14 7.86 -2.53
N ASN A 40 3.00 8.38 -3.75
CA ASN A 40 3.73 9.58 -4.13
C ASN A 40 2.89 10.84 -4.04
N CYS A 41 1.56 10.70 -4.11
CA CYS A 41 0.70 11.86 -4.00
C CYS A 41 0.80 12.42 -2.57
N THR A 42 0.81 13.73 -2.46
CA THR A 42 1.01 14.36 -1.18
C THR A 42 -0.24 15.11 -0.73
N SER A 43 -0.18 15.69 0.46
CA SER A 43 -1.28 16.46 1.01
C SER A 43 -1.47 17.77 0.26
N ASP A 44 -0.52 18.09 -0.61
CA ASP A 44 -0.59 19.27 -1.45
C ASP A 44 -1.69 19.08 -2.48
N GLY A 45 -1.76 17.88 -3.01
CA GLY A 45 -2.75 17.56 -4.01
C GLY A 45 -2.50 16.21 -4.66
N CYS A 46 -3.57 15.56 -5.06
CA CYS A 46 -3.48 14.26 -5.72
C CYS A 46 -2.89 14.43 -7.11
N LYS A 47 -2.13 13.43 -7.55
CA LYS A 47 -1.46 13.50 -8.85
C LYS A 47 -2.00 12.44 -9.80
N CYS A 48 -2.26 11.27 -9.27
CA CYS A 48 -2.71 10.15 -10.09
C CYS A 48 -4.17 10.32 -10.52
N GLY A 49 -4.99 10.89 -9.62
CA GLY A 49 -6.38 11.10 -9.93
C GLY A 49 -7.31 10.19 -9.14
N LYS A 50 -6.74 9.34 -8.30
CA LYS A 50 -7.54 8.43 -7.47
C LYS A 50 -8.03 9.14 -6.22
N GLU A 51 -7.68 10.42 -6.11
CA GLU A 51 -8.10 11.27 -5.00
C GLU A 51 -7.48 10.83 -3.69
N CYS A 52 -6.19 10.66 -3.70
CA CYS A 52 -5.45 10.28 -2.52
C CYS A 52 -4.34 11.30 -2.29
N THR A 53 -3.95 11.45 -1.05
CA THR A 53 -2.92 12.40 -0.72
C THR A 53 -1.89 11.80 0.22
N GLY A 54 -1.58 10.54 -0.01
CA GLY A 54 -0.64 9.84 0.85
C GLY A 54 -1.06 8.40 1.04
N PRO A 55 -0.13 7.52 1.49
CA PRO A 55 -0.39 6.08 1.67
C PRO A 55 -1.66 5.76 2.46
N ASP A 56 -1.89 6.50 3.54
CA ASP A 56 -3.07 6.27 4.39
C ASP A 56 -4.36 6.56 3.65
N SER A 57 -4.35 7.61 2.84
CA SER A 57 -5.53 8.01 2.09
C SER A 57 -5.52 7.36 0.70
N CYS A 58 -4.59 6.44 0.51
CA CYS A 58 -4.43 5.77 -0.76
C CYS A 58 -5.07 4.39 -0.72
N LYS A 59 -5.79 4.05 -1.78
CA LYS A 59 -6.43 2.77 -1.90
C LYS A 59 -6.01 2.10 -3.22
N CYS A 60 -4.94 2.61 -3.79
CA CYS A 60 -4.43 2.12 -5.07
C CYS A 60 -3.55 0.89 -4.85
N GLY A 61 -3.54 0.01 -5.84
CA GLY A 61 -2.67 -1.14 -5.79
C GLY A 61 -1.27 -0.81 -6.26
N SER A 62 -0.54 -1.79 -6.72
CA SER A 62 0.82 -1.57 -7.19
C SER A 62 0.84 -0.97 -8.58
N SER A 63 -0.14 -1.34 -9.39
CA SER A 63 -0.20 -0.88 -10.77
C SER A 63 -0.86 0.50 -10.88
N CYS A 64 -0.20 1.52 -10.36
CA CYS A 64 -0.70 2.86 -10.48
C CYS A 64 0.44 3.85 -10.70
N SER A 65 0.09 5.04 -11.18
CA SER A 65 1.06 6.07 -11.49
C SER A 65 1.73 6.64 -10.23
N CYS A 66 0.98 6.69 -9.13
CA CYS A 66 1.50 7.26 -7.88
C CYS A 66 2.31 6.23 -7.10
N LYS A 67 2.61 5.11 -7.71
CA LYS A 67 3.36 4.04 -7.06
C LYS A 67 4.79 3.98 -7.57
CD CD B . 0.67 -6.52 2.43
CD CD C . 3.65 -4.74 4.56
CD CD D . 4.15 -5.29 0.60
CD CD E . -1.80 7.05 -3.88
CD CD F . -2.80 6.16 -7.38
CD CD G . -3.43 10.00 -6.19
N GLY A 1 -15.94 -0.58 2.80
CA GLY A 1 -16.53 -1.70 3.61
C GLY A 1 -15.65 -2.07 4.78
N SER A 2 -14.61 -1.26 5.02
CA SER A 2 -13.65 -1.50 6.10
C SER A 2 -12.90 -2.81 5.87
N GLY A 3 -11.84 -2.74 5.06
CA GLY A 3 -11.05 -3.92 4.77
C GLY A 3 -10.08 -4.24 5.89
N LYS A 4 -10.60 -4.86 6.93
CA LYS A 4 -9.78 -5.22 8.08
C LYS A 4 -9.32 -6.66 7.98
N GLY A 5 -8.06 -6.88 8.29
CA GLY A 5 -7.52 -8.21 8.22
C GLY A 5 -6.28 -8.25 7.36
N LYS A 6 -6.23 -9.19 6.44
CA LYS A 6 -5.10 -9.32 5.54
C LYS A 6 -5.55 -9.92 4.23
N GLY A 7 -4.84 -9.62 3.16
CA GLY A 7 -5.22 -10.14 1.87
C GLY A 7 -4.33 -11.27 1.42
N GLU A 8 -4.78 -12.01 0.41
CA GLU A 8 -4.01 -13.11 -0.15
C GLU A 8 -3.04 -12.59 -1.20
N LYS A 9 -3.21 -11.33 -1.56
CA LYS A 9 -2.34 -10.68 -2.51
C LYS A 9 -1.08 -10.20 -1.83
N CYS A 10 -1.06 -10.31 -0.51
CA CYS A 10 0.09 -9.92 0.26
C CYS A 10 1.22 -10.88 0.05
N THR A 11 2.39 -10.49 0.46
CA THR A 11 3.55 -11.32 0.31
C THR A 11 3.89 -12.00 1.63
N SER A 12 4.86 -12.89 1.60
CA SER A 12 5.32 -13.55 2.80
C SER A 12 6.14 -12.58 3.63
N ALA A 13 6.62 -11.54 2.97
CA ALA A 13 7.39 -10.51 3.62
C ALA A 13 6.47 -9.60 4.44
N CYS A 14 5.25 -9.42 3.95
CA CYS A 14 4.24 -8.63 4.66
C CYS A 14 3.70 -9.42 5.85
N ARG A 15 4.04 -10.70 5.88
CA ARG A 15 3.68 -11.59 6.98
C ARG A 15 4.72 -11.52 8.09
N SER A 16 5.75 -10.73 7.89
CA SER A 16 6.80 -10.60 8.86
C SER A 16 6.58 -9.38 9.76
N GLU A 17 7.13 -9.44 10.96
CA GLU A 17 7.03 -8.35 11.91
C GLU A 17 8.39 -8.09 12.59
N PRO A 18 9.02 -6.91 12.32
CA PRO A 18 8.48 -5.89 11.40
C PRO A 18 8.43 -6.37 9.94
N CYS A 19 7.69 -5.64 9.12
CA CYS A 19 7.48 -6.00 7.73
C CYS A 19 8.82 -6.12 6.98
N GLN A 20 8.84 -6.95 5.94
CA GLN A 20 10.08 -7.23 5.22
C GLN A 20 9.92 -7.08 3.70
N CYS A 21 8.88 -6.40 3.26
CA CYS A 21 8.64 -6.24 1.83
C CYS A 21 9.73 -5.38 1.16
N GLY A 22 9.64 -4.07 1.35
CA GLY A 22 10.61 -3.17 0.76
C GLY A 22 10.68 -3.29 -0.75
N SER A 23 11.82 -3.76 -1.25
CA SER A 23 12.03 -3.90 -2.68
C SER A 23 11.32 -5.13 -3.22
N LYS A 24 10.94 -6.05 -2.34
CA LYS A 24 10.29 -7.29 -2.74
C LYS A 24 8.80 -7.22 -2.53
N CYS A 25 8.26 -6.02 -2.45
CA CYS A 25 6.85 -5.88 -2.24
C CYS A 25 6.07 -6.23 -3.50
N GLN A 26 5.24 -7.23 -3.37
CA GLN A 26 4.40 -7.70 -4.46
C GLN A 26 2.93 -7.61 -4.05
N CYS A 27 2.69 -7.02 -2.88
CA CYS A 27 1.34 -6.89 -2.35
C CYS A 27 0.42 -6.20 -3.34
N GLY A 28 -0.58 -6.93 -3.76
CA GLY A 28 -1.52 -6.40 -4.71
C GLY A 28 -2.66 -5.67 -4.03
N GLU A 29 -3.68 -5.32 -4.80
CA GLU A 29 -4.83 -4.63 -4.25
C GLU A 29 -5.55 -5.54 -3.24
N GLY A 30 -5.54 -5.11 -2.00
CA GLY A 30 -6.13 -5.89 -0.94
C GLY A 30 -5.32 -5.77 0.33
N CYS A 31 -4.11 -5.26 0.19
CA CYS A 31 -3.24 -5.03 1.31
C CYS A 31 -3.71 -3.82 2.09
N THR A 32 -3.44 -3.81 3.37
CA THR A 32 -3.86 -2.73 4.22
C THR A 32 -2.72 -2.35 5.18
N CYS A 33 -1.52 -2.82 4.86
CA CYS A 33 -0.34 -2.55 5.66
C CYS A 33 0.38 -1.31 5.15
N ALA A 34 0.56 -0.32 6.03
CA ALA A 34 1.20 0.93 5.66
C ALA A 34 2.72 0.85 5.72
N ALA A 35 3.24 -0.35 5.98
CA ALA A 35 4.68 -0.54 6.06
C ALA A 35 5.28 -0.68 4.68
N CYS A 36 4.54 -1.29 3.79
CA CYS A 36 5.00 -1.47 2.43
C CYS A 36 4.24 -0.58 1.47
N LYS A 37 2.97 -0.35 1.78
CA LYS A 37 2.11 0.50 0.97
C LYS A 37 2.63 1.93 0.94
N THR A 38 3.11 2.34 -0.21
CA THR A 38 3.65 3.67 -0.39
C THR A 38 2.74 4.51 -1.29
N CYS A 39 3.02 5.79 -1.36
CA CYS A 39 2.25 6.70 -2.19
C CYS A 39 3.09 7.91 -2.51
N ASN A 40 2.84 8.50 -3.66
CA ASN A 40 3.62 9.64 -4.11
C ASN A 40 2.78 10.88 -4.25
N CYS A 41 1.48 10.74 -4.10
CA CYS A 41 0.60 11.88 -4.12
C CYS A 41 0.64 12.50 -2.73
N THR A 42 0.81 13.80 -2.67
CA THR A 42 0.97 14.47 -1.40
C THR A 42 -0.21 15.39 -1.11
N SER A 43 -0.19 16.01 0.07
CA SER A 43 -1.25 16.93 0.49
C SER A 43 -1.39 18.11 -0.47
N ASP A 44 -0.37 18.32 -1.30
CA ASP A 44 -0.38 19.34 -2.32
C ASP A 44 -1.56 19.12 -3.25
N GLY A 45 -1.83 17.85 -3.50
CA GLY A 45 -2.90 17.47 -4.38
C GLY A 45 -2.64 16.11 -4.97
N CYS A 46 -3.68 15.41 -5.31
CA CYS A 46 -3.55 14.10 -5.91
C CYS A 46 -2.94 14.23 -7.31
N LYS A 47 -2.13 13.27 -7.70
CA LYS A 47 -1.48 13.31 -9.01
C LYS A 47 -1.90 12.15 -9.90
N CYS A 48 -2.38 11.07 -9.30
CA CYS A 48 -2.76 9.91 -10.08
C CYS A 48 -4.22 9.98 -10.53
N GLY A 49 -5.06 10.61 -9.70
CA GLY A 49 -6.46 10.75 -10.05
C GLY A 49 -7.40 10.06 -9.07
N LYS A 50 -6.84 9.35 -8.10
CA LYS A 50 -7.64 8.63 -7.10
C LYS A 50 -8.12 9.58 -6.01
N GLU A 51 -7.65 10.83 -6.09
CA GLU A 51 -7.98 11.87 -5.10
C GLU A 51 -7.34 11.57 -3.75
N CYS A 52 -6.28 10.79 -3.78
CA CYS A 52 -5.57 10.40 -2.57
C CYS A 52 -4.43 11.37 -2.32
N THR A 53 -4.08 11.54 -1.06
CA THR A 53 -2.98 12.39 -0.69
C THR A 53 -2.16 11.74 0.44
N GLY A 54 -1.28 10.84 0.07
CA GLY A 54 -0.44 10.18 1.06
C GLY A 54 -0.84 8.72 1.24
N PRO A 55 0.11 7.86 1.68
CA PRO A 55 -0.14 6.41 1.85
C PRO A 55 -1.34 6.09 2.73
N ASP A 56 -1.51 6.84 3.82
CA ASP A 56 -2.61 6.59 4.76
C ASP A 56 -3.95 7.04 4.17
N SER A 57 -3.91 7.94 3.22
CA SER A 57 -5.11 8.44 2.57
C SER A 57 -5.24 7.85 1.17
N CYS A 58 -4.42 6.84 0.90
CA CYS A 58 -4.38 6.20 -0.39
C CYS A 58 -5.14 4.88 -0.36
N LYS A 59 -5.69 4.49 -1.49
CA LYS A 59 -6.37 3.21 -1.62
C LYS A 59 -5.57 2.28 -2.51
N CYS A 60 -4.81 2.89 -3.40
CA CYS A 60 -4.00 2.17 -4.36
C CYS A 60 -2.92 1.36 -3.64
N GLY A 61 -2.87 0.08 -3.95
CA GLY A 61 -1.90 -0.79 -3.32
C GLY A 61 -0.59 -0.78 -4.06
N SER A 62 -0.62 -1.20 -5.31
CA SER A 62 0.58 -1.26 -6.12
C SER A 62 0.20 -1.20 -7.60
N SER A 63 1.23 -1.08 -8.45
CA SER A 63 1.07 -1.04 -9.91
C SER A 63 0.29 0.20 -10.37
N CYS A 64 0.30 1.24 -9.56
CA CYS A 64 -0.41 2.46 -9.90
C CYS A 64 0.57 3.56 -10.31
N SER A 65 0.04 4.65 -10.83
CA SER A 65 0.84 5.76 -11.30
C SER A 65 1.47 6.55 -10.14
N CYS A 66 0.89 6.45 -8.95
CA CYS A 66 1.42 7.15 -7.81
C CYS A 66 2.38 6.26 -7.01
N LYS A 67 2.86 5.20 -7.65
CA LYS A 67 3.79 4.28 -7.00
C LYS A 67 5.13 4.29 -7.73
CD CD B . 0.42 -6.82 2.28
CD CD C . 3.20 -5.01 4.84
CD CD D . 3.98 -5.50 1.00
CD CD E . -1.78 7.11 -3.70
CD CD F . -2.69 5.90 -7.17
CD CD G . -3.35 9.87 -6.30
N GLY A 1 -11.22 -8.36 3.14
CA GLY A 1 -12.71 -8.32 3.10
C GLY A 1 -13.33 -8.53 4.47
N SER A 2 -13.42 -9.77 4.89
CA SER A 2 -14.01 -10.08 6.18
C SER A 2 -12.97 -9.92 7.29
N GLY A 3 -12.92 -8.72 7.88
CA GLY A 3 -11.98 -8.44 8.95
C GLY A 3 -10.54 -8.63 8.52
N LYS A 4 -10.25 -8.29 7.28
CA LYS A 4 -8.94 -8.50 6.73
C LYS A 4 -8.18 -7.20 6.53
N GLY A 5 -7.08 -7.06 7.25
CA GLY A 5 -6.21 -5.92 7.07
C GLY A 5 -5.14 -6.25 6.05
N LYS A 6 -5.18 -7.50 5.61
CA LYS A 6 -4.27 -8.03 4.63
C LYS A 6 -5.06 -8.91 3.67
N GLY A 7 -4.41 -9.46 2.67
CA GLY A 7 -5.11 -10.30 1.74
C GLY A 7 -4.21 -11.31 1.09
N GLU A 8 -4.72 -11.97 0.07
CA GLU A 8 -3.96 -12.96 -0.66
C GLU A 8 -2.94 -12.29 -1.57
N LYS A 9 -3.08 -10.98 -1.70
CA LYS A 9 -2.17 -10.20 -2.50
C LYS A 9 -0.96 -9.76 -1.72
N CYS A 10 -0.91 -10.16 -0.45
CA CYS A 10 0.24 -9.88 0.39
C CYS A 10 1.37 -10.84 0.06
N THR A 11 2.57 -10.41 0.30
CA THR A 11 3.73 -11.22 0.03
C THR A 11 4.09 -12.02 1.27
N SER A 12 4.99 -12.99 1.11
CA SER A 12 5.43 -13.78 2.24
C SER A 12 6.28 -12.90 3.18
N ALA A 13 6.78 -11.80 2.63
CA ALA A 13 7.59 -10.86 3.38
C ALA A 13 6.72 -10.01 4.30
N CYS A 14 5.53 -9.63 3.81
CA CYS A 14 4.59 -8.85 4.60
C CYS A 14 3.99 -9.70 5.71
N ARG A 15 4.03 -11.01 5.51
CA ARG A 15 3.50 -11.95 6.48
C ARG A 15 4.57 -12.35 7.49
N SER A 16 5.60 -11.54 7.60
CA SER A 16 6.67 -11.77 8.54
C SER A 16 6.66 -10.67 9.61
N GLU A 17 7.46 -10.84 10.65
CA GLU A 17 7.52 -9.86 11.72
C GLU A 17 8.98 -9.46 12.02
N PRO A 18 9.37 -8.19 11.74
CA PRO A 18 8.48 -7.18 11.16
C PRO A 18 8.32 -7.37 9.65
N CYS A 19 7.66 -6.43 9.00
CA CYS A 19 7.45 -6.51 7.57
C CYS A 19 8.79 -6.52 6.84
N GLN A 20 8.92 -7.36 5.84
CA GLN A 20 10.17 -7.54 5.12
C GLN A 20 10.01 -7.24 3.62
N CYS A 21 9.05 -6.40 3.29
CA CYS A 21 8.78 -6.07 1.89
C CYS A 21 9.63 -4.88 1.42
N GLY A 22 10.68 -4.58 2.17
CA GLY A 22 11.55 -3.47 1.84
C GLY A 22 12.22 -3.61 0.49
N SER A 23 11.75 -2.81 -0.48
CA SER A 23 12.31 -2.79 -1.83
C SER A 23 12.10 -4.12 -2.56
N LYS A 24 11.19 -4.92 -2.05
CA LYS A 24 10.89 -6.21 -2.62
C LYS A 24 9.40 -6.49 -2.46
N CYS A 25 8.63 -5.43 -2.44
CA CYS A 25 7.21 -5.55 -2.21
C CYS A 25 6.43 -5.87 -3.48
N GLN A 26 5.34 -6.59 -3.31
CA GLN A 26 4.45 -6.96 -4.40
C GLN A 26 3.00 -7.01 -3.91
N CYS A 27 2.75 -6.41 -2.74
CA CYS A 27 1.41 -6.41 -2.15
C CYS A 27 0.43 -5.61 -2.97
N GLY A 28 -0.75 -6.17 -3.15
CA GLY A 28 -1.79 -5.52 -3.90
C GLY A 28 -2.89 -4.97 -3.01
N GLU A 29 -4.10 -4.89 -3.54
CA GLU A 29 -5.24 -4.41 -2.79
C GLU A 29 -5.56 -5.36 -1.63
N GLY A 30 -6.19 -4.84 -0.61
CA GLY A 30 -6.50 -5.65 0.55
C GLY A 30 -5.50 -5.38 1.67
N CYS A 31 -4.27 -5.13 1.28
CA CYS A 31 -3.23 -4.83 2.24
C CYS A 31 -3.30 -3.37 2.63
N THR A 32 -3.32 -3.13 3.93
CA THR A 32 -3.33 -1.79 4.41
C THR A 32 -2.14 -1.55 5.35
N CYS A 33 -1.17 -2.43 5.24
CA CYS A 33 0.03 -2.35 6.06
C CYS A 33 0.81 -1.07 5.75
N ALA A 34 1.05 -0.27 6.78
CA ALA A 34 1.73 1.01 6.61
C ALA A 34 3.22 0.84 6.33
N ALA A 35 3.72 -0.38 6.49
CA ALA A 35 5.13 -0.66 6.29
C ALA A 35 5.51 -0.67 4.81
N CYS A 36 4.67 -1.25 3.98
CA CYS A 36 4.95 -1.34 2.56
C CYS A 36 4.03 -0.47 1.70
N LYS A 37 2.94 0.02 2.29
CA LYS A 37 2.04 0.91 1.56
C LYS A 37 2.61 2.32 1.49
N THR A 38 3.04 2.71 0.30
CA THR A 38 3.58 4.03 0.08
C THR A 38 2.82 4.72 -1.06
N CYS A 39 2.93 6.04 -1.15
CA CYS A 39 2.23 6.81 -2.18
C CYS A 39 3.10 7.96 -2.68
N ASN A 40 2.81 8.42 -3.89
CA ASN A 40 3.56 9.53 -4.49
C ASN A 40 2.75 10.81 -4.52
N CYS A 41 1.43 10.70 -4.45
CA CYS A 41 0.58 11.88 -4.38
C CYS A 41 0.63 12.41 -2.96
N THR A 42 0.74 13.69 -2.80
CA THR A 42 0.90 14.27 -1.49
C THR A 42 -0.23 15.23 -1.16
N SER A 43 -0.14 15.87 0.02
CA SER A 43 -1.16 16.81 0.49
C SER A 43 -1.29 18.02 -0.42
N ASP A 44 -0.33 18.18 -1.33
CA ASP A 44 -0.37 19.23 -2.32
C ASP A 44 -1.52 18.98 -3.30
N GLY A 45 -1.85 17.73 -3.50
CA GLY A 45 -2.93 17.37 -4.38
C GLY A 45 -2.69 16.03 -5.05
N CYS A 46 -3.75 15.40 -5.49
CA CYS A 46 -3.66 14.13 -6.17
C CYS A 46 -3.09 14.33 -7.55
N LYS A 47 -2.15 13.50 -7.93
CA LYS A 47 -1.50 13.64 -9.21
C LYS A 47 -1.67 12.38 -10.06
N CYS A 48 -2.30 11.37 -9.50
CA CYS A 48 -2.52 10.14 -10.24
C CYS A 48 -3.94 10.11 -10.80
N GLY A 49 -4.89 10.62 -10.02
CA GLY A 49 -6.27 10.64 -10.46
C GLY A 49 -7.19 9.80 -9.58
N LYS A 50 -6.75 9.50 -8.36
CA LYS A 50 -7.54 8.70 -7.43
C LYS A 50 -7.97 9.54 -6.23
N GLU A 51 -7.71 10.83 -6.31
CA GLU A 51 -8.07 11.80 -5.27
C GLU A 51 -7.32 11.52 -3.94
N CYS A 52 -6.25 10.74 -4.03
CA CYS A 52 -5.46 10.42 -2.85
C CYS A 52 -4.36 11.46 -2.65
N THR A 53 -3.94 11.63 -1.41
CA THR A 53 -2.90 12.59 -1.11
C THR A 53 -1.93 12.03 -0.09
N GLY A 54 -1.59 10.77 -0.24
CA GLY A 54 -0.70 10.13 0.68
C GLY A 54 -1.09 8.70 0.92
N PRO A 55 -0.19 7.87 1.48
CA PRO A 55 -0.43 6.44 1.69
C PRO A 55 -1.66 6.14 2.55
N ASP A 56 -2.00 7.04 3.46
CA ASP A 56 -3.13 6.83 4.35
C ASP A 56 -4.46 7.01 3.61
N SER A 57 -4.49 7.96 2.68
CA SER A 57 -5.69 8.24 1.92
C SER A 57 -5.69 7.47 0.59
N CYS A 58 -4.55 6.89 0.27
CA CYS A 58 -4.39 6.14 -0.95
C CYS A 58 -5.19 4.85 -0.91
N LYS A 59 -5.91 4.58 -1.98
CA LYS A 59 -6.72 3.38 -2.07
C LYS A 59 -6.15 2.45 -3.14
N CYS A 60 -5.16 2.94 -3.84
CA CYS A 60 -4.55 2.20 -4.92
C CYS A 60 -3.86 0.94 -4.41
N GLY A 61 -4.25 -0.18 -4.98
CA GLY A 61 -3.68 -1.45 -4.57
C GLY A 61 -2.45 -1.78 -5.37
N SER A 62 -1.52 -0.82 -5.43
CA SER A 62 -0.28 -0.95 -6.16
C SER A 62 -0.54 -1.05 -7.68
N SER A 63 0.54 -1.24 -8.45
CA SER A 63 0.44 -1.33 -9.92
C SER A 63 -0.01 0.01 -10.53
N CYS A 64 -0.10 1.03 -9.68
CA CYS A 64 -0.51 2.34 -10.12
C CYS A 64 0.70 3.25 -10.31
N SER A 65 0.49 4.39 -10.94
CA SER A 65 1.56 5.32 -11.26
C SER A 65 2.20 5.93 -10.01
N CYS A 66 1.43 6.08 -8.95
CA CYS A 66 1.94 6.69 -7.73
C CYS A 66 2.43 5.65 -6.74
N LYS A 67 2.26 4.38 -7.07
CA LYS A 67 2.67 3.31 -6.19
C LYS A 67 4.04 2.77 -6.56
CD CD B . 0.67 -6.87 2.60
CD CD C . 3.59 -5.01 4.92
CD CD D . 4.25 -5.60 1.11
CD CD E . -1.73 7.23 -4.11
CD CD F . -2.63 6.07 -7.57
CD CD G . -3.39 10.00 -6.61
N GLY A 1 -5.02 -9.61 11.22
CA GLY A 1 -3.87 -10.03 10.39
C GLY A 1 -4.24 -11.10 9.38
N SER A 2 -5.45 -11.62 9.49
CA SER A 2 -5.95 -12.64 8.59
C SER A 2 -7.47 -12.67 8.63
N GLY A 3 -8.11 -12.23 7.56
CA GLY A 3 -9.57 -12.23 7.53
C GLY A 3 -10.13 -11.01 6.82
N LYS A 4 -9.78 -9.82 7.30
CA LYS A 4 -10.28 -8.57 6.72
C LYS A 4 -9.82 -8.40 5.27
N GLY A 5 -8.52 -8.53 5.07
CA GLY A 5 -7.94 -8.37 3.75
C GLY A 5 -6.46 -8.55 3.80
N LYS A 6 -6.04 -9.62 4.43
CA LYS A 6 -4.64 -9.85 4.64
C LYS A 6 -4.30 -11.31 4.41
N GLY A 7 -3.50 -11.58 3.40
CA GLY A 7 -3.07 -12.94 3.15
C GLY A 7 -2.82 -13.25 1.69
N GLU A 8 -3.83 -13.09 0.86
CA GLU A 8 -3.71 -13.49 -0.54
C GLU A 8 -3.14 -12.42 -1.44
N LYS A 9 -3.41 -11.17 -1.16
CA LYS A 9 -2.86 -10.09 -1.98
C LYS A 9 -1.48 -9.73 -1.52
N CYS A 10 -1.14 -10.20 -0.34
CA CYS A 10 0.12 -9.88 0.25
C CYS A 10 1.21 -10.78 -0.24
N THR A 11 2.40 -10.40 0.09
CA THR A 11 3.56 -11.15 -0.25
C THR A 11 4.01 -11.95 0.96
N SER A 12 4.93 -12.87 0.75
CA SER A 12 5.48 -13.65 1.84
C SER A 12 6.31 -12.76 2.76
N ALA A 13 6.67 -11.59 2.25
CA ALA A 13 7.48 -10.63 2.96
C ALA A 13 6.65 -9.83 3.96
N CYS A 14 5.43 -9.45 3.56
CA CYS A 14 4.53 -8.68 4.44
C CYS A 14 4.04 -9.53 5.58
N ARG A 15 4.02 -10.84 5.38
CA ARG A 15 3.57 -11.77 6.40
C ARG A 15 4.71 -12.09 7.37
N SER A 16 5.81 -11.38 7.23
CA SER A 16 6.94 -11.53 8.11
C SER A 16 7.14 -10.24 8.89
N GLU A 17 7.64 -10.34 10.11
CA GLU A 17 7.89 -9.16 10.91
C GLU A 17 9.33 -9.09 11.39
N PRO A 18 10.00 -7.94 11.19
CA PRO A 18 9.40 -6.76 10.56
C PRO A 18 9.09 -7.01 9.09
N CYS A 19 8.31 -6.11 8.52
CA CYS A 19 7.90 -6.21 7.14
C CYS A 19 9.12 -6.30 6.22
N GLN A 20 9.18 -7.36 5.43
CA GLN A 20 10.33 -7.62 4.59
C GLN A 20 10.09 -7.22 3.14
N CYS A 21 9.10 -6.37 2.93
CA CYS A 21 8.75 -5.94 1.59
C CYS A 21 9.61 -4.77 1.11
N GLY A 22 10.63 -4.42 1.90
CA GLY A 22 11.53 -3.36 1.50
C GLY A 22 12.29 -3.74 0.25
N SER A 23 12.41 -5.05 0.04
CA SER A 23 13.06 -5.58 -1.12
C SER A 23 12.03 -5.98 -2.17
N LYS A 24 11.10 -6.84 -1.79
CA LYS A 24 10.07 -7.33 -2.70
C LYS A 24 8.69 -7.02 -2.16
N CYS A 25 7.97 -6.15 -2.85
CA CYS A 25 6.62 -5.83 -2.48
C CYS A 25 5.70 -5.94 -3.69
N GLN A 26 4.62 -6.65 -3.52
CA GLN A 26 3.67 -6.87 -4.59
C GLN A 26 2.26 -6.87 -4.02
N CYS A 27 2.14 -6.40 -2.79
CA CYS A 27 0.88 -6.40 -2.09
C CYS A 27 -0.17 -5.60 -2.82
N GLY A 28 -1.33 -6.19 -2.98
CA GLY A 28 -2.40 -5.59 -3.73
C GLY A 28 -3.36 -4.79 -2.89
N GLU A 29 -4.57 -4.63 -3.41
CA GLU A 29 -5.62 -3.87 -2.75
C GLU A 29 -6.08 -4.56 -1.48
N GLY A 30 -6.49 -3.78 -0.51
CA GLY A 30 -6.93 -4.33 0.77
C GLY A 30 -5.84 -4.24 1.81
N CYS A 31 -4.60 -4.22 1.35
CA CYS A 31 -3.46 -4.12 2.23
C CYS A 31 -3.31 -2.68 2.71
N THR A 32 -3.45 -2.49 4.00
CA THR A 32 -3.34 -1.18 4.58
C THR A 32 -2.13 -1.13 5.52
N CYS A 33 -1.23 -2.09 5.36
CA CYS A 33 -0.04 -2.19 6.17
C CYS A 33 0.83 -0.96 5.98
N ALA A 34 0.90 -0.14 7.00
CA ALA A 34 1.65 1.13 6.94
C ALA A 34 3.14 0.91 6.66
N ALA A 35 3.59 -0.32 6.78
CA ALA A 35 4.99 -0.65 6.53
C ALA A 35 5.33 -0.57 5.04
N CYS A 36 4.56 -1.26 4.22
CA CYS A 36 4.82 -1.27 2.78
C CYS A 36 3.85 -0.36 2.02
N LYS A 37 2.81 0.14 2.71
CA LYS A 37 1.85 1.05 2.10
C LYS A 37 2.48 2.43 1.87
N THR A 38 2.83 2.72 0.64
CA THR A 38 3.43 3.98 0.29
C THR A 38 2.57 4.72 -0.72
N CYS A 39 2.86 6.00 -0.92
CA CYS A 39 2.13 6.81 -1.88
C CYS A 39 2.96 8.03 -2.27
N ASN A 40 2.87 8.44 -3.52
CA ASN A 40 3.65 9.58 -4.00
C ASN A 40 2.80 10.83 -4.11
N CYS A 41 1.49 10.68 -4.09
CA CYS A 41 0.62 11.83 -4.10
C CYS A 41 0.60 12.42 -2.69
N THR A 42 0.68 13.72 -2.58
CA THR A 42 0.76 14.38 -1.29
C THR A 42 -0.46 15.25 -1.01
N SER A 43 -0.46 15.91 0.14
CA SER A 43 -1.55 16.78 0.56
C SER A 43 -1.76 17.95 -0.40
N ASP A 44 -0.78 18.19 -1.26
CA ASP A 44 -0.86 19.25 -2.27
C ASP A 44 -1.94 18.90 -3.29
N GLY A 45 -2.10 17.62 -3.56
CA GLY A 45 -3.09 17.17 -4.50
C GLY A 45 -2.72 15.85 -5.11
N CYS A 46 -3.71 15.17 -5.66
CA CYS A 46 -3.52 13.89 -6.31
C CYS A 46 -2.90 14.11 -7.68
N LYS A 47 -2.14 13.13 -8.16
CA LYS A 47 -1.53 13.23 -9.47
C LYS A 47 -1.66 11.94 -10.25
N CYS A 48 -2.43 10.99 -9.74
CA CYS A 48 -2.59 9.73 -10.44
C CYS A 48 -4.06 9.54 -10.85
N GLY A 49 -4.96 10.27 -10.20
CA GLY A 49 -6.37 10.18 -10.54
C GLY A 49 -7.17 9.32 -9.57
N LYS A 50 -6.60 9.02 -8.42
CA LYS A 50 -7.29 8.22 -7.41
C LYS A 50 -7.81 9.08 -6.28
N GLU A 51 -7.64 10.39 -6.43
CA GLU A 51 -8.11 11.37 -5.44
C GLU A 51 -7.41 11.15 -4.09
N CYS A 52 -6.26 10.51 -4.11
CA CYS A 52 -5.51 10.24 -2.91
C CYS A 52 -4.45 11.31 -2.71
N THR A 53 -4.16 11.63 -1.46
CA THR A 53 -3.18 12.64 -1.15
C THR A 53 -2.24 12.12 -0.06
N GLY A 54 -1.91 10.86 -0.15
CA GLY A 54 -1.06 10.24 0.84
C GLY A 54 -1.48 8.82 1.08
N PRO A 55 -0.60 8.00 1.68
CA PRO A 55 -0.89 6.57 1.94
C PRO A 55 -2.17 6.36 2.75
N ASP A 56 -2.50 7.34 3.58
CA ASP A 56 -3.67 7.27 4.46
C ASP A 56 -4.97 7.32 3.64
N SER A 57 -4.97 8.10 2.57
CA SER A 57 -6.14 8.26 1.73
C SER A 57 -5.98 7.49 0.43
N CYS A 58 -4.94 6.70 0.36
CA CYS A 58 -4.63 5.97 -0.84
C CYS A 58 -5.24 4.57 -0.83
N LYS A 59 -6.04 4.29 -1.86
CA LYS A 59 -6.66 2.98 -2.02
C LYS A 59 -5.74 2.08 -2.84
N CYS A 60 -4.88 2.71 -3.62
CA CYS A 60 -3.97 1.99 -4.51
C CYS A 60 -3.02 1.10 -3.72
N GLY A 61 -2.65 -0.03 -4.32
CA GLY A 61 -1.71 -0.93 -3.69
C GLY A 61 -0.36 -0.85 -4.35
N SER A 62 -0.19 -1.63 -5.41
CA SER A 62 1.04 -1.63 -6.17
C SER A 62 0.72 -1.48 -7.66
N SER A 63 1.77 -1.30 -8.47
CA SER A 63 1.62 -1.19 -9.93
C SER A 63 0.82 0.05 -10.36
N CYS A 64 0.96 1.13 -9.60
CA CYS A 64 0.29 2.37 -9.94
C CYS A 64 1.31 3.48 -10.18
N SER A 65 0.89 4.52 -10.86
CA SER A 65 1.75 5.64 -11.19
C SER A 65 2.20 6.42 -9.96
N CYS A 66 1.45 6.33 -8.88
CA CYS A 66 1.82 7.03 -7.66
C CYS A 66 2.60 6.11 -6.73
N LYS A 67 3.04 4.99 -7.26
CA LYS A 67 3.78 4.01 -6.48
C LYS A 67 5.21 3.88 -7.01
CD CD B . 0.76 -6.83 2.53
CD CD C . 3.50 -4.86 4.97
CD CD D . 4.32 -5.36 1.10
CD CD E . -1.72 7.06 -3.81
CD CD F . -2.28 5.80 -7.31
CD CD G . -3.17 9.73 -6.58
N GLY A 1 -16.95 -1.79 11.29
CA GLY A 1 -16.90 -2.90 12.29
C GLY A 1 -16.97 -4.26 11.65
N SER A 2 -16.60 -4.33 10.38
CA SER A 2 -16.61 -5.58 9.64
C SER A 2 -15.61 -5.54 8.47
N GLY A 3 -14.67 -4.63 8.54
CA GLY A 3 -13.71 -4.46 7.47
C GLY A 3 -12.29 -4.73 7.90
N LYS A 4 -11.85 -5.96 7.70
CA LYS A 4 -10.49 -6.35 8.02
C LYS A 4 -9.79 -6.79 6.73
N GLY A 5 -9.77 -5.90 5.76
CA GLY A 5 -9.19 -6.21 4.49
C GLY A 5 -7.68 -6.07 4.47
N LYS A 6 -7.02 -7.03 5.06
CA LYS A 6 -5.57 -7.06 5.09
C LYS A 6 -5.10 -8.48 4.86
N GLY A 7 -4.16 -8.64 3.97
CA GLY A 7 -3.63 -9.97 3.69
C GLY A 7 -4.38 -10.67 2.60
N GLU A 8 -5.09 -9.91 1.78
CA GLU A 8 -5.84 -10.49 0.68
C GLU A 8 -4.97 -10.59 -0.55
N LYS A 9 -4.01 -9.70 -0.64
CA LYS A 9 -3.09 -9.65 -1.78
C LYS A 9 -1.70 -9.35 -1.31
N CYS A 10 -1.39 -9.78 -0.13
CA CYS A 10 -0.11 -9.51 0.45
C CYS A 10 0.91 -10.58 0.10
N THR A 11 2.11 -10.37 0.54
CA THR A 11 3.19 -11.27 0.29
C THR A 11 3.57 -12.00 1.57
N SER A 12 4.44 -12.99 1.45
CA SER A 12 4.91 -13.71 2.62
C SER A 12 5.84 -12.80 3.42
N ALA A 13 6.46 -11.85 2.74
CA ALA A 13 7.35 -10.90 3.35
C ALA A 13 6.57 -9.95 4.25
N CYS A 14 5.38 -9.56 3.80
CA CYS A 14 4.52 -8.68 4.57
C CYS A 14 3.92 -9.43 5.75
N ARG A 15 3.65 -10.73 5.55
CA ARG A 15 3.11 -11.57 6.61
C ARG A 15 4.14 -11.72 7.73
N SER A 16 5.42 -11.66 7.37
CA SER A 16 6.49 -11.76 8.34
C SER A 16 6.50 -10.54 9.26
N GLU A 17 6.98 -10.70 10.48
CA GLU A 17 7.02 -9.62 11.43
C GLU A 17 8.43 -9.42 11.98
N PRO A 18 9.02 -8.23 11.79
CA PRO A 18 8.38 -7.12 11.07
C PRO A 18 8.31 -7.36 9.57
N CYS A 19 7.65 -6.46 8.85
CA CYS A 19 7.49 -6.55 7.41
C CYS A 19 8.84 -6.65 6.71
N GLN A 20 8.93 -7.55 5.75
CA GLN A 20 10.17 -7.77 5.02
C GLN A 20 10.03 -7.31 3.57
N CYS A 21 9.03 -6.49 3.32
CA CYS A 21 8.76 -5.99 1.98
C CYS A 21 9.63 -4.78 1.63
N GLY A 22 10.83 -4.74 2.20
CA GLY A 22 11.75 -3.69 1.87
C GLY A 22 12.13 -3.73 0.40
N SER A 23 12.44 -4.93 -0.07
CA SER A 23 12.78 -5.16 -1.46
C SER A 23 11.98 -6.33 -2.03
N LYS A 24 11.09 -6.88 -1.22
CA LYS A 24 10.30 -8.04 -1.61
C LYS A 24 8.81 -7.72 -1.60
N CYS A 25 8.47 -6.48 -1.91
CA CYS A 25 7.08 -6.10 -1.91
C CYS A 25 6.40 -6.47 -3.21
N GLN A 26 5.31 -7.17 -3.09
CA GLN A 26 4.54 -7.65 -4.23
C GLN A 26 3.05 -7.56 -3.90
N CYS A 27 2.74 -6.76 -2.90
CA CYS A 27 1.38 -6.62 -2.40
C CYS A 27 0.47 -5.96 -3.41
N GLY A 28 -0.77 -6.40 -3.42
CA GLY A 28 -1.76 -5.81 -4.29
C GLY A 28 -2.57 -4.75 -3.56
N GLU A 29 -3.80 -4.52 -4.02
CA GLU A 29 -4.68 -3.54 -3.39
C GLU A 29 -5.33 -4.11 -2.12
N GLY A 30 -4.79 -5.22 -1.63
CA GLY A 30 -5.32 -5.85 -0.44
C GLY A 30 -4.37 -5.72 0.73
N CYS A 31 -3.68 -4.59 0.79
CA CYS A 31 -2.74 -4.32 1.86
C CYS A 31 -2.99 -2.94 2.44
N THR A 32 -2.72 -2.79 3.72
CA THR A 32 -2.87 -1.53 4.39
C THR A 32 -1.65 -1.29 5.30
N CYS A 33 -0.61 -2.04 5.04
CA CYS A 33 0.61 -1.95 5.83
C CYS A 33 1.45 -0.75 5.36
N ALA A 34 1.78 0.13 6.30
CA ALA A 34 2.54 1.33 5.99
C ALA A 34 4.04 1.02 5.91
N ALA A 35 4.38 -0.26 5.94
CA ALA A 35 5.77 -0.68 5.85
C ALA A 35 6.15 -0.96 4.41
N CYS A 36 5.16 -1.06 3.55
CA CYS A 36 5.40 -1.37 2.16
C CYS A 36 4.51 -0.54 1.23
N LYS A 37 3.35 -0.14 1.72
CA LYS A 37 2.45 0.67 0.92
C LYS A 37 2.90 2.12 0.94
N THR A 38 3.05 2.70 -0.24
CA THR A 38 3.54 4.05 -0.36
C THR A 38 2.66 4.86 -1.34
N CYS A 39 2.94 6.15 -1.46
CA CYS A 39 2.18 7.03 -2.31
C CYS A 39 3.00 8.28 -2.66
N ASN A 40 2.79 8.83 -3.85
CA ASN A 40 3.52 10.02 -4.29
C ASN A 40 2.60 11.24 -4.35
N CYS A 41 1.30 11.03 -4.25
CA CYS A 41 0.38 12.14 -4.23
C CYS A 41 0.32 12.72 -2.81
N THR A 42 0.40 14.03 -2.71
CA THR A 42 0.43 14.68 -1.41
C THR A 42 -0.83 15.52 -1.18
N SER A 43 -0.94 16.10 0.01
CA SER A 43 -2.08 16.92 0.38
C SER A 43 -2.19 18.15 -0.51
N ASP A 44 -1.09 18.49 -1.19
CA ASP A 44 -1.07 19.59 -2.13
C ASP A 44 -1.99 19.30 -3.33
N GLY A 45 -2.29 18.03 -3.53
CA GLY A 45 -3.16 17.65 -4.60
C GLY A 45 -2.86 16.27 -5.13
N CYS A 46 -3.89 15.57 -5.56
CA CYS A 46 -3.73 14.26 -6.14
C CYS A 46 -3.18 14.39 -7.55
N LYS A 47 -2.31 13.49 -7.95
CA LYS A 47 -1.70 13.58 -9.27
C LYS A 47 -1.98 12.36 -10.13
N CYS A 48 -2.60 11.34 -9.55
CA CYS A 48 -2.89 10.14 -10.31
C CYS A 48 -4.34 10.12 -10.79
N GLY A 49 -5.24 10.59 -9.93
CA GLY A 49 -6.64 10.63 -10.28
C GLY A 49 -7.50 9.78 -9.36
N LYS A 50 -6.87 9.13 -8.39
CA LYS A 50 -7.59 8.30 -7.44
C LYS A 50 -8.11 9.14 -6.27
N GLU A 51 -7.85 10.45 -6.34
CA GLU A 51 -8.30 11.40 -5.33
C GLU A 51 -7.67 11.12 -3.97
N CYS A 52 -6.44 10.69 -4.00
CA CYS A 52 -5.71 10.37 -2.79
C CYS A 52 -4.65 11.43 -2.55
N THR A 53 -4.25 11.59 -1.31
CA THR A 53 -3.23 12.55 -0.97
C THR A 53 -2.29 11.99 0.11
N GLY A 54 -1.79 10.79 -0.12
CA GLY A 54 -0.92 10.15 0.85
C GLY A 54 -1.29 8.70 1.11
N PRO A 55 -0.31 7.86 1.54
CA PRO A 55 -0.52 6.43 1.79
C PRO A 55 -1.73 6.11 2.68
N ASP A 56 -1.92 6.90 3.73
CA ASP A 56 -3.02 6.67 4.68
C ASP A 56 -4.38 6.84 4.01
N SER A 57 -4.46 7.76 3.08
CA SER A 57 -5.71 8.02 2.38
C SER A 57 -5.63 7.50 0.97
N CYS A 58 -4.73 6.56 0.75
CA CYS A 58 -4.52 5.99 -0.56
C CYS A 58 -5.26 4.67 -0.70
N LYS A 59 -6.11 4.60 -1.72
CA LYS A 59 -6.88 3.39 -1.98
C LYS A 59 -6.12 2.49 -2.95
N CYS A 60 -5.15 3.08 -3.63
CA CYS A 60 -4.34 2.38 -4.60
C CYS A 60 -3.39 1.39 -3.92
N GLY A 61 -3.01 0.35 -4.63
CA GLY A 61 -2.10 -0.61 -4.09
C GLY A 61 -0.66 -0.29 -4.43
N SER A 62 -0.08 -1.05 -5.34
CA SER A 62 1.30 -0.85 -5.75
C SER A 62 1.40 -0.66 -7.26
N SER A 63 0.45 -1.20 -7.99
CA SER A 63 0.46 -1.13 -9.45
C SER A 63 -0.26 0.12 -9.96
N CYS A 64 0.10 1.27 -9.40
CA CYS A 64 -0.50 2.52 -9.82
C CYS A 64 0.55 3.53 -10.24
N SER A 65 0.10 4.61 -10.87
CA SER A 65 0.97 5.66 -11.38
C SER A 65 1.61 6.46 -10.23
N CYS A 66 0.92 6.56 -9.10
CA CYS A 66 1.45 7.32 -7.97
C CYS A 66 2.41 6.47 -7.12
N LYS A 67 2.88 5.37 -7.70
CA LYS A 67 3.81 4.48 -7.00
C LYS A 67 5.18 4.50 -7.66
CD CD B . 0.70 -6.45 2.38
CD CD C . 3.67 -4.87 4.67
CD CD D . 4.25 -5.38 0.80
CD CD E . -1.87 7.38 -3.89
CD CD F . -2.74 6.17 -7.32
CD CD G . -3.50 10.09 -6.55
N GLY A 1 -3.96 -4.42 18.63
CA GLY A 1 -4.83 -3.68 17.67
C GLY A 1 -4.84 -4.34 16.31
N SER A 2 -4.07 -5.39 16.15
CA SER A 2 -4.00 -6.11 14.90
C SER A 2 -4.18 -7.60 15.15
N GLY A 3 -3.94 -8.41 14.13
CA GLY A 3 -4.10 -9.83 14.25
C GLY A 3 -5.17 -10.36 13.33
N LYS A 4 -6.27 -9.64 13.24
CA LYS A 4 -7.36 -10.03 12.37
C LYS A 4 -7.36 -9.16 11.12
N GLY A 5 -6.89 -9.72 10.04
CA GLY A 5 -6.83 -8.99 8.80
C GLY A 5 -5.84 -9.60 7.82
N LYS A 6 -5.74 -8.98 6.65
CA LYS A 6 -4.83 -9.42 5.58
C LYS A 6 -5.32 -10.71 4.93
N GLY A 7 -5.13 -10.80 3.63
CA GLY A 7 -5.54 -11.96 2.90
C GLY A 7 -4.37 -12.67 2.27
N GLU A 8 -4.59 -13.25 1.10
CA GLU A 8 -3.54 -13.99 0.42
C GLU A 8 -2.81 -13.14 -0.61
N LYS A 9 -3.17 -11.86 -0.70
CA LYS A 9 -2.45 -10.98 -1.61
C LYS A 9 -1.16 -10.53 -0.97
N CYS A 10 -1.14 -10.56 0.36
CA CYS A 10 0.06 -10.24 1.10
C CYS A 10 1.13 -11.27 0.85
N THR A 11 2.34 -10.78 0.66
CA THR A 11 3.46 -11.62 0.35
C THR A 11 3.88 -12.38 1.57
N SER A 12 4.78 -13.32 1.40
CA SER A 12 5.29 -14.09 2.51
C SER A 12 6.17 -13.19 3.40
N ALA A 13 6.50 -12.01 2.88
CA ALA A 13 7.32 -11.07 3.58
C ALA A 13 6.49 -10.16 4.48
N CYS A 14 5.32 -9.74 4.00
CA CYS A 14 4.44 -8.85 4.77
C CYS A 14 3.78 -9.59 5.93
N ARG A 15 3.66 -10.90 5.79
CA ARG A 15 3.05 -11.73 6.83
C ARG A 15 3.99 -11.85 8.02
N SER A 16 5.22 -11.42 7.83
CA SER A 16 6.23 -11.46 8.86
C SER A 16 6.17 -10.18 9.69
N GLU A 17 6.73 -10.25 10.89
CA GLU A 17 6.80 -9.10 11.75
C GLU A 17 8.23 -8.94 12.30
N PRO A 18 8.92 -7.84 11.97
CA PRO A 18 8.36 -6.76 11.15
C PRO A 18 8.25 -7.13 9.69
N CYS A 19 7.68 -6.23 8.91
CA CYS A 19 7.49 -6.43 7.49
C CYS A 19 8.83 -6.66 6.79
N GLN A 20 8.83 -7.57 5.83
CA GLN A 20 10.04 -7.90 5.11
C GLN A 20 9.93 -7.51 3.63
N CYS A 21 8.89 -6.76 3.27
CA CYS A 21 8.67 -6.35 1.88
C CYS A 21 9.52 -5.14 1.49
N GLY A 22 10.60 -4.91 2.25
CA GLY A 22 11.48 -3.79 1.97
C GLY A 22 12.16 -3.93 0.62
N SER A 23 11.75 -3.09 -0.34
CA SER A 23 12.28 -3.12 -1.70
C SER A 23 11.99 -4.45 -2.40
N LYS A 24 11.09 -5.20 -1.83
CA LYS A 24 10.69 -6.48 -2.37
C LYS A 24 9.26 -6.76 -1.96
N CYS A 25 8.33 -6.20 -2.68
CA CYS A 25 6.94 -6.33 -2.36
C CYS A 25 6.09 -6.75 -3.56
N GLN A 26 5.01 -7.46 -3.28
CA GLN A 26 4.08 -7.93 -4.29
C GLN A 26 2.66 -7.99 -3.71
N CYS A 27 2.41 -7.22 -2.65
CA CYS A 27 1.11 -7.22 -1.99
C CYS A 27 0.00 -6.68 -2.89
N GLY A 28 -1.23 -6.81 -2.42
CA GLY A 28 -2.37 -6.39 -3.19
C GLY A 28 -2.77 -4.95 -2.91
N GLU A 29 -3.96 -4.59 -3.35
CA GLU A 29 -4.46 -3.24 -3.19
C GLU A 29 -5.10 -3.06 -1.82
N GLY A 30 -5.55 -4.16 -1.24
CA GLY A 30 -6.19 -4.11 0.05
C GLY A 30 -5.19 -4.31 1.17
N CYS A 31 -4.10 -3.59 1.11
CA CYS A 31 -3.08 -3.66 2.12
C CYS A 31 -2.89 -2.27 2.74
N THR A 32 -2.98 -2.20 4.05
CA THR A 32 -2.86 -0.94 4.76
C THR A 32 -1.54 -0.85 5.53
N CYS A 33 -0.67 -1.81 5.31
CA CYS A 33 0.62 -1.82 5.98
C CYS A 33 1.50 -0.69 5.45
N ALA A 34 1.82 0.25 6.32
CA ALA A 34 2.59 1.43 5.93
C ALA A 34 4.05 1.11 5.63
N ALA A 35 4.45 -0.14 5.86
CA ALA A 35 5.81 -0.55 5.60
C ALA A 35 6.05 -0.74 4.11
N CYS A 36 5.07 -1.33 3.43
CA CYS A 36 5.19 -1.59 2.00
C CYS A 36 4.22 -0.71 1.17
N LYS A 37 3.21 -0.16 1.84
CA LYS A 37 2.24 0.70 1.17
C LYS A 37 2.79 2.11 1.02
N THR A 38 3.03 2.53 -0.21
CA THR A 38 3.58 3.84 -0.49
C THR A 38 2.62 4.67 -1.38
N CYS A 39 2.88 5.97 -1.49
CA CYS A 39 2.07 6.85 -2.31
C CYS A 39 2.90 8.08 -2.72
N ASN A 40 2.67 8.58 -3.92
CA ASN A 40 3.38 9.75 -4.42
C ASN A 40 2.52 11.00 -4.34
N CYS A 41 1.23 10.81 -4.12
CA CYS A 41 0.34 11.93 -3.95
C CYS A 41 0.32 12.27 -2.48
N THR A 42 0.39 13.53 -2.14
CA THR A 42 0.42 13.92 -0.74
C THR A 42 -0.64 14.98 -0.47
N SER A 43 -0.55 15.62 0.69
CA SER A 43 -1.49 16.68 1.07
C SER A 43 -1.43 17.84 0.06
N ASP A 44 -0.37 17.85 -0.75
CA ASP A 44 -0.18 18.86 -1.78
C ASP A 44 -1.24 18.72 -2.87
N GLY A 45 -1.70 17.50 -3.09
CA GLY A 45 -2.70 17.26 -4.08
C GLY A 45 -2.54 15.90 -4.73
N CYS A 46 -3.62 15.40 -5.31
CA CYS A 46 -3.61 14.12 -5.99
C CYS A 46 -3.21 14.34 -7.45
N LYS A 47 -2.33 13.51 -7.98
CA LYS A 47 -1.90 13.67 -9.36
C LYS A 47 -2.05 12.39 -10.18
N CYS A 48 -2.63 11.37 -9.60
CA CYS A 48 -2.83 10.13 -10.34
C CYS A 48 -4.27 10.05 -10.85
N GLY A 49 -5.19 10.63 -10.08
CA GLY A 49 -6.59 10.62 -10.47
C GLY A 49 -7.44 9.75 -9.56
N LYS A 50 -6.86 9.23 -8.50
CA LYS A 50 -7.60 8.39 -7.55
C LYS A 50 -8.16 9.20 -6.41
N GLU A 51 -7.91 10.52 -6.43
CA GLU A 51 -8.40 11.44 -5.40
C GLU A 51 -7.79 11.11 -4.03
N CYS A 52 -6.58 10.58 -4.05
CA CYS A 52 -5.90 10.23 -2.83
C CYS A 52 -4.84 11.26 -2.51
N THR A 53 -4.54 11.42 -1.25
CA THR A 53 -3.51 12.33 -0.83
C THR A 53 -2.72 11.73 0.32
N GLY A 54 -1.80 10.85 -0.02
CA GLY A 54 -0.98 10.20 0.98
C GLY A 54 -1.32 8.73 1.13
N PRO A 55 -0.35 7.89 1.55
CA PRO A 55 -0.53 6.44 1.69
C PRO A 55 -1.73 6.07 2.58
N ASP A 56 -1.98 6.87 3.60
CA ASP A 56 -3.08 6.61 4.54
C ASP A 56 -4.42 6.68 3.85
N SER A 57 -4.55 7.59 2.91
CA SER A 57 -5.80 7.81 2.21
C SER A 57 -5.72 7.27 0.79
N CYS A 58 -4.81 6.33 0.57
CA CYS A 58 -4.61 5.75 -0.74
C CYS A 58 -5.01 4.27 -0.78
N LYS A 59 -5.66 3.85 -1.86
CA LYS A 59 -6.07 2.46 -2.02
C LYS A 59 -5.51 1.88 -3.32
N CYS A 60 -4.60 2.59 -3.93
CA CYS A 60 -4.02 2.16 -5.19
C CYS A 60 -3.00 1.04 -4.95
N GLY A 61 -2.88 0.15 -5.93
CA GLY A 61 -1.91 -0.91 -5.85
C GLY A 61 -0.54 -0.43 -6.26
N SER A 62 0.40 -1.35 -6.43
CA SER A 62 1.76 -0.99 -6.77
C SER A 62 1.95 -0.85 -8.29
N SER A 63 0.84 -0.86 -9.01
CA SER A 63 0.88 -0.74 -10.46
C SER A 63 0.16 0.53 -10.90
N CYS A 64 0.25 1.55 -10.07
CA CYS A 64 -0.41 2.82 -10.35
C CYS A 64 0.62 3.90 -10.67
N SER A 65 0.14 5.02 -11.19
CA SER A 65 1.00 6.14 -11.57
C SER A 65 1.63 6.80 -10.34
N CYS A 66 0.94 6.76 -9.20
CA CYS A 66 1.48 7.36 -7.98
C CYS A 66 2.30 6.35 -7.19
N LYS A 67 2.80 5.34 -7.89
CA LYS A 67 3.59 4.29 -7.27
C LYS A 67 4.92 4.12 -8.00
CD CD B . 0.55 -6.95 2.85
CD CD C . 3.70 -4.88 4.78
CD CD D . 4.00 -5.92 1.08
CD CD E . -1.92 7.21 -3.90
CD CD F . -2.69 6.18 -7.42
CD CD G . -3.56 10.04 -6.39
N GLY A 1 -12.78 -10.36 9.75
CA GLY A 1 -12.42 -9.53 10.94
C GLY A 1 -12.78 -8.07 10.76
N SER A 2 -12.23 -7.22 11.61
CA SER A 2 -12.49 -5.79 11.54
C SER A 2 -11.72 -5.17 10.38
N GLY A 3 -12.45 -4.68 9.39
CA GLY A 3 -11.83 -4.09 8.23
C GLY A 3 -11.71 -5.08 7.10
N LYS A 4 -11.54 -4.58 5.89
CA LYS A 4 -11.41 -5.45 4.71
C LYS A 4 -9.97 -5.47 4.23
N GLY A 5 -9.06 -5.02 5.07
CA GLY A 5 -7.67 -5.03 4.74
C GLY A 5 -7.06 -6.38 4.87
N LYS A 6 -5.92 -6.57 4.24
CA LYS A 6 -5.18 -7.81 4.29
C LYS A 6 -6.01 -8.92 3.64
N GLY A 7 -6.05 -8.89 2.32
CA GLY A 7 -6.80 -9.87 1.59
C GLY A 7 -5.94 -11.02 1.12
N GLU A 8 -6.20 -11.48 -0.10
CA GLU A 8 -5.47 -12.60 -0.66
C GLU A 8 -4.33 -12.14 -1.55
N LYS A 9 -4.06 -10.85 -1.55
CA LYS A 9 -3.00 -10.32 -2.40
C LYS A 9 -1.81 -9.82 -1.59
N CYS A 10 -1.71 -10.25 -0.36
CA CYS A 10 -0.54 -9.92 0.45
C CYS A 10 0.60 -10.86 0.13
N THR A 11 1.80 -10.49 0.49
CA THR A 11 2.96 -11.28 0.20
C THR A 11 3.39 -12.08 1.42
N SER A 12 4.47 -12.80 1.31
CA SER A 12 5.03 -13.53 2.42
C SER A 12 5.85 -12.57 3.27
N ALA A 13 6.40 -11.56 2.60
CA ALA A 13 7.22 -10.55 3.24
C ALA A 13 6.38 -9.64 4.14
N CYS A 14 5.12 -9.45 3.76
CA CYS A 14 4.21 -8.62 4.55
C CYS A 14 3.82 -9.33 5.84
N ARG A 15 3.93 -10.66 5.85
CA ARG A 15 3.61 -11.44 7.03
C ARG A 15 4.81 -11.55 7.95
N SER A 16 5.91 -10.99 7.52
CA SER A 16 7.13 -11.03 8.29
C SER A 16 7.12 -9.97 9.38
N GLU A 17 8.08 -10.06 10.30
CA GLU A 17 8.18 -9.11 11.39
C GLU A 17 9.64 -8.68 11.60
N PRO A 18 10.00 -7.44 11.25
CA PRO A 18 9.06 -6.46 10.65
C PRO A 18 8.75 -6.78 9.20
N CYS A 19 7.89 -5.98 8.58
CA CYS A 19 7.50 -6.18 7.19
C CYS A 19 8.74 -6.14 6.29
N GLN A 20 8.79 -7.04 5.33
CA GLN A 20 9.97 -7.18 4.49
C GLN A 20 9.69 -6.80 3.03
N CYS A 21 8.69 -5.97 2.80
CA CYS A 21 8.37 -5.53 1.45
C CYS A 21 8.99 -4.16 1.18
N GLY A 22 10.13 -3.91 1.81
CA GLY A 22 10.82 -2.65 1.65
C GLY A 22 11.25 -2.38 0.21
N SER A 23 11.95 -3.33 -0.38
CA SER A 23 12.43 -3.17 -1.74
C SER A 23 11.72 -4.14 -2.69
N LYS A 24 10.92 -5.03 -2.13
CA LYS A 24 10.20 -6.01 -2.93
C LYS A 24 8.77 -6.19 -2.41
N CYS A 25 7.86 -5.41 -2.96
CA CYS A 25 6.47 -5.47 -2.55
C CYS A 25 5.57 -5.89 -3.70
N GLN A 26 4.75 -6.89 -3.46
CA GLN A 26 3.81 -7.38 -4.46
C GLN A 26 2.41 -7.42 -3.90
N CYS A 27 2.21 -6.74 -2.78
CA CYS A 27 0.91 -6.69 -2.16
C CYS A 27 -0.06 -5.89 -3.01
N GLY A 28 -1.22 -6.46 -3.21
CA GLY A 28 -2.20 -5.84 -4.06
C GLY A 28 -3.06 -4.82 -3.35
N GLU A 29 -4.14 -4.44 -4.01
CA GLU A 29 -5.11 -3.44 -3.50
C GLU A 29 -5.63 -3.80 -2.10
N GLY A 30 -5.63 -5.09 -1.78
CA GLY A 30 -6.15 -5.53 -0.52
C GLY A 30 -5.11 -5.58 0.59
N CYS A 31 -4.34 -4.52 0.73
CA CYS A 31 -3.36 -4.44 1.79
C CYS A 31 -3.65 -3.24 2.68
N THR A 32 -3.50 -3.43 3.97
CA THR A 32 -3.77 -2.37 4.93
C THR A 32 -2.53 -2.12 5.78
N CYS A 33 -1.40 -2.57 5.28
CA CYS A 33 -0.16 -2.42 5.99
C CYS A 33 0.56 -1.15 5.55
N ALA A 34 0.67 -0.19 6.46
CA ALA A 34 1.32 1.08 6.17
C ALA A 34 2.84 0.92 6.04
N ALA A 35 3.34 -0.28 6.29
CA ALA A 35 4.76 -0.55 6.20
C ALA A 35 5.20 -0.71 4.75
N CYS A 36 4.40 -1.40 3.96
CA CYS A 36 4.74 -1.63 2.57
C CYS A 36 3.90 -0.78 1.62
N LYS A 37 2.82 -0.22 2.13
CA LYS A 37 1.92 0.60 1.35
C LYS A 37 2.41 2.05 1.32
N THR A 38 3.02 2.45 0.22
CA THR A 38 3.53 3.79 0.05
C THR A 38 2.66 4.58 -0.95
N CYS A 39 2.99 5.84 -1.17
CA CYS A 39 2.25 6.67 -2.10
C CYS A 39 3.14 7.82 -2.59
N ASN A 40 2.90 8.26 -3.81
CA ASN A 40 3.70 9.34 -4.41
C ASN A 40 2.93 10.65 -4.47
N CYS A 41 1.62 10.57 -4.36
CA CYS A 41 0.82 11.76 -4.34
C CYS A 41 0.96 12.44 -2.99
N THR A 42 1.10 13.74 -2.98
CA THR A 42 1.37 14.45 -1.76
C THR A 42 0.10 14.96 -1.11
N SER A 43 0.23 15.46 0.11
CA SER A 43 -0.90 15.97 0.88
C SER A 43 -1.44 17.27 0.27
N ASP A 44 -0.76 17.75 -0.76
CA ASP A 44 -1.17 18.97 -1.45
C ASP A 44 -2.23 18.67 -2.50
N GLY A 45 -2.16 17.49 -3.09
CA GLY A 45 -3.11 17.11 -4.10
C GLY A 45 -2.75 15.81 -4.77
N CYS A 46 -3.75 15.16 -5.35
CA CYS A 46 -3.57 13.90 -6.03
C CYS A 46 -2.90 14.11 -7.38
N LYS A 47 -2.00 13.20 -7.75
CA LYS A 47 -1.28 13.32 -9.00
C LYS A 47 -1.59 12.18 -9.95
N CYS A 48 -2.13 11.08 -9.41
CA CYS A 48 -2.43 9.92 -10.25
C CYS A 48 -3.88 9.97 -10.73
N GLY A 49 -4.76 10.51 -9.90
CA GLY A 49 -6.17 10.60 -10.26
C GLY A 49 -7.05 9.73 -9.37
N LYS A 50 -6.45 9.10 -8.37
CA LYS A 50 -7.18 8.23 -7.46
C LYS A 50 -7.67 8.99 -6.25
N GLU A 51 -7.55 10.31 -6.31
CA GLU A 51 -8.04 11.22 -5.27
C GLU A 51 -7.31 10.98 -3.93
N CYS A 52 -6.12 10.45 -4.01
CA CYS A 52 -5.32 10.19 -2.83
C CYS A 52 -4.26 11.25 -2.66
N THR A 53 -3.97 11.59 -1.43
CA THR A 53 -2.97 12.58 -1.14
C THR A 53 -2.04 12.08 -0.04
N GLY A 54 -1.50 10.89 -0.24
CA GLY A 54 -0.63 10.28 0.75
C GLY A 54 -1.02 8.84 1.03
N PRO A 55 -0.10 8.04 1.61
CA PRO A 55 -0.33 6.60 1.86
C PRO A 55 -1.62 6.29 2.64
N ASP A 56 -1.93 7.10 3.64
CA ASP A 56 -3.14 6.88 4.44
C ASP A 56 -4.39 7.27 3.67
N SER A 57 -4.22 8.14 2.70
CA SER A 57 -5.32 8.59 1.87
C SER A 57 -5.37 7.77 0.59
N CYS A 58 -4.44 6.85 0.46
CA CYS A 58 -4.30 6.04 -0.72
C CYS A 58 -4.96 4.68 -0.53
N LYS A 59 -5.48 4.14 -1.61
CA LYS A 59 -6.08 2.82 -1.61
C LYS A 59 -5.65 2.08 -2.87
N CYS A 60 -4.69 2.66 -3.56
CA CYS A 60 -4.16 2.09 -4.78
C CYS A 60 -3.15 1.00 -4.45
N GLY A 61 -3.16 -0.06 -5.23
CA GLY A 61 -2.20 -1.12 -5.02
C GLY A 61 -0.79 -0.66 -5.34
N SER A 62 0.20 -1.45 -4.94
CA SER A 62 1.59 -1.11 -5.15
C SER A 62 1.99 -1.16 -6.64
N SER A 63 1.02 -1.37 -7.51
CA SER A 63 1.27 -1.44 -8.93
C SER A 63 0.69 -0.20 -9.65
N CYS A 64 0.18 0.76 -8.89
CA CYS A 64 -0.40 1.97 -9.46
C CYS A 64 0.70 2.94 -9.92
N SER A 65 0.28 3.97 -10.66
CA SER A 65 1.20 4.96 -11.19
C SER A 65 1.87 5.77 -10.07
N CYS A 66 1.20 5.92 -8.94
CA CYS A 66 1.74 6.67 -7.82
C CYS A 66 2.54 5.75 -6.88
N LYS A 67 3.06 4.66 -7.43
CA LYS A 67 3.83 3.70 -6.65
C LYS A 67 5.24 3.54 -7.19
CD CD B . 0.27 -6.88 2.57
CD CD C . 3.07 -5.09 4.85
CD CD D . 3.72 -5.59 0.86
CD CD E . -1.74 6.92 -3.90
CD CD F . -2.59 5.81 -7.31
CD CD G . -3.26 9.73 -6.59
#